data_2C9G
#
_entry.id   2C9G
#
_cell.length_a   1.0
_cell.length_b   1.0
_cell.length_c   1.0
_cell.angle_alpha   90.0
_cell.angle_beta   90.0
_cell.angle_gamma   90.0
#
_symmetry.space_group_name_H-M   'P 1'
#
_entity_poly.entity_id   1
_entity_poly.type   'polypeptide(L)'
_entity_poly.pdbx_seq_one_letter_code
;TGGRNSIRYSELAPLFDTTRVYLVDNKSTDVASLNYQNDHSNFLTTVIQNNDYSPGEASTQTINLDDRSHWGGDLKTILH
TNMPNVNEFMFTNKFKARVMVSRSLTKDKQVELKYEWVEFTLPEGNYSETMTIDLMNNAIVEHYLKVGRQNGVLESDIGV
KFDTRNFRLGFDPVTGLVMPGVYTNEAFHPDIILLPGCGVDFTHSRLSNLLGIRKRQPFQEGFRITYDDLEGGNIPALLD
VDAYQASLKDDTEQGGDGAGGGNNSGSGAEENSNAAAAAMQPVEDMNDHAIRGDTFATRAEEKRAEAEAAAEAAAPAAQP
EVEKPQKKPVIKPLTEDSKKRSYNLISNDSTFTQYRSWYLAYNYGDPQTGIRSWTLLCTPDVTCGSEQVYWSLPDMMQDP
VTFRSTSQISNFPVVGAELLPVHSKSFYNDQAVYSQLIRQFTSLTHVFNRFPENQILARPPAPTITTVSENVPALTDHGT
LPLRNSIGGVQRVTITDARRRTCPYVYKALGIVSPRVLSSRTF
;
_entity_poly.pdbx_strand_id   A,B,C,D,E
#
# COMPACT_ATOMS: atom_id res chain seq x y z
N THR A 1 14.66 38.43 24.90
CA THR A 1 15.56 37.33 25.35
C THR A 1 16.50 37.73 26.53
N GLY A 2 17.61 38.40 26.24
CA GLY A 2 18.54 38.83 27.29
C GLY A 2 18.48 38.16 28.68
N GLY A 3 17.80 38.79 29.64
CA GLY A 3 17.70 38.21 30.98
C GLY A 3 16.47 37.32 31.16
N ARG A 4 15.60 37.35 30.16
CA ARG A 4 14.35 36.62 30.16
C ARG A 4 14.41 35.12 29.81
N ASN A 5 15.58 34.56 29.51
CA ASN A 5 15.64 33.14 29.15
C ASN A 5 15.61 32.20 30.32
N SER A 6 16.71 32.15 31.04
CA SER A 6 16.84 31.28 32.20
C SER A 6 15.69 30.30 32.46
N ILE A 7 15.98 29.02 32.30
CA ILE A 7 15.05 27.96 32.58
C ILE A 7 15.76 27.30 33.74
N ARG A 8 15.20 27.39 34.94
CA ARG A 8 15.88 26.87 36.10
C ARG A 8 15.23 25.70 36.79
N TYR A 9 16.07 24.92 37.46
CA TYR A 9 15.65 23.75 38.22
C TYR A 9 16.40 23.82 39.55
N SER A 10 16.05 22.97 40.53
CA SER A 10 16.78 23.00 41.81
C SER A 10 18.27 22.80 41.55
N GLU A 11 19.10 23.69 42.10
CA GLU A 11 20.54 23.55 41.99
C GLU A 11 21.20 22.94 40.72
N LEU A 12 20.47 22.23 39.87
CA LEU A 12 21.10 21.63 38.71
C LEU A 12 21.75 22.58 37.70
N ALA A 13 21.68 23.87 37.94
CA ALA A 13 22.25 24.89 37.03
C ALA A 13 21.30 25.49 35.99
N PRO A 14 21.64 26.67 35.44
CA PRO A 14 20.92 27.46 34.46
C PRO A 14 20.99 26.81 33.09
N LEU A 15 19.84 26.71 32.45
CA LEU A 15 19.77 26.18 31.11
C LEU A 15 19.21 27.40 30.39
N PHE A 16 19.67 27.70 29.18
CA PHE A 16 19.17 28.89 28.47
C PHE A 16 18.47 28.65 27.15
N ASP A 17 17.32 29.30 26.99
CA ASP A 17 16.44 29.19 25.83
C ASP A 17 15.80 27.82 25.75
N THR A 18 14.95 27.60 24.75
CA THR A 18 14.27 26.31 24.60
C THR A 18 15.07 25.09 25.06
N THR A 19 14.37 24.10 25.60
CA THR A 19 14.94 22.84 26.06
C THR A 19 13.84 21.80 25.84
N ARG A 20 13.79 20.75 26.65
CA ARG A 20 12.75 19.75 26.44
C ARG A 20 12.26 19.04 27.68
N VAL A 21 10.96 19.02 27.90
CA VAL A 21 10.41 18.32 29.03
C VAL A 21 9.68 17.14 28.43
N TYR A 22 9.69 15.98 29.10
CA TYR A 22 9.01 14.82 28.53
C TYR A 22 7.85 14.21 29.31
N LEU A 23 6.73 14.02 28.61
CA LEU A 23 5.54 13.45 29.18
C LEU A 23 5.46 11.99 28.73
N VAL A 24 5.84 11.06 29.60
CA VAL A 24 5.81 9.64 29.25
C VAL A 24 5.15 8.75 30.30
N ASP A 25 4.44 7.73 29.81
CA ASP A 25 3.71 6.78 30.65
C ASP A 25 4.54 5.59 31.11
N ASN A 26 5.18 4.94 30.15
CA ASN A 26 6.00 3.76 30.38
C ASN A 26 7.14 3.94 31.39
N LYS A 27 7.25 5.12 32.01
CA LYS A 27 8.32 5.36 32.98
C LYS A 27 8.06 4.46 34.20
N SER A 28 8.98 3.53 34.42
CA SER A 28 8.91 2.52 35.47
C SER A 28 8.65 2.92 36.92
N THR A 29 9.41 3.87 37.43
CA THR A 29 9.22 4.28 38.81
C THR A 29 7.81 4.82 39.04
N ASP A 30 7.31 5.57 38.04
CA ASP A 30 5.98 6.20 38.09
C ASP A 30 4.84 5.23 38.26
N VAL A 31 4.72 4.32 37.30
CA VAL A 31 3.67 3.31 37.28
C VAL A 31 3.36 2.80 38.68
N ALA A 32 4.28 1.99 39.18
CA ALA A 32 4.17 1.39 40.48
C ALA A 32 3.59 2.33 41.54
N SER A 33 4.08 3.56 41.59
CA SER A 33 3.66 4.51 42.61
C SER A 33 2.50 5.48 42.37
N LEU A 34 2.28 5.92 41.14
CA LEU A 34 1.21 6.90 40.94
C LEU A 34 -0.05 6.47 40.22
N ASN A 35 0.10 6.12 38.95
CA ASN A 35 -1.04 5.75 38.15
C ASN A 35 -1.33 4.26 38.16
N TYR A 36 -1.37 3.66 39.35
CA TYR A 36 -1.66 2.24 39.47
C TYR A 36 -3.09 1.98 38.99
N GLN A 37 -4.02 2.72 39.56
CA GLN A 37 -5.42 2.57 39.23
C GLN A 37 -5.86 3.24 37.93
N ASN A 38 -4.94 3.92 37.26
CA ASN A 38 -5.30 4.60 36.01
C ASN A 38 -4.95 3.80 34.78
N ASP A 39 -5.22 4.39 33.62
CA ASP A 39 -4.93 3.75 32.34
C ASP A 39 -4.30 4.74 31.37
N HIS A 40 -3.75 4.20 30.29
CA HIS A 40 -3.09 5.02 29.31
C HIS A 40 -3.79 6.27 28.80
N SER A 41 -5.08 6.36 28.99
CA SER A 41 -5.78 7.53 28.48
C SER A 41 -5.97 8.60 29.54
N ASN A 42 -5.37 8.39 30.71
CA ASN A 42 -5.51 9.36 31.79
C ASN A 42 -4.57 8.96 32.92
N PHE A 43 -3.34 9.43 32.85
CA PHE A 43 -2.32 9.06 33.83
C PHE A 43 -1.51 10.20 34.37
N LEU A 44 -0.62 9.87 35.30
CA LEU A 44 0.24 10.87 35.88
C LEU A 44 1.65 10.55 35.50
N THR A 45 2.46 11.57 35.32
CA THR A 45 3.86 11.37 34.98
C THR A 45 4.69 12.31 35.78
N THR A 46 5.88 11.87 36.10
CA THR A 46 6.81 12.72 36.80
C THR A 46 7.58 13.29 35.62
N VAL A 47 7.61 14.60 35.49
CA VAL A 47 8.30 15.26 34.39
C VAL A 47 9.77 15.54 34.76
N ILE A 48 10.06 15.40 36.06
CA ILE A 48 11.41 15.57 36.57
C ILE A 48 12.16 14.28 36.26
N GLN A 49 13.06 14.33 35.30
CA GLN A 49 13.81 13.13 34.94
C GLN A 49 15.11 12.98 35.73
N ASN A 50 15.08 13.33 37.01
CA ASN A 50 16.30 13.22 37.82
C ASN A 50 16.33 11.97 38.67
N ASN A 51 17.24 11.11 38.28
CA ASN A 51 17.50 9.83 38.90
C ASN A 51 17.47 9.75 40.43
N ASP A 52 17.88 10.82 41.12
CA ASP A 52 17.96 10.78 42.58
C ASP A 52 16.75 11.10 43.43
N TYR A 53 15.59 11.42 42.88
CA TYR A 53 14.52 11.73 43.81
C TYR A 53 13.32 10.81 43.74
N SER A 54 12.63 10.65 44.86
CA SER A 54 11.42 9.80 44.93
C SER A 54 10.46 10.39 43.92
N PRO A 55 9.42 9.65 43.53
CA PRO A 55 8.52 10.25 42.57
C PRO A 55 7.77 11.27 43.39
N GLY A 56 7.36 10.84 44.58
CA GLY A 56 6.65 11.74 45.46
C GLY A 56 7.49 12.99 45.65
N GLU A 57 8.68 12.82 46.18
CA GLU A 57 9.55 13.95 46.40
C GLU A 57 9.66 14.86 45.18
N ALA A 58 9.82 14.26 44.00
CA ALA A 58 9.94 15.03 42.77
C ALA A 58 8.72 15.89 42.57
N SER A 59 7.56 15.32 42.87
CA SER A 59 6.30 16.01 42.70
C SER A 59 6.33 17.35 43.39
N THR A 60 7.36 17.59 44.18
CA THR A 60 7.50 18.86 44.88
C THR A 60 8.26 19.86 44.04
N GLN A 61 9.46 19.45 43.62
CA GLN A 61 10.32 20.29 42.80
C GLN A 61 9.61 20.84 41.60
N THR A 62 10.19 21.85 40.96
CA THR A 62 9.57 22.46 39.79
C THR A 62 10.52 23.02 38.76
N ILE A 63 10.07 22.99 37.52
CA ILE A 63 10.84 23.53 36.43
C ILE A 63 10.34 24.95 36.36
N ASN A 64 11.25 25.92 36.41
CA ASN A 64 10.84 27.32 36.36
C ASN A 64 11.23 28.01 35.10
N LEU A 65 10.29 28.27 34.22
CA LEU A 65 10.61 29.01 33.01
C LEU A 65 10.76 30.42 33.54
N ASP A 66 11.69 31.19 33.00
CA ASP A 66 11.88 32.52 33.56
C ASP A 66 10.60 33.29 33.69
N ASP A 67 10.53 33.97 34.82
CA ASP A 67 9.39 34.77 35.20
C ASP A 67 9.13 35.98 34.34
N ARG A 68 10.20 36.65 33.93
CA ARG A 68 10.06 37.85 33.14
C ARG A 68 9.48 37.70 31.75
N SER A 69 9.25 36.47 31.29
CA SER A 69 8.70 36.32 29.94
C SER A 69 7.54 35.37 29.87
N HIS A 70 6.63 35.60 28.91
CA HIS A 70 5.50 34.70 28.73
C HIS A 70 6.11 33.60 27.87
N TRP A 71 6.01 32.35 28.31
CA TRP A 71 6.60 31.28 27.52
C TRP A 71 5.60 30.47 26.75
N GLY A 72 6.11 29.69 25.81
CA GLY A 72 5.25 28.84 25.02
C GLY A 72 6.04 27.57 24.73
N GLY A 73 5.37 26.48 24.40
CA GLY A 73 6.05 25.24 24.11
C GLY A 73 5.48 24.56 22.89
N ASP A 74 6.28 23.76 22.20
CA ASP A 74 5.80 23.05 21.04
C ASP A 74 5.43 21.68 21.53
N LEU A 75 4.21 21.27 21.22
CA LEU A 75 3.74 20.00 21.68
C LEU A 75 3.61 18.98 20.58
N LYS A 76 4.53 18.04 20.54
CA LYS A 76 4.46 17.01 19.53
C LYS A 76 4.02 15.80 20.30
N THR A 77 3.25 14.93 19.67
CA THR A 77 2.79 13.79 20.39
C THR A 77 2.68 12.53 19.57
N ILE A 78 2.77 11.40 20.25
CA ILE A 78 2.70 10.10 19.59
C ILE A 78 1.55 9.35 20.19
N LEU A 79 0.48 9.18 19.44
CA LEU A 79 -0.66 8.45 19.97
C LEU A 79 -0.82 7.15 19.24
N HIS A 80 -1.08 6.07 19.97
CA HIS A 80 -1.25 4.76 19.36
C HIS A 80 -2.34 3.95 20.02
N THR A 81 -3.35 3.59 19.25
CA THR A 81 -4.46 2.81 19.80
C THR A 81 -4.51 1.40 19.29
N ASN A 82 -5.69 0.79 19.41
CA ASN A 82 -5.89 -0.59 19.00
C ASN A 82 -7.36 -0.95 19.17
N MET A 83 -8.21 0.06 19.07
CA MET A 83 -9.64 -0.13 19.21
C MET A 83 -10.12 -1.03 18.06
N PRO A 84 -11.07 -1.92 18.33
CA PRO A 84 -11.60 -2.84 17.31
C PRO A 84 -12.74 -2.22 16.53
N ASN A 85 -13.06 -2.85 15.42
CA ASN A 85 -14.13 -2.42 14.54
C ASN A 85 -15.42 -2.19 15.34
N VAL A 86 -16.01 -3.30 15.79
CA VAL A 86 -17.24 -3.25 16.57
C VAL A 86 -16.95 -3.42 18.05
N ASN A 87 -17.67 -2.67 18.86
CA ASN A 87 -17.53 -2.76 20.30
C ASN A 87 -18.52 -1.88 21.03
N GLU A 88 -18.70 -2.18 22.29
CA GLU A 88 -19.60 -1.42 23.14
C GLU A 88 -18.73 -0.31 23.68
N PHE A 89 -18.91 0.89 23.15
CA PHE A 89 -18.18 2.03 23.63
C PHE A 89 -18.38 2.94 22.50
N MET A 90 -18.06 2.44 21.32
CA MET A 90 -18.22 3.25 20.14
C MET A 90 -19.60 3.01 19.57
N PHE A 91 -20.38 2.23 20.29
CA PHE A 91 -21.74 1.90 19.88
C PHE A 91 -21.72 1.28 18.49
N THR A 92 -21.05 0.14 18.37
CA THR A 92 -20.99 -0.54 17.10
C THR A 92 -21.30 -2.01 17.34
N ASN A 93 -21.88 -2.30 18.49
CA ASN A 93 -22.21 -3.67 18.82
C ASN A 93 -23.68 -3.80 19.14
N LYS A 94 -24.45 -2.76 18.86
CA LYS A 94 -25.88 -2.83 19.14
C LYS A 94 -26.65 -2.17 18.02
N PHE A 95 -27.90 -2.58 17.86
CA PHE A 95 -28.74 -1.99 16.83
C PHE A 95 -30.13 -2.57 16.98
N LYS A 96 -31.10 -1.67 17.06
CA LYS A 96 -32.48 -2.08 17.23
C LYS A 96 -33.15 -2.34 15.89
N ALA A 97 -33.89 -3.43 15.84
CA ALA A 97 -34.62 -3.83 14.65
C ALA A 97 -35.96 -4.35 15.14
N ARG A 98 -36.98 -4.25 14.28
CA ARG A 98 -38.31 -4.73 14.60
C ARG A 98 -38.60 -5.99 13.81
N VAL A 99 -38.87 -7.09 14.49
CA VAL A 99 -39.12 -8.35 13.78
C VAL A 99 -40.40 -9.05 14.15
N MET A 100 -40.71 -10.12 13.42
CA MET A 100 -41.90 -10.90 13.72
C MET A 100 -41.53 -11.74 14.93
N VAL A 101 -42.43 -11.79 15.90
CA VAL A 101 -42.16 -12.52 17.12
C VAL A 101 -43.27 -13.50 17.48
N SER A 102 -44.38 -13.46 16.73
CA SER A 102 -45.50 -14.35 17.00
C SER A 102 -46.48 -14.49 15.86
N ARG A 103 -46.93 -15.72 15.63
CA ARG A 103 -47.86 -15.99 14.56
C ARG A 103 -48.84 -17.07 15.01
N SER A 104 -50.07 -16.68 15.28
CA SER A 104 -51.10 -17.63 15.72
C SER A 104 -52.44 -17.27 15.07
N LEU A 105 -53.25 -18.32 14.80
CA LEU A 105 -54.57 -18.21 14.15
C LEU A 105 -55.58 -17.61 15.16
N THR A 106 -55.74 -16.29 15.14
CA THR A 106 -56.64 -15.69 16.13
C THR A 106 -57.98 -16.41 16.30
N LYS A 107 -58.56 -16.16 17.47
CA LYS A 107 -59.84 -16.70 17.97
C LYS A 107 -60.99 -16.97 17.01
N ASP A 108 -61.19 -16.16 15.96
CA ASP A 108 -62.32 -16.45 15.09
C ASP A 108 -61.93 -17.36 13.91
N LYS A 109 -61.11 -16.83 13.00
CA LYS A 109 -60.63 -17.56 11.82
C LYS A 109 -59.64 -16.65 11.09
N GLN A 110 -59.57 -15.41 11.57
CA GLN A 110 -58.65 -14.41 11.05
C GLN A 110 -57.39 -14.66 11.81
N VAL A 111 -56.32 -13.99 11.41
CA VAL A 111 -55.09 -14.29 12.06
C VAL A 111 -54.41 -13.10 12.72
N GLU A 112 -53.42 -13.45 13.52
CA GLU A 112 -52.70 -12.45 14.26
C GLU A 112 -51.21 -12.51 14.04
N LEU A 113 -50.66 -11.34 13.78
CA LEU A 113 -49.26 -11.15 13.57
C LEU A 113 -48.87 -10.00 14.47
N LYS A 114 -48.07 -10.31 15.49
CA LYS A 114 -47.60 -9.28 16.40
C LYS A 114 -46.11 -9.15 16.20
N TYR A 115 -45.64 -7.89 16.17
CA TYR A 115 -44.24 -7.61 15.96
C TYR A 115 -43.69 -6.85 17.17
N GLU A 116 -42.37 -6.81 17.29
CA GLU A 116 -41.77 -6.11 18.41
C GLU A 116 -40.33 -5.68 18.08
N TRP A 117 -39.84 -4.65 18.78
CA TRP A 117 -38.49 -4.14 18.60
C TRP A 117 -37.60 -4.81 19.60
N VAL A 118 -36.48 -5.31 19.13
CA VAL A 118 -35.57 -6.04 19.97
C VAL A 118 -34.21 -5.53 19.66
N GLU A 119 -33.34 -5.52 20.66
CA GLU A 119 -32.00 -5.03 20.46
C GLU A 119 -31.07 -6.21 20.32
N PHE A 120 -30.34 -6.28 19.22
CA PHE A 120 -29.46 -7.40 19.07
C PHE A 120 -28.08 -6.90 19.26
N THR A 121 -27.24 -7.71 19.88
CA THR A 121 -25.87 -7.31 20.11
C THR A 121 -24.86 -8.27 19.49
N LEU A 122 -23.76 -7.72 18.99
CA LEU A 122 -22.73 -8.54 18.39
C LEU A 122 -21.65 -8.92 19.35
N PRO A 123 -20.93 -9.99 19.03
CA PRO A 123 -19.83 -10.41 19.88
C PRO A 123 -18.75 -9.39 19.56
N GLU A 124 -18.16 -8.76 20.57
CA GLU A 124 -17.14 -7.77 20.28
C GLU A 124 -15.97 -8.35 19.49
N GLY A 125 -15.40 -7.55 18.59
CA GLY A 125 -14.28 -8.04 17.80
C GLY A 125 -14.01 -7.10 16.64
N ASN A 126 -12.91 -7.30 15.94
CA ASN A 126 -12.58 -6.45 14.79
C ASN A 126 -12.97 -7.23 13.55
N TYR A 127 -13.89 -6.68 12.76
CA TYR A 127 -14.34 -7.38 11.58
C TYR A 127 -14.09 -6.77 10.23
N SER A 128 -14.71 -7.42 9.26
CA SER A 128 -14.64 -7.04 7.88
C SER A 128 -15.84 -6.19 7.62
N GLU A 129 -15.91 -5.66 6.42
CA GLU A 129 -17.01 -4.84 6.03
C GLU A 129 -18.21 -5.74 5.90
N THR A 130 -17.93 -6.95 5.41
CA THR A 130 -18.96 -7.95 5.18
C THR A 130 -19.29 -8.77 6.40
N MET A 131 -18.34 -9.57 6.85
CA MET A 131 -18.56 -10.43 7.99
C MET A 131 -19.33 -9.72 9.09
N THR A 132 -19.24 -8.40 9.11
CA THR A 132 -19.98 -7.64 10.10
C THR A 132 -21.43 -7.81 9.74
N ILE A 133 -21.78 -7.45 8.51
CA ILE A 133 -23.14 -7.61 8.02
C ILE A 133 -23.62 -8.97 8.50
N ASP A 134 -22.95 -10.01 8.02
CA ASP A 134 -23.27 -11.39 8.36
C ASP A 134 -23.57 -11.53 9.84
N LEU A 135 -22.65 -11.04 10.67
CA LEU A 135 -22.85 -11.13 12.11
C LEU A 135 -24.21 -10.58 12.51
N MET A 136 -24.65 -9.54 11.81
CA MET A 136 -25.95 -8.90 12.09
C MET A 136 -27.08 -9.81 11.65
N ASN A 137 -27.02 -10.30 10.41
CA ASN A 137 -28.06 -11.19 9.94
C ASN A 137 -28.17 -12.36 10.90
N ASN A 138 -27.02 -12.92 11.28
CA ASN A 138 -27.02 -14.03 12.22
C ASN A 138 -27.74 -13.62 13.50
N ALA A 139 -27.34 -12.48 14.06
CA ALA A 139 -27.97 -12.02 15.29
C ALA A 139 -29.49 -11.88 15.15
N ILE A 140 -29.98 -11.76 13.92
CA ILE A 140 -31.43 -11.65 13.68
C ILE A 140 -32.01 -13.05 13.83
N VAL A 141 -31.35 -13.99 13.17
CA VAL A 141 -31.73 -15.40 13.20
C VAL A 141 -31.70 -15.95 14.61
N GLU A 142 -30.53 -15.81 15.24
CA GLU A 142 -30.32 -16.29 16.59
C GLU A 142 -31.49 -15.94 17.48
N HIS A 143 -32.17 -14.84 17.15
CA HIS A 143 -33.32 -14.43 17.93
C HIS A 143 -34.53 -15.21 17.47
N TYR A 144 -34.70 -15.34 16.17
CA TYR A 144 -35.82 -16.09 15.62
C TYR A 144 -35.87 -17.46 16.30
N LEU A 145 -34.72 -17.96 16.73
CA LEU A 145 -34.69 -19.25 17.40
C LEU A 145 -35.19 -19.16 18.82
N LYS A 146 -34.55 -18.34 19.63
CA LYS A 146 -34.99 -18.24 21.02
C LYS A 146 -36.46 -17.83 21.13
N VAL A 147 -37.03 -17.31 20.05
CA VAL A 147 -38.43 -16.88 20.11
C VAL A 147 -39.27 -17.19 18.88
N GLY A 148 -39.04 -16.41 17.82
CA GLY A 148 -39.78 -16.57 16.59
C GLY A 148 -40.45 -17.91 16.30
N ARG A 149 -39.69 -18.83 15.67
CA ARG A 149 -40.20 -20.15 15.29
C ARG A 149 -41.15 -20.76 16.29
N GLN A 150 -40.68 -20.93 17.51
CA GLN A 150 -41.46 -21.53 18.58
C GLN A 150 -42.66 -20.68 18.96
N ASN A 151 -43.32 -20.13 17.95
CA ASN A 151 -44.51 -19.31 18.13
C ASN A 151 -45.15 -19.04 16.77
N GLY A 152 -45.18 -20.08 15.95
CA GLY A 152 -45.77 -19.99 14.62
C GLY A 152 -45.08 -19.16 13.57
N VAL A 153 -43.83 -18.78 13.81
CA VAL A 153 -43.12 -17.96 12.85
C VAL A 153 -42.26 -18.81 11.93
N LEU A 154 -42.52 -18.74 10.63
CA LEU A 154 -41.76 -19.52 9.66
C LEU A 154 -40.68 -18.69 9.03
N GLU A 155 -39.49 -19.25 8.91
CA GLU A 155 -38.40 -18.53 8.27
C GLU A 155 -38.96 -17.82 7.04
N SER A 156 -39.92 -18.47 6.39
CA SER A 156 -40.56 -17.93 5.21
C SER A 156 -41.13 -16.51 5.45
N ASP A 157 -40.90 -15.98 6.65
CA ASP A 157 -41.39 -14.65 6.96
C ASP A 157 -40.55 -13.86 7.95
N ILE A 158 -39.26 -14.17 8.03
CA ILE A 158 -38.40 -13.42 8.92
C ILE A 158 -38.33 -12.02 8.30
N GLY A 159 -38.68 -11.02 9.11
CA GLY A 159 -38.75 -9.62 8.70
C GLY A 159 -37.58 -8.75 8.19
N VAL A 160 -36.36 -8.88 8.73
CA VAL A 160 -35.21 -8.06 8.29
C VAL A 160 -33.98 -8.83 7.86
N LYS A 161 -33.39 -8.35 6.79
CA LYS A 161 -32.18 -8.94 6.24
C LYS A 161 -31.30 -7.87 5.66
N PHE A 162 -29.99 -7.99 5.90
CA PHE A 162 -29.03 -7.03 5.38
C PHE A 162 -28.31 -7.82 4.31
N ASP A 163 -28.48 -7.46 3.05
CA ASP A 163 -27.90 -8.23 1.96
C ASP A 163 -26.94 -7.27 1.26
N THR A 164 -26.82 -7.30 -0.07
CA THR A 164 -25.90 -6.40 -0.78
C THR A 164 -26.04 -6.41 -2.29
N ARG A 165 -27.13 -6.93 -2.84
CA ARG A 165 -27.24 -6.95 -4.29
C ARG A 165 -28.40 -6.13 -4.81
N ASN A 166 -28.34 -5.85 -6.11
CA ASN A 166 -29.36 -5.08 -6.78
C ASN A 166 -30.44 -6.05 -7.17
N PHE A 167 -31.42 -6.19 -6.29
CA PHE A 167 -32.49 -7.14 -6.53
C PHE A 167 -33.38 -6.85 -7.71
N ARG A 168 -32.81 -6.46 -8.83
CA ARG A 168 -33.65 -6.23 -10.00
C ARG A 168 -32.85 -5.90 -11.23
N LEU A 169 -31.84 -6.72 -11.44
CA LEU A 169 -31.00 -6.54 -12.60
C LEU A 169 -31.57 -7.34 -13.76
N GLY A 170 -31.85 -8.63 -13.52
CA GLY A 170 -32.40 -9.47 -14.56
C GLY A 170 -33.78 -9.01 -15.04
N PHE A 171 -34.44 -8.21 -14.22
CA PHE A 171 -35.77 -7.72 -14.52
C PHE A 171 -36.02 -7.37 -15.98
N ASP A 172 -37.19 -7.78 -16.46
CA ASP A 172 -37.62 -7.54 -17.83
C ASP A 172 -38.84 -6.61 -17.81
N PRO A 173 -38.69 -5.44 -18.42
CA PRO A 173 -39.72 -4.39 -18.50
C PRO A 173 -41.14 -4.83 -18.80
N VAL A 174 -41.29 -5.91 -19.58
CA VAL A 174 -42.62 -6.37 -19.95
C VAL A 174 -43.14 -7.55 -19.15
N THR A 175 -42.34 -8.60 -19.02
CA THR A 175 -42.76 -9.77 -18.27
C THR A 175 -42.97 -9.42 -16.81
N GLY A 176 -42.39 -8.30 -16.37
CA GLY A 176 -42.49 -7.89 -14.98
C GLY A 176 -41.78 -8.86 -14.06
N LEU A 177 -40.76 -9.54 -14.59
CA LEU A 177 -40.01 -10.51 -13.81
C LEU A 177 -38.51 -10.55 -14.00
N VAL A 178 -37.84 -11.14 -13.03
CA VAL A 178 -36.40 -11.27 -13.08
C VAL A 178 -36.15 -12.51 -13.94
N MET A 179 -36.33 -12.35 -15.24
CA MET A 179 -36.19 -13.43 -16.20
C MET A 179 -35.27 -14.60 -15.92
N PRO A 180 -33.98 -14.36 -15.70
CA PRO A 180 -33.05 -15.47 -15.43
C PRO A 180 -33.44 -16.39 -14.28
N GLY A 181 -34.56 -16.11 -13.63
CA GLY A 181 -35.03 -16.93 -12.53
C GLY A 181 -34.16 -16.91 -11.29
N VAL A 182 -33.16 -16.03 -11.28
CA VAL A 182 -32.25 -15.90 -10.15
C VAL A 182 -31.79 -14.46 -9.98
N TYR A 183 -31.95 -13.89 -8.79
CA TYR A 183 -31.49 -12.53 -8.57
C TYR A 183 -29.97 -12.58 -8.72
N THR A 184 -29.47 -11.94 -9.77
CA THR A 184 -28.03 -11.90 -10.05
C THR A 184 -27.24 -11.47 -8.82
N ASN A 185 -26.61 -12.44 -8.15
CA ASN A 185 -25.87 -12.23 -6.91
C ASN A 185 -24.57 -11.40 -6.88
N GLU A 186 -24.52 -10.28 -7.58
CA GLU A 186 -23.32 -9.47 -7.53
C GLU A 186 -23.49 -8.41 -6.45
N ALA A 187 -22.40 -8.05 -5.77
CA ALA A 187 -22.46 -7.06 -4.71
C ALA A 187 -22.47 -5.60 -5.17
N PHE A 188 -23.41 -4.80 -4.68
CA PHE A 188 -23.51 -3.38 -5.03
C PHE A 188 -23.97 -2.58 -3.81
N HIS A 189 -23.11 -2.35 -2.83
CA HIS A 189 -23.49 -1.59 -1.63
C HIS A 189 -24.44 -2.29 -0.63
N PRO A 190 -24.15 -2.20 0.67
CA PRO A 190 -24.93 -2.81 1.75
C PRO A 190 -26.34 -2.42 1.52
N ASP A 191 -27.34 -3.21 1.90
CA ASP A 191 -28.71 -2.72 1.72
C ASP A 191 -29.51 -3.18 2.89
N ILE A 192 -30.80 -2.88 2.88
CA ILE A 192 -31.62 -3.36 3.95
C ILE A 192 -32.88 -3.85 3.30
N ILE A 193 -33.23 -5.11 3.59
CA ILE A 193 -34.44 -5.71 3.04
C ILE A 193 -35.43 -5.96 4.15
N LEU A 194 -36.57 -5.31 4.03
CA LEU A 194 -37.60 -5.45 5.03
C LEU A 194 -38.80 -6.22 4.56
N LEU A 195 -39.75 -6.38 5.46
CA LEU A 195 -40.99 -7.07 5.18
C LEU A 195 -42.12 -6.24 5.72
N PRO A 196 -43.35 -6.63 5.44
CA PRO A 196 -44.44 -5.82 5.98
C PRO A 196 -44.39 -5.82 7.49
N GLY A 197 -44.82 -4.71 8.08
CA GLY A 197 -44.89 -4.62 9.52
C GLY A 197 -43.59 -4.56 10.31
N CYS A 198 -42.48 -4.29 9.68
CA CYS A 198 -41.26 -4.20 10.47
C CYS A 198 -40.24 -3.26 9.87
N GLY A 199 -39.11 -3.12 10.56
CA GLY A 199 -38.06 -2.23 10.08
C GLY A 199 -36.89 -2.20 11.05
N VAL A 200 -36.00 -1.23 10.86
CA VAL A 200 -34.85 -1.15 11.73
C VAL A 200 -34.55 0.28 12.12
N ASP A 201 -33.94 0.43 13.29
CA ASP A 201 -33.60 1.74 13.80
C ASP A 201 -32.14 1.74 14.22
N PHE A 202 -31.43 2.81 13.90
CA PHE A 202 -30.02 2.92 14.26
C PHE A 202 -29.79 4.08 15.18
N THR A 203 -30.89 4.67 15.65
CA THR A 203 -30.86 5.81 16.53
C THR A 203 -29.68 5.81 17.51
N HIS A 204 -29.21 4.63 17.89
CA HIS A 204 -28.10 4.53 18.81
C HIS A 204 -27.02 3.58 18.33
N SER A 205 -26.56 3.78 17.10
CA SER A 205 -25.53 2.92 16.56
C SER A 205 -24.86 3.52 15.36
N ARG A 206 -23.55 3.38 15.32
CA ARG A 206 -22.79 3.91 14.21
C ARG A 206 -22.75 2.87 13.09
N LEU A 207 -23.28 1.68 13.36
CA LEU A 207 -23.30 0.65 12.36
C LEU A 207 -23.94 1.17 11.10
N SER A 208 -24.84 2.13 11.26
CA SER A 208 -25.49 2.72 10.10
C SER A 208 -24.44 3.07 9.07
N ASN A 209 -23.41 3.76 9.54
CA ASN A 209 -22.31 4.18 8.69
C ASN A 209 -21.63 3.00 8.02
N LEU A 210 -21.50 1.91 8.75
CA LEU A 210 -20.87 0.74 8.18
C LEU A 210 -21.67 0.36 6.94
N LEU A 211 -23.00 0.33 7.06
CA LEU A 211 -23.84 0.01 5.92
C LEU A 211 -23.67 1.09 4.84
N GLY A 212 -23.60 2.33 5.28
CA GLY A 212 -23.43 3.39 4.31
C GLY A 212 -24.75 3.98 3.91
N ILE A 213 -25.68 4.01 4.85
CA ILE A 213 -27.00 4.59 4.64
C ILE A 213 -27.00 5.75 5.63
N ARG A 214 -26.72 6.95 5.15
CA ARG A 214 -26.70 8.10 6.05
C ARG A 214 -27.93 8.96 5.87
N LYS A 215 -28.34 9.58 6.97
CA LYS A 215 -29.50 10.44 7.00
C LYS A 215 -29.14 11.71 6.27
N ARG A 216 -30.01 12.17 5.37
CA ARG A 216 -29.71 13.36 4.57
C ARG A 216 -29.53 14.65 5.37
N GLN A 217 -29.91 14.66 6.64
CA GLN A 217 -29.71 15.85 7.45
C GLN A 217 -29.50 15.49 8.90
N PRO A 218 -28.41 14.76 9.16
CA PRO A 218 -27.86 14.20 10.38
C PRO A 218 -28.19 14.79 11.72
N PHE A 219 -28.09 16.09 11.87
CA PHE A 219 -28.36 16.67 13.17
C PHE A 219 -29.78 16.45 13.71
N GLN A 220 -30.44 15.41 13.22
CA GLN A 220 -31.80 15.08 13.66
C GLN A 220 -31.75 13.86 14.54
N GLU A 221 -31.81 14.01 15.85
CA GLU A 221 -31.76 12.81 16.67
C GLU A 221 -32.82 11.83 16.19
N GLY A 222 -32.40 10.58 15.98
CA GLY A 222 -33.32 9.54 15.55
C GLY A 222 -33.13 8.97 14.15
N PHE A 223 -33.05 7.64 14.05
CA PHE A 223 -32.88 7.00 12.75
C PHE A 223 -33.70 5.74 12.59
N ARG A 224 -34.97 5.89 12.22
CA ARG A 224 -35.84 4.75 12.02
C ARG A 224 -36.18 4.63 10.57
N ILE A 225 -36.06 3.43 10.03
CA ILE A 225 -36.38 3.21 8.65
C ILE A 225 -37.26 1.96 8.62
N THR A 226 -38.54 2.14 8.33
CA THR A 226 -39.48 1.03 8.32
C THR A 226 -40.01 0.67 6.95
N TYR A 227 -40.87 -0.34 6.93
CA TYR A 227 -41.46 -0.83 5.70
C TYR A 227 -42.12 0.29 4.93
N ASP A 228 -43.13 0.88 5.53
CA ASP A 228 -43.88 1.96 4.91
C ASP A 228 -42.99 3.02 4.27
N ASP A 229 -41.76 3.16 4.78
CA ASP A 229 -40.84 4.15 4.22
C ASP A 229 -40.30 3.67 2.88
N LEU A 230 -39.81 2.45 2.86
CA LEU A 230 -39.31 1.87 1.63
C LEU A 230 -40.47 1.69 0.70
N GLU A 231 -40.88 2.73 0.00
CA GLU A 231 -42.01 2.62 -0.87
C GLU A 231 -41.54 2.56 -2.30
N GLY A 232 -42.25 1.82 -3.14
CA GLY A 232 -41.85 1.70 -4.53
C GLY A 232 -40.47 1.09 -4.53
N GLY A 233 -40.38 -0.19 -4.88
CA GLY A 233 -39.08 -0.83 -4.87
C GLY A 233 -39.15 -2.09 -4.02
N ASN A 234 -40.15 -2.92 -4.33
CA ASN A 234 -40.32 -4.17 -3.63
C ASN A 234 -39.59 -5.11 -4.57
N ILE A 235 -38.84 -6.05 -4.02
CA ILE A 235 -38.13 -6.98 -4.87
C ILE A 235 -39.05 -7.73 -5.83
N PRO A 236 -38.83 -7.57 -7.15
CA PRO A 236 -39.66 -8.27 -8.14
C PRO A 236 -39.43 -9.76 -7.95
N ALA A 237 -40.35 -10.59 -8.41
CA ALA A 237 -40.22 -12.03 -8.25
C ALA A 237 -39.43 -12.70 -9.37
N LEU A 238 -38.78 -13.81 -9.03
CA LEU A 238 -38.02 -14.57 -10.00
C LEU A 238 -38.98 -15.30 -10.91
N LEU A 239 -38.72 -15.32 -12.21
CA LEU A 239 -39.59 -16.02 -13.14
C LEU A 239 -39.43 -17.54 -12.98
N ASP A 240 -40.52 -18.28 -13.22
CA ASP A 240 -40.42 -19.74 -13.10
C ASP A 240 -39.61 -20.25 -14.27
N VAL A 241 -38.39 -20.67 -14.00
CA VAL A 241 -37.51 -21.17 -15.04
C VAL A 241 -38.04 -22.44 -15.68
N ASP A 242 -38.38 -23.42 -14.85
CA ASP A 242 -38.89 -24.71 -15.32
C ASP A 242 -40.20 -24.61 -16.07
N ALA A 243 -41.22 -24.05 -15.42
CA ALA A 243 -42.53 -23.90 -16.06
C ALA A 243 -42.32 -23.44 -17.50
N TYR A 244 -41.47 -22.42 -17.65
CA TYR A 244 -41.16 -21.87 -18.97
C TYR A 244 -40.45 -22.89 -19.86
N GLN A 245 -39.34 -23.44 -19.37
CA GLN A 245 -38.56 -24.42 -20.14
C GLN A 245 -39.41 -25.64 -20.48
N ALA A 246 -40.03 -26.22 -19.45
CA ALA A 246 -40.86 -27.41 -19.61
C ALA A 246 -41.93 -27.20 -20.69
N SER A 247 -42.30 -25.95 -20.94
CA SER A 247 -43.29 -25.66 -21.95
C SER A 247 -42.66 -25.55 -23.33
N LEU A 248 -43.52 -25.36 -24.34
CA LEU A 248 -43.13 -25.24 -25.74
C LEU A 248 -43.16 -26.60 -26.46
N LYS A 249 -44.38 -27.15 -26.53
CA LYS A 249 -44.71 -28.43 -27.17
C LYS A 249 -46.06 -28.20 -27.84
N ASP A 250 -47.01 -27.63 -27.08
CA ASP A 250 -48.35 -27.30 -27.56
C ASP A 250 -48.75 -25.89 -27.10
N PRO A 325 -55.11 -18.96 -26.42
CA PRO A 325 -54.81 -19.26 -27.84
C PRO A 325 -53.76 -20.39 -27.89
N GLN A 326 -52.53 -20.05 -27.48
CA GLN A 326 -51.40 -20.96 -27.43
C GLN A 326 -50.33 -20.44 -26.45
N LYS A 327 -50.75 -19.50 -25.60
CA LYS A 327 -49.89 -18.85 -24.60
C LYS A 327 -48.76 -19.69 -24.00
N LYS A 328 -47.75 -19.01 -23.48
CA LYS A 328 -46.59 -19.67 -22.88
C LYS A 328 -46.53 -19.57 -21.34
N PRO A 329 -45.68 -20.41 -20.71
CA PRO A 329 -45.42 -20.54 -19.27
C PRO A 329 -44.79 -19.33 -18.61
N VAL A 330 -44.52 -18.31 -19.40
CA VAL A 330 -43.92 -17.07 -18.92
C VAL A 330 -44.56 -16.61 -17.62
N ILE A 331 -45.71 -15.96 -17.77
CA ILE A 331 -46.50 -15.40 -16.68
C ILE A 331 -46.24 -16.01 -15.29
N LYS A 332 -45.92 -17.30 -15.23
CA LYS A 332 -45.69 -17.95 -13.94
C LYS A 332 -44.45 -17.47 -13.20
N PRO A 333 -44.66 -16.64 -12.16
CA PRO A 333 -43.57 -16.13 -11.35
C PRO A 333 -43.40 -17.14 -10.24
N LEU A 334 -42.20 -17.66 -10.07
CA LEU A 334 -41.97 -18.66 -9.05
C LEU A 334 -42.64 -18.22 -7.75
N THR A 335 -43.00 -19.17 -6.90
CA THR A 335 -43.66 -18.81 -5.65
C THR A 335 -42.88 -19.21 -4.44
N GLU A 336 -42.17 -20.32 -4.53
CA GLU A 336 -41.41 -20.80 -3.40
C GLU A 336 -40.19 -21.55 -3.88
N ASP A 337 -39.32 -21.92 -2.96
CA ASP A 337 -38.13 -22.61 -3.41
C ASP A 337 -37.87 -23.87 -2.63
N SER A 338 -37.29 -24.86 -3.32
CA SER A 338 -36.92 -26.15 -2.76
C SER A 338 -37.01 -26.09 -1.25
N LYS A 339 -37.87 -26.93 -0.68
CA LYS A 339 -38.12 -26.94 0.76
C LYS A 339 -39.23 -25.93 0.94
N LYS A 340 -39.88 -25.64 -0.19
CA LYS A 340 -41.02 -24.73 -0.29
C LYS A 340 -41.05 -23.57 0.71
N ARG A 341 -40.23 -22.55 0.46
CA ARG A 341 -40.18 -21.37 1.30
C ARG A 341 -41.02 -20.33 0.56
N SER A 342 -42.03 -19.77 1.21
CA SER A 342 -42.89 -18.77 0.54
C SER A 342 -42.15 -17.51 0.16
N TYR A 343 -42.41 -16.98 -1.04
CA TYR A 343 -41.76 -15.75 -1.42
C TYR A 343 -42.74 -14.63 -1.17
N ASN A 344 -43.77 -14.93 -0.41
CA ASN A 344 -44.78 -13.95 -0.07
C ASN A 344 -45.04 -12.96 -1.21
N LEU A 345 -45.83 -13.33 -2.20
CA LEU A 345 -46.11 -12.39 -3.28
C LEU A 345 -47.38 -11.66 -2.93
N ILE A 346 -47.40 -10.36 -3.20
CA ILE A 346 -48.58 -9.56 -2.89
C ILE A 346 -49.89 -10.24 -3.34
N SER A 347 -50.07 -10.40 -4.64
CA SER A 347 -51.27 -11.06 -5.18
C SER A 347 -50.83 -12.37 -5.82
N ASN A 348 -51.80 -13.24 -6.11
CA ASN A 348 -51.51 -14.50 -6.78
C ASN A 348 -51.26 -14.07 -8.23
N ASP A 349 -51.43 -12.77 -8.43
CA ASP A 349 -51.29 -12.08 -9.70
C ASP A 349 -49.94 -11.35 -9.84
N SER A 350 -49.85 -10.17 -9.23
CA SER A 350 -48.66 -9.32 -9.28
C SER A 350 -47.30 -10.03 -9.30
N THR A 351 -46.40 -9.48 -10.11
CA THR A 351 -45.07 -10.03 -10.26
C THR A 351 -44.10 -9.58 -9.15
N PHE A 352 -44.59 -8.76 -8.24
CA PHE A 352 -43.76 -8.25 -7.14
C PHE A 352 -43.96 -8.95 -5.80
N THR A 353 -42.85 -9.29 -5.15
CA THR A 353 -42.91 -9.93 -3.84
C THR A 353 -43.10 -8.84 -2.80
N GLN A 354 -43.52 -9.22 -1.60
CA GLN A 354 -43.74 -8.26 -0.53
C GLN A 354 -42.41 -7.70 0.00
N TYR A 355 -41.33 -8.43 -0.23
CA TYR A 355 -40.02 -7.99 0.22
C TYR A 355 -39.62 -6.63 -0.38
N ARG A 356 -39.23 -5.68 0.47
CA ARG A 356 -38.80 -4.35 -0.01
C ARG A 356 -37.34 -4.04 0.31
N SER A 357 -36.61 -3.54 -0.71
CA SER A 357 -35.18 -3.17 -0.58
C SER A 357 -34.92 -1.67 -0.55
N TRP A 358 -34.01 -1.28 0.33
CA TRP A 358 -33.66 0.11 0.44
C TRP A 358 -33.05 0.52 -0.88
N TYR A 359 -31.96 -0.15 -1.23
CA TYR A 359 -31.27 0.14 -2.47
C TYR A 359 -32.26 0.40 -3.59
N LEU A 360 -33.15 -0.57 -3.78
CA LEU A 360 -34.17 -0.45 -4.81
C LEU A 360 -34.94 0.85 -4.69
N ALA A 361 -35.43 1.11 -3.49
CA ALA A 361 -36.19 2.32 -3.23
C ALA A 361 -35.42 3.54 -3.68
N TYR A 362 -34.30 3.78 -2.99
CA TYR A 362 -33.42 4.90 -3.26
C TYR A 362 -33.17 5.12 -4.77
N ASN A 363 -32.74 4.07 -5.46
CA ASN A 363 -32.44 4.18 -6.88
C ASN A 363 -33.58 4.12 -7.88
N TYR A 364 -34.62 3.38 -7.56
CA TYR A 364 -35.71 3.22 -8.50
C TYR A 364 -37.07 3.86 -8.21
N GLY A 365 -37.40 4.10 -6.95
CA GLY A 365 -38.69 4.71 -6.67
C GLY A 365 -38.63 6.23 -6.51
N ASP A 366 -39.63 6.90 -7.05
CA ASP A 366 -39.76 8.36 -6.97
C ASP A 366 -38.68 9.08 -6.16
N PRO A 367 -37.79 9.80 -6.85
CA PRO A 367 -36.72 10.51 -6.14
C PRO A 367 -37.21 11.66 -5.27
N GLN A 368 -38.30 12.31 -5.66
CA GLN A 368 -38.78 13.45 -4.88
C GLN A 368 -39.67 13.06 -3.70
N THR A 369 -40.00 11.78 -3.57
CA THR A 369 -40.86 11.28 -2.49
C THR A 369 -40.27 10.10 -1.75
N GLY A 370 -39.62 9.22 -2.49
CA GLY A 370 -39.04 8.02 -1.91
C GLY A 370 -38.00 8.28 -0.84
N ILE A 371 -37.30 7.23 -0.47
CA ILE A 371 -36.28 7.39 0.54
C ILE A 371 -35.18 8.24 -0.08
N ARG A 372 -35.00 8.15 -1.39
CA ARG A 372 -33.96 8.96 -2.06
C ARG A 372 -34.02 10.40 -1.58
N SER A 373 -35.16 10.78 -1.03
CA SER A 373 -35.36 12.13 -0.53
C SER A 373 -34.67 12.45 0.80
N TRP A 374 -35.10 11.81 1.89
CA TRP A 374 -34.56 12.06 3.22
C TRP A 374 -33.32 11.26 3.59
N THR A 375 -32.82 10.45 2.68
CA THR A 375 -31.63 9.68 3.00
C THR A 375 -30.56 9.90 1.96
N LEU A 376 -29.36 9.39 2.23
CA LEU A 376 -28.25 9.54 1.30
C LEU A 376 -27.40 8.29 1.14
N LEU A 377 -27.21 7.87 -0.10
CA LEU A 377 -26.41 6.70 -0.42
C LEU A 377 -24.96 7.05 -0.47
N CYS A 378 -24.14 6.32 0.27
CA CYS A 378 -22.70 6.58 0.29
C CYS A 378 -21.83 5.43 0.74
N THR A 379 -20.52 5.63 0.52
CA THR A 379 -19.51 4.67 0.85
C THR A 379 -19.58 4.18 2.28
N PRO A 380 -19.32 2.89 2.48
CA PRO A 380 -19.31 2.13 3.74
C PRO A 380 -18.46 2.64 4.90
N ASP A 381 -17.15 2.42 4.83
CA ASP A 381 -16.22 2.81 5.91
C ASP A 381 -16.46 1.87 7.09
N VAL A 382 -15.53 0.96 7.31
CA VAL A 382 -15.73 0.05 8.40
C VAL A 382 -15.61 0.77 9.73
N THR A 383 -14.61 1.64 9.86
CA THR A 383 -14.36 2.37 11.11
C THR A 383 -15.61 2.93 11.78
N CYS A 384 -16.68 3.05 10.99
CA CYS A 384 -17.97 3.57 11.45
C CYS A 384 -18.01 5.06 11.64
N GLY A 385 -16.89 5.73 11.39
CA GLY A 385 -16.89 7.17 11.55
C GLY A 385 -15.66 7.76 12.19
N SER A 386 -14.88 8.48 11.39
CA SER A 386 -13.69 9.09 11.93
C SER A 386 -14.09 10.00 13.09
N GLU A 387 -13.72 9.62 14.31
CA GLU A 387 -14.02 10.46 15.46
C GLU A 387 -12.69 10.98 15.97
N GLN A 388 -12.71 12.12 16.65
CA GLN A 388 -11.48 12.68 17.15
C GLN A 388 -11.36 12.61 18.65
N VAL A 389 -10.16 12.93 19.13
CA VAL A 389 -9.85 12.91 20.54
C VAL A 389 -9.24 14.24 20.93
N TYR A 390 -9.29 14.54 22.22
CA TYR A 390 -8.76 15.79 22.72
C TYR A 390 -7.70 15.62 23.80
N TRP A 391 -6.55 16.23 23.61
CA TRP A 391 -5.49 16.17 24.60
C TRP A 391 -5.75 17.24 25.63
N SER A 392 -5.16 17.09 26.80
CA SER A 392 -5.31 18.08 27.86
C SER A 392 -4.13 17.90 28.79
N LEU A 393 -3.44 18.99 29.12
CA LEU A 393 -2.29 18.91 30.00
C LEU A 393 -2.45 19.98 31.05
N PRO A 394 -3.58 19.97 31.72
CA PRO A 394 -4.06 20.85 32.79
C PRO A 394 -3.03 21.39 33.72
N ASP A 395 -2.13 20.52 34.13
CA ASP A 395 -1.11 20.92 35.09
C ASP A 395 0.13 21.62 34.52
N MET A 396 0.21 21.71 33.19
CA MET A 396 1.37 22.30 32.54
C MET A 396 1.15 23.34 31.46
N MET A 397 -0.08 23.59 31.05
CA MET A 397 -0.28 24.57 30.00
C MET A 397 -1.49 25.43 30.19
N GLN A 398 -1.31 26.71 29.93
CA GLN A 398 -2.37 27.65 30.10
C GLN A 398 -3.62 27.27 29.35
N ASP A 399 -4.73 27.45 30.04
CA ASP A 399 -6.04 27.10 29.53
C ASP A 399 -6.57 28.01 28.44
N PRO A 400 -6.55 27.53 27.19
CA PRO A 400 -6.98 28.18 25.97
C PRO A 400 -8.25 29.02 26.06
N VAL A 401 -8.16 30.19 25.43
CA VAL A 401 -9.20 31.17 25.41
C VAL A 401 -10.39 31.03 26.33
N THR A 402 -11.47 30.48 25.84
CA THR A 402 -12.65 30.44 26.68
C THR A 402 -12.77 29.35 27.70
N PHE A 403 -11.82 28.43 27.73
CA PHE A 403 -11.92 27.32 28.67
C PHE A 403 -11.80 27.74 30.11
N ARG A 404 -12.67 27.15 30.91
CA ARG A 404 -12.70 27.41 32.32
C ARG A 404 -11.75 26.41 32.93
N SER A 405 -11.07 26.81 33.99
CA SER A 405 -10.12 25.93 34.66
C SER A 405 -10.85 25.09 35.70
N THR A 406 -10.62 23.79 35.72
CA THR A 406 -11.32 22.94 36.69
C THR A 406 -10.53 21.71 37.08
N SER A 407 -11.20 20.80 37.80
CA SER A 407 -10.58 19.56 38.26
C SER A 407 -11.42 18.34 37.88
N GLN A 408 -12.52 18.60 37.19
CA GLN A 408 -13.40 17.55 36.75
C GLN A 408 -12.80 16.95 35.47
N ILE A 409 -12.11 15.81 35.61
CA ILE A 409 -11.49 15.16 34.48
C ILE A 409 -12.22 15.24 33.16
N SER A 410 -13.53 15.12 33.22
CA SER A 410 -14.33 15.18 32.01
C SER A 410 -14.66 16.60 31.55
N ASN A 411 -13.80 17.56 31.86
CA ASN A 411 -14.02 18.96 31.44
C ASN A 411 -12.74 19.78 31.43
N PHE A 412 -11.61 19.11 31.56
CA PHE A 412 -10.33 19.80 31.53
C PHE A 412 -10.24 20.65 30.29
N PRO A 413 -9.27 21.56 30.26
CA PRO A 413 -9.07 22.41 29.09
C PRO A 413 -8.44 21.53 28.01
N VAL A 414 -8.64 21.90 26.76
CA VAL A 414 -8.11 21.15 25.65
C VAL A 414 -7.01 21.92 24.94
N VAL A 415 -5.92 21.25 24.65
CA VAL A 415 -4.83 21.93 24.01
C VAL A 415 -4.62 21.45 22.61
N GLY A 416 -5.14 20.27 22.30
CA GLY A 416 -4.95 19.76 20.96
C GLY A 416 -6.00 18.75 20.58
N ALA A 417 -6.41 18.78 19.32
CA ALA A 417 -7.41 17.85 18.85
C ALA A 417 -6.77 17.03 17.76
N GLU A 418 -7.24 15.81 17.59
CA GLU A 418 -6.65 14.95 16.59
C GLU A 418 -7.56 13.77 16.34
N LEU A 419 -7.53 13.28 15.12
CA LEU A 419 -8.37 12.17 14.73
C LEU A 419 -7.95 10.87 15.41
N LEU A 420 -8.90 10.11 15.95
CA LEU A 420 -8.57 8.85 16.61
C LEU A 420 -7.98 7.89 15.58
N PRO A 421 -6.69 7.57 15.72
CA PRO A 421 -5.79 6.72 14.91
C PRO A 421 -6.36 5.49 14.25
N VAL A 422 -7.35 5.63 13.39
CA VAL A 422 -7.91 4.45 12.75
C VAL A 422 -8.24 4.70 11.29
N HIS A 423 -7.71 3.84 10.42
CA HIS A 423 -7.94 3.97 8.99
C HIS A 423 -8.52 2.68 8.47
N SER A 424 -8.96 2.69 7.22
CA SER A 424 -9.53 1.50 6.61
C SER A 424 -8.75 1.05 5.39
N LYS A 425 -8.07 -0.08 5.53
CA LYS A 425 -7.29 -0.65 4.44
C LYS A 425 -8.24 -1.43 3.57
N SER A 426 -7.98 -1.45 2.27
CA SER A 426 -8.81 -2.15 1.32
C SER A 426 -8.05 -3.27 0.63
N PHE A 427 -8.71 -4.39 0.39
CA PHE A 427 -8.08 -5.54 -0.27
C PHE A 427 -8.96 -6.13 -1.34
N TYR A 428 -8.35 -6.74 -2.34
CA TYR A 428 -9.10 -7.35 -3.43
C TYR A 428 -9.57 -8.74 -3.08
N ASN A 429 -10.85 -8.99 -3.26
CA ASN A 429 -11.46 -10.26 -2.90
C ASN A 429 -11.55 -11.32 -4.00
N ASP A 430 -10.75 -12.38 -3.86
CA ASP A 430 -10.78 -13.47 -4.82
C ASP A 430 -11.93 -14.37 -4.40
N GLN A 431 -12.08 -14.50 -3.09
CA GLN A 431 -13.11 -15.30 -2.45
C GLN A 431 -14.51 -14.87 -2.90
N ALA A 432 -14.57 -13.92 -3.83
CA ALA A 432 -15.83 -13.43 -4.36
C ALA A 432 -16.61 -14.57 -5.00
N VAL A 433 -15.99 -15.16 -6.02
CA VAL A 433 -16.62 -16.24 -6.77
C VAL A 433 -16.28 -17.64 -6.27
N TYR A 434 -15.05 -17.84 -5.81
CA TYR A 434 -14.62 -19.14 -5.31
C TYR A 434 -15.78 -19.86 -4.58
N SER A 435 -16.61 -19.11 -3.87
CA SER A 435 -17.73 -19.69 -3.11
C SER A 435 -18.94 -20.07 -3.95
N GLN A 436 -19.03 -19.52 -5.16
CA GLN A 436 -20.14 -19.83 -6.05
C GLN A 436 -19.89 -21.19 -6.69
N LEU A 437 -18.68 -21.70 -6.49
CA LEU A 437 -18.28 -22.99 -7.04
C LEU A 437 -17.98 -23.98 -5.93
N ILE A 438 -18.81 -23.98 -4.90
CA ILE A 438 -18.67 -24.90 -3.77
C ILE A 438 -20.04 -25.19 -3.14
N ARG A 439 -20.98 -24.26 -3.30
CA ARG A 439 -22.33 -24.46 -2.76
C ARG A 439 -23.21 -24.90 -3.91
N GLN A 440 -22.58 -24.95 -5.08
CA GLN A 440 -23.22 -25.43 -6.30
C GLN A 440 -22.92 -26.92 -6.32
N PHE A 441 -21.93 -27.27 -5.50
CA PHE A 441 -21.49 -28.64 -5.28
C PHE A 441 -21.81 -28.87 -3.79
N THR A 442 -23.08 -29.15 -3.51
CA THR A 442 -23.62 -29.33 -2.14
C THR A 442 -22.68 -29.90 -1.04
N SER A 443 -22.77 -29.30 0.16
CA SER A 443 -22.02 -29.70 1.35
C SER A 443 -22.56 -28.85 2.49
N LEU A 444 -22.10 -29.14 3.70
CA LEU A 444 -22.52 -28.43 4.91
C LEU A 444 -22.81 -26.93 4.75
N THR A 445 -23.32 -26.32 5.82
CA THR A 445 -23.64 -24.90 5.78
C THR A 445 -23.14 -24.16 7.02
N HIS A 446 -22.99 -22.86 6.87
CA HIS A 446 -22.56 -22.01 7.96
C HIS A 446 -23.74 -21.42 8.64
N VAL A 447 -23.51 -20.93 9.84
CA VAL A 447 -24.56 -20.32 10.59
C VAL A 447 -25.04 -19.10 9.82
N PHE A 448 -24.37 -18.86 8.69
CA PHE A 448 -24.66 -17.72 7.82
C PHE A 448 -25.57 -18.02 6.66
N ASN A 449 -25.48 -19.22 6.09
CA ASN A 449 -26.35 -19.53 4.97
C ASN A 449 -27.40 -20.54 5.37
N ARG A 450 -28.20 -20.23 6.38
CA ARG A 450 -29.20 -21.18 6.81
C ARG A 450 -30.36 -21.33 5.87
N PHE A 451 -30.30 -20.70 4.70
CA PHE A 451 -31.39 -20.79 3.75
C PHE A 451 -30.85 -20.75 2.33
N PRO A 452 -29.80 -21.53 2.07
CA PRO A 452 -29.10 -21.65 0.79
C PRO A 452 -30.04 -21.58 -0.40
N GLU A 453 -31.06 -22.41 -0.33
CA GLU A 453 -32.03 -22.49 -1.39
C GLU A 453 -33.12 -21.44 -1.24
N ASN A 454 -32.75 -20.17 -1.19
CA ASN A 454 -33.81 -19.19 -1.06
C ASN A 454 -33.73 -17.96 -1.93
N GLN A 455 -32.58 -17.71 -2.55
CA GLN A 455 -32.48 -16.56 -3.42
C GLN A 455 -32.77 -15.23 -2.74
N ILE A 456 -33.15 -15.27 -1.47
CA ILE A 456 -33.41 -14.03 -0.76
C ILE A 456 -32.86 -14.09 0.63
N LEU A 457 -33.22 -15.10 1.40
CA LEU A 457 -32.67 -15.22 2.74
C LEU A 457 -31.32 -15.92 2.59
N ALA A 458 -30.85 -16.00 1.34
CA ALA A 458 -29.58 -16.62 1.03
C ALA A 458 -28.49 -15.96 1.85
N ARG A 459 -27.32 -15.82 1.25
CA ARG A 459 -26.23 -15.14 1.95
C ARG A 459 -25.73 -14.07 1.01
N PRO A 460 -25.84 -12.81 1.42
CA PRO A 460 -25.38 -11.72 0.56
C PRO A 460 -24.02 -12.04 -0.03
N PRO A 461 -23.84 -11.75 -1.32
CA PRO A 461 -22.61 -11.99 -2.07
C PRO A 461 -21.48 -11.18 -1.48
N ALA A 462 -20.30 -11.78 -1.38
CA ALA A 462 -19.13 -11.09 -0.85
C ALA A 462 -18.67 -10.06 -1.87
N PRO A 463 -18.57 -8.79 -1.47
CA PRO A 463 -18.12 -7.81 -2.45
C PRO A 463 -16.64 -7.96 -2.70
N THR A 464 -16.22 -7.68 -3.94
CA THR A 464 -14.80 -7.71 -4.26
C THR A 464 -14.33 -6.45 -3.55
N ILE A 465 -13.13 -6.47 -2.97
CA ILE A 465 -12.64 -5.27 -2.28
C ILE A 465 -13.31 -5.07 -0.93
N THR A 466 -12.80 -5.74 0.08
CA THR A 466 -13.35 -5.59 1.42
C THR A 466 -12.48 -4.61 2.14
N THR A 467 -13.01 -4.00 3.18
CA THR A 467 -12.24 -3.05 3.94
C THR A 467 -12.11 -3.58 5.35
N VAL A 468 -11.08 -3.16 6.06
CA VAL A 468 -10.86 -3.62 7.41
C VAL A 468 -10.31 -2.52 8.28
N SER A 469 -10.95 -2.28 9.41
CA SER A 469 -10.48 -1.25 10.32
C SER A 469 -9.08 -1.61 10.76
N GLU A 470 -8.16 -0.68 10.64
CA GLU A 470 -6.78 -0.93 11.03
C GLU A 470 -6.26 0.18 11.94
N ASN A 471 -5.62 -0.21 13.03
CA ASN A 471 -5.06 0.75 13.97
C ASN A 471 -3.67 1.15 13.55
N VAL A 472 -3.31 2.42 13.73
CA VAL A 472 -1.99 2.85 13.31
C VAL A 472 -1.43 3.94 14.21
N PRO A 473 -0.10 3.93 14.43
CA PRO A 473 0.51 4.94 15.30
C PRO A 473 0.40 6.28 14.61
N ALA A 474 0.06 7.30 15.38
CA ALA A 474 -0.11 8.63 14.83
C ALA A 474 0.89 9.61 15.41
N LEU A 475 1.93 9.87 14.64
CA LEU A 475 2.95 10.81 15.04
C LEU A 475 2.43 12.15 14.63
N THR A 476 1.56 12.70 15.46
CA THR A 476 0.94 13.98 15.20
C THR A 476 1.77 15.13 15.76
N ASP A 477 1.29 16.35 15.57
CA ASP A 477 1.99 17.53 16.04
C ASP A 477 1.04 18.70 16.20
N HIS A 478 0.75 19.05 17.45
CA HIS A 478 -0.14 20.17 17.73
C HIS A 478 0.74 21.39 17.66
N GLY A 479 0.14 22.57 17.62
CA GLY A 479 0.95 23.76 17.51
C GLY A 479 1.94 24.04 18.63
N THR A 480 2.14 25.33 18.88
CA THR A 480 3.00 25.79 19.95
C THR A 480 2.03 26.50 20.88
N LEU A 481 2.01 26.09 22.14
CA LEU A 481 1.08 26.63 23.13
C LEU A 481 1.70 27.41 24.25
N PRO A 482 0.92 28.29 24.87
CA PRO A 482 1.40 29.10 25.98
C PRO A 482 1.39 28.23 27.20
N LEU A 483 2.41 28.32 28.05
CA LEU A 483 2.43 27.50 29.27
C LEU A 483 2.81 28.27 30.52
N ARG A 484 2.53 27.68 31.69
CA ARG A 484 2.82 28.30 32.98
C ARG A 484 4.32 28.35 33.15
N ASN A 485 4.83 29.23 34.01
CA ASN A 485 6.29 29.32 34.18
C ASN A 485 6.76 28.57 35.40
N SER A 486 5.88 27.74 35.94
CA SER A 486 6.21 26.95 37.11
C SER A 486 5.61 25.60 36.86
N ILE A 487 6.33 24.79 36.10
CA ILE A 487 5.86 23.48 35.76
C ILE A 487 6.07 22.51 36.91
N GLY A 488 4.97 21.96 37.39
CA GLY A 488 5.00 21.03 38.51
C GLY A 488 5.76 19.75 38.29
N GLY A 489 6.36 19.23 39.34
CA GLY A 489 7.12 18.00 39.22
C GLY A 489 6.30 16.88 38.61
N VAL A 490 5.00 16.87 38.88
CA VAL A 490 4.15 15.83 38.32
C VAL A 490 3.02 16.38 37.51
N GLN A 491 3.05 16.06 36.23
CA GLN A 491 2.05 16.51 35.27
C GLN A 491 1.02 15.45 35.06
N ARG A 492 -0.14 15.86 34.58
CA ARG A 492 -1.21 14.93 34.33
C ARG A 492 -1.57 14.98 32.87
N VAL A 493 -1.57 13.83 32.22
CA VAL A 493 -1.91 13.74 30.82
C VAL A 493 -3.29 13.17 30.70
N THR A 494 -4.05 13.60 29.71
CA THR A 494 -5.42 13.10 29.54
C THR A 494 -5.98 13.19 28.15
N ILE A 495 -6.28 12.03 27.58
CA ILE A 495 -6.86 11.99 26.25
C ILE A 495 -8.34 11.73 26.39
N THR A 496 -9.14 12.51 25.66
CA THR A 496 -10.58 12.38 25.74
C THR A 496 -11.20 12.25 24.38
N ASP A 497 -12.42 11.73 24.33
CA ASP A 497 -13.09 11.56 23.06
C ASP A 497 -14.17 12.60 22.89
N ALA A 498 -14.76 12.61 21.71
CA ALA A 498 -15.80 13.56 21.40
C ALA A 498 -16.81 13.78 22.52
N ARG A 499 -17.24 12.69 23.16
CA ARG A 499 -18.23 12.74 24.23
C ARG A 499 -17.62 13.13 25.57
N ARG A 500 -16.29 13.13 25.61
CA ARG A 500 -15.55 13.48 26.81
C ARG A 500 -15.52 12.42 27.86
N ARG A 501 -14.62 11.48 27.66
CA ARG A 501 -14.43 10.37 28.57
C ARG A 501 -13.13 9.74 28.14
N THR A 502 -12.44 9.08 29.06
CA THR A 502 -11.18 8.44 28.73
C THR A 502 -11.48 7.43 27.62
N CYS A 503 -10.45 6.92 26.95
CA CYS A 503 -10.67 5.96 25.88
C CYS A 503 -9.83 4.72 26.12
N PRO A 504 -10.44 3.68 26.68
CA PRO A 504 -9.84 2.39 27.00
C PRO A 504 -8.87 1.85 25.98
N TYR A 505 -9.16 2.09 24.71
CA TYR A 505 -8.33 1.56 23.63
C TYR A 505 -7.03 2.30 23.31
N VAL A 506 -6.42 2.90 24.32
CA VAL A 506 -5.17 3.63 24.10
C VAL A 506 -4.00 2.84 24.67
N TYR A 507 -3.09 2.41 23.80
CA TYR A 507 -1.91 1.65 24.22
C TYR A 507 -0.76 2.57 24.57
N LYS A 508 -0.60 3.66 23.85
CA LYS A 508 0.49 4.55 24.18
C LYS A 508 0.31 6.01 23.82
N ALA A 509 0.60 6.86 24.80
CA ALA A 509 0.50 8.30 24.64
C ALA A 509 1.90 8.79 24.97
N LEU A 510 2.40 9.73 24.19
CA LEU A 510 3.74 10.28 24.43
C LEU A 510 3.80 11.73 24.10
N GLY A 511 4.31 12.53 25.01
CA GLY A 511 4.37 13.94 24.72
C GLY A 511 5.72 14.58 24.86
N ILE A 512 6.07 15.43 23.91
CA ILE A 512 7.33 16.13 23.97
C ILE A 512 7.06 17.62 23.92
N VAL A 513 7.54 18.37 24.90
CA VAL A 513 7.31 19.80 24.88
C VAL A 513 8.61 20.55 24.83
N SER A 514 8.62 21.59 24.00
CA SER A 514 9.82 22.42 23.80
C SER A 514 9.51 23.87 24.11
N PRO A 515 9.61 24.27 25.37
CA PRO A 515 9.32 25.66 25.67
C PRO A 515 10.29 26.62 25.03
N ARG A 516 9.84 27.83 24.74
CA ARG A 516 10.67 28.86 24.15
C ARG A 516 9.97 30.19 24.38
N VAL A 517 10.74 31.23 24.67
CA VAL A 517 10.21 32.55 24.97
C VAL A 517 9.34 33.14 23.86
N LEU A 518 8.26 33.80 24.25
CA LEU A 518 7.30 34.38 23.32
C LEU A 518 7.17 35.88 23.36
N SER A 519 7.26 36.46 24.55
CA SER A 519 7.13 37.91 24.72
C SER A 519 7.66 38.28 26.08
N SER A 520 7.39 39.50 26.54
CA SER A 520 7.89 39.89 27.84
C SER A 520 6.88 40.49 28.79
N ARG A 521 7.10 40.28 30.08
CA ARG A 521 6.20 40.79 31.10
C ARG A 521 6.77 42.04 31.75
N THR A 522 7.89 42.42 31.35
N THR B 1 4.53 43.44 20.09
CA THR B 1 3.96 42.59 21.18
C THR B 1 3.57 43.38 22.46
N GLY B 2 4.54 43.69 23.33
CA GLY B 2 4.25 44.44 24.55
C GLY B 2 2.81 44.54 25.07
N GLY B 3 2.12 45.64 24.76
CA GLY B 3 0.74 45.78 25.23
C GLY B 3 -0.29 45.25 24.24
N ARG B 4 0.19 44.91 23.05
CA ARG B 4 -0.63 44.43 21.96
C ARG B 4 -1.06 42.97 21.99
N ASN B 5 -0.67 42.18 22.98
CA ASN B 5 -1.07 40.76 23.02
C ASN B 5 -2.47 40.51 23.50
N SER B 6 -2.64 40.67 24.80
CA SER B 6 -3.93 40.46 25.42
C SER B 6 -5.05 39.88 24.54
N ILE B 7 -5.44 38.66 24.85
CA ILE B 7 -6.53 37.98 24.18
C ILE B 7 -7.51 37.88 25.33
N ARG B 8 -8.61 38.60 25.25
CA ARG B 8 -9.55 38.61 26.36
C ARG B 8 -10.90 38.00 26.11
N TYR B 9 -11.50 37.55 27.20
CA TYR B 9 -12.83 36.95 27.20
C TYR B 9 -13.56 37.55 28.40
N SER B 10 -14.88 37.32 28.52
CA SER B 10 -15.62 37.87 29.67
C SER B 10 -14.96 37.39 30.97
N GLU B 11 -14.66 38.31 31.86
CA GLU B 11 -14.10 37.96 33.16
C GLU B 11 -13.16 36.74 33.32
N LEU B 12 -13.09 35.81 32.39
CA LEU B 12 -12.25 34.66 32.58
C LEU B 12 -10.74 34.90 32.72
N ALA B 13 -10.33 36.16 32.64
CA ALA B 13 -8.90 36.54 32.74
C ALA B 13 -8.14 36.67 31.43
N PRO B 14 -7.00 37.38 31.45
CA PRO B 14 -6.11 37.70 30.33
C PRO B 14 -5.30 36.48 29.93
N LEU B 15 -5.27 36.23 28.64
CA LEU B 15 -4.50 35.13 28.10
C LEU B 15 -3.54 35.92 27.22
N PHE B 16 -2.26 35.54 27.15
CA PHE B 16 -1.30 36.30 26.33
C PHE B 16 -0.64 35.55 25.20
N ASP B 17 -0.63 36.18 24.04
CA ASP B 17 -0.07 35.64 22.78
C ASP B 17 -0.92 34.48 22.27
N THR B 18 -0.55 33.93 21.12
CA THR B 18 -1.32 32.83 20.54
C THR B 18 -1.98 31.89 21.55
N THR B 19 -3.16 31.37 21.18
CA THR B 19 -3.91 30.43 21.97
C THR B 19 -4.66 29.55 20.96
N ARG B 20 -5.83 29.04 21.30
CA ARG B 20 -6.55 28.20 20.33
C ARG B 20 -8.05 28.24 20.42
N VAL B 21 -8.70 28.49 19.30
CA VAL B 21 -10.15 28.50 19.28
C VAL B 21 -10.52 27.28 18.47
N TYR B 22 -11.61 26.60 18.82
CA TYR B 22 -11.99 25.39 18.07
C TYR B 22 -13.33 25.40 17.33
N LEU B 23 -13.27 25.03 16.06
CA LEU B 23 -14.44 24.94 15.21
C LEU B 23 -14.83 23.48 15.08
N VAL B 24 -15.83 23.04 15.85
CA VAL B 24 -16.26 21.64 15.79
C VAL B 24 -17.77 21.45 15.65
N ASP B 25 -18.15 20.44 14.88
CA ASP B 25 -19.54 20.10 14.59
C ASP B 25 -20.19 19.18 15.62
N ASN B 26 -19.51 18.08 15.90
CA ASN B 26 -19.97 17.06 16.83
C ASN B 26 -20.26 17.56 18.27
N LYS B 27 -20.13 18.87 18.51
CA LYS B 27 -20.39 19.40 19.85
C LYS B 27 -21.88 19.24 20.15
N SER B 28 -22.17 18.42 21.14
CA SER B 28 -23.53 18.05 21.55
C SER B 28 -24.58 19.12 21.84
N THR B 29 -24.23 20.09 22.66
CA THR B 29 -25.19 21.14 22.98
C THR B 29 -25.62 21.90 21.73
N ASP B 30 -24.65 22.13 20.83
CA ASP B 30 -24.87 22.87 19.58
C ASP B 30 -25.91 22.25 18.66
N VAL B 31 -25.63 21.02 18.25
CA VAL B 31 -26.49 20.26 17.36
C VAL B 31 -27.97 20.53 17.64
N ALA B 32 -28.42 19.95 18.74
CA ALA B 32 -29.79 20.07 19.19
C ALA B 32 -30.38 21.47 18.98
N SER B 33 -29.62 22.51 19.35
CA SER B 33 -30.12 23.87 19.29
C SER B 33 -29.89 24.74 18.06
N LEU B 34 -28.79 24.56 17.34
CA LEU B 34 -28.54 25.45 16.22
C LEU B 34 -28.65 24.89 14.81
N ASN B 35 -27.76 23.96 14.49
CA ASN B 35 -27.72 23.40 13.17
C ASN B 35 -28.57 22.15 13.02
N TYR B 36 -29.81 22.21 13.48
CA TYR B 36 -30.71 21.06 13.36
C TYR B 36 -30.98 20.80 11.89
N GLN B 37 -31.41 21.83 11.19
CA GLN B 37 -31.74 21.72 9.78
C GLN B 37 -30.55 21.72 8.84
N ASN B 38 -29.35 21.88 9.37
CA ASN B 38 -28.17 21.91 8.50
C ASN B 38 -27.45 20.58 8.43
N ASP B 39 -26.34 20.58 7.68
CA ASP B 39 -25.54 19.38 7.51
C ASP B 39 -24.06 19.69 7.66
N HIS B 40 -23.27 18.64 7.78
CA HIS B 40 -21.84 18.80 7.97
C HIS B 40 -21.08 19.72 7.03
N SER B 41 -21.67 20.06 5.89
CA SER B 41 -20.96 20.92 4.97
C SER B 41 -21.34 22.38 5.13
N ASN B 42 -22.14 22.68 6.13
CA ASN B 42 -22.57 24.05 6.35
C ASN B 42 -23.31 24.13 7.68
N PHE B 43 -22.57 24.34 8.76
CA PHE B 43 -23.16 24.37 10.09
C PHE B 43 -22.73 25.51 10.95
N LEU B 44 -23.30 25.56 12.15
CA LEU B 44 -22.95 26.60 13.09
C LEU B 44 -22.29 25.95 14.27
N THR B 45 -21.34 26.65 14.87
CA THR B 45 -20.67 26.14 16.04
C THR B 45 -20.53 27.24 17.04
N THR B 46 -20.56 26.85 18.30
CA THR B 46 -20.37 27.81 19.35
C THR B 46 -18.86 27.64 19.57
N VAL B 47 -18.10 28.73 19.44
CA VAL B 47 -16.65 28.67 19.62
C VAL B 47 -16.28 28.91 21.09
N ILE B 48 -17.26 29.37 21.86
CA ILE B 48 -17.08 29.60 23.29
C ILE B 48 -17.20 28.23 23.95
N GLN B 49 -16.08 27.69 24.42
CA GLN B 49 -16.11 26.39 25.06
C GLN B 49 -16.32 26.48 26.57
N ASN B 50 -17.18 27.39 27.01
CA ASN B 50 -17.43 27.53 28.45
C ASN B 50 -18.70 26.85 28.89
N ASN B 51 -18.49 25.80 29.65
CA ASN B 51 -19.50 24.95 30.22
C ASN B 51 -20.76 25.62 30.79
N ASP B 52 -20.63 26.83 31.34
CA ASP B 52 -21.76 27.48 31.97
C ASP B 52 -22.73 28.32 31.16
N TYR B 53 -22.57 28.48 29.86
CA TYR B 53 -23.55 29.33 29.21
C TYR B 53 -24.38 28.65 28.15
N SER B 54 -25.61 29.14 27.95
CA SER B 54 -26.51 28.58 26.93
C SER B 54 -25.78 28.74 25.61
N PRO B 55 -26.22 28.04 24.56
CA PRO B 55 -25.49 28.23 23.31
C PRO B 55 -25.93 29.59 22.86
N GLY B 56 -27.22 29.84 22.97
CA GLY B 56 -27.73 31.13 22.58
C GLY B 56 -26.97 32.20 23.33
N GLU B 57 -27.03 32.14 24.65
CA GLU B 57 -26.34 33.13 25.45
C GLU B 57 -24.88 33.32 25.01
N ALA B 58 -24.20 32.22 24.75
CA ALA B 58 -22.80 32.28 24.34
C ALA B 58 -22.66 33.09 23.07
N SER B 59 -23.60 32.87 22.16
CA SER B 59 -23.60 33.57 20.88
C SER B 59 -23.48 35.06 21.07
N THR B 60 -23.61 35.51 22.31
CA THR B 60 -23.49 36.92 22.61
C THR B 60 -22.05 37.29 22.91
N GLN B 61 -21.48 36.59 23.88
CA GLN B 61 -20.11 36.82 24.30
C GLN B 61 -19.14 36.81 23.14
N THR B 62 -17.93 37.31 23.37
CA THR B 62 -16.94 37.36 22.30
C THR B 62 -15.50 37.23 22.74
N ILE B 63 -14.69 36.66 21.86
CA ILE B 63 -13.28 36.51 22.10
C ILE B 63 -12.73 37.77 21.51
N ASN B 64 -11.95 38.53 22.28
CA ASN B 64 -11.38 39.76 21.79
C ASN B 64 -9.89 39.72 21.62
N LEU B 65 -9.43 39.65 20.39
CA LEU B 65 -7.99 39.66 20.17
C LEU B 65 -7.67 41.12 20.40
N ASP B 66 -6.52 41.42 20.99
CA ASP B 66 -6.24 42.82 21.29
C ASP B 66 -6.44 43.71 20.10
N ASP B 67 -7.03 44.85 20.41
CA ASP B 67 -7.34 45.87 19.45
C ASP B 67 -6.17 46.55 18.78
N ARG B 68 -5.13 46.79 19.56
CA ARG B 68 -3.97 47.48 19.05
C ARG B 68 -3.15 46.75 17.99
N SER B 69 -3.47 45.49 17.70
CA SER B 69 -2.68 44.79 16.70
C SER B 69 -3.51 44.06 15.66
N HIS B 70 -2.98 43.94 14.45
CA HIS B 70 -3.69 43.20 13.40
C HIS B 70 -3.32 41.76 13.72
N TRP B 71 -4.33 40.90 13.90
CA TRP B 71 -4.01 39.51 14.22
C TRP B 71 -4.16 38.57 13.05
N GLY B 72 -3.61 37.38 13.23
CA GLY B 72 -3.72 36.36 12.20
C GLY B 72 -3.83 35.03 12.91
N GLY B 73 -4.35 34.01 12.25
CA GLY B 73 -4.47 32.70 12.86
C GLY B 73 -4.06 31.59 11.93
N ASP B 74 -3.61 30.48 12.46
CA ASP B 74 -3.21 29.36 11.62
C ASP B 74 -4.41 28.45 11.57
N LEU B 75 -4.81 28.11 10.37
CA LEU B 75 -5.97 27.28 10.20
C LEU B 75 -5.64 25.89 9.74
N LYS B 76 -5.73 24.94 10.65
CA LYS B 76 -5.47 23.56 10.27
C LYS B 76 -6.84 22.94 10.25
N THR B 77 -7.04 21.99 9.37
CA THR B 77 -8.34 21.40 9.31
C THR B 77 -8.35 19.92 8.99
N ILE B 78 -9.39 19.24 9.42
CA ILE B 78 -9.54 17.82 9.20
C ILE B 78 -10.82 17.60 8.44
N LEU B 79 -10.69 17.22 7.17
CA LEU B 79 -11.89 16.99 6.37
C LEU B 79 -12.01 15.52 6.04
N HIS B 80 -13.21 14.98 6.17
CA HIS B 80 -13.43 13.56 5.87
C HIS B 80 -14.76 13.32 5.19
N THR B 81 -14.70 12.76 3.98
CA THR B 81 -15.91 12.50 3.24
C THR B 81 -16.22 11.03 3.10
N ASN B 82 -17.05 10.71 2.11
CA ASN B 82 -17.47 9.33 1.87
C ASN B 82 -18.32 9.30 0.61
N MET B 83 -18.06 10.24 -0.29
CA MET B 83 -18.78 10.32 -1.54
C MET B 83 -18.50 9.05 -2.35
N PRO B 84 -19.50 8.52 -3.06
CA PRO B 84 -19.34 7.31 -3.87
C PRO B 84 -18.83 7.62 -5.26
N ASN B 85 -18.38 6.57 -5.93
CA ASN B 85 -17.87 6.67 -7.29
C ASN B 85 -18.87 7.40 -8.18
N VAL B 86 -19.99 6.73 -8.47
CA VAL B 86 -21.03 7.30 -9.31
C VAL B 86 -22.17 7.83 -8.47
N ASN B 87 -22.72 8.97 -8.87
CA ASN B 87 -23.85 9.55 -8.20
C ASN B 87 -24.34 10.79 -8.89
N GLU B 88 -25.57 11.16 -8.56
CA GLU B 88 -26.19 12.34 -9.11
C GLU B 88 -25.76 13.46 -8.20
N PHE B 89 -24.83 14.27 -8.65
CA PHE B 89 -24.38 15.39 -7.87
C PHE B 89 -23.11 15.66 -8.56
N MET B 90 -22.30 14.62 -8.68
CA MET B 90 -21.03 14.79 -9.35
C MET B 90 -21.21 14.48 -10.81
N PHE B 91 -22.45 14.24 -11.20
CA PHE B 91 -22.78 13.93 -12.58
C PHE B 91 -21.98 12.73 -13.04
N THR B 92 -22.19 11.60 -12.40
CA THR B 92 -21.50 10.38 -12.77
C THR B 92 -22.52 9.26 -12.85
N ASN B 93 -23.79 9.63 -12.92
CA ASN B 93 -24.84 8.64 -12.99
C ASN B 93 -25.69 8.87 -14.22
N LYS B 94 -25.26 9.74 -15.12
CA LYS B 94 -26.03 10.00 -16.33
C LYS B 94 -25.11 10.13 -17.51
N PHE B 95 -25.64 9.86 -18.69
CA PHE B 95 -24.85 9.98 -19.90
C PHE B 95 -25.76 9.73 -21.08
N LYS B 96 -25.75 10.66 -22.01
CA LYS B 96 -26.59 10.58 -23.19
C LYS B 96 -25.90 9.80 -24.29
N ALA B 97 -26.66 8.91 -24.92
CA ALA B 97 -26.19 8.09 -26.01
C ALA B 97 -27.32 8.04 -27.03
N ARG B 98 -26.97 7.84 -28.28
CA ARG B 98 -27.96 7.75 -29.36
C ARG B 98 -28.05 6.31 -29.84
N VAL B 99 -29.21 5.71 -29.74
CA VAL B 99 -29.36 4.32 -30.14
C VAL B 99 -30.47 4.04 -31.13
N MET B 100 -30.53 2.81 -31.62
CA MET B 100 -31.59 2.43 -32.53
C MET B 100 -32.82 2.23 -31.67
N VAL B 101 -33.95 2.77 -32.12
CA VAL B 101 -35.17 2.68 -31.36
C VAL B 101 -36.34 2.14 -32.17
N SER B 102 -36.14 1.96 -33.47
CA SER B 102 -37.20 1.46 -34.34
C SER B 102 -36.73 0.91 -35.68
N ARG B 103 -37.31 -0.21 -36.07
CA ARG B 103 -36.95 -0.83 -37.32
C ARG B 103 -38.18 -1.44 -37.97
N SER B 104 -38.66 -0.81 -39.03
CA SER B 104 -39.85 -1.28 -39.73
C SER B 104 -39.66 -1.13 -41.24
N LEU B 105 -40.26 -2.06 -42.01
CA LEU B 105 -40.18 -2.11 -43.49
C LEU B 105 -41.05 -0.97 -44.08
N THR B 106 -40.45 0.17 -44.34
CA THR B 106 -41.26 1.29 -44.84
C THR B 106 -42.25 0.92 -45.94
N LYS B 107 -43.26 1.78 -46.04
CA LYS B 107 -44.38 1.70 -47.00
C LYS B 107 -44.19 1.15 -48.41
N ASP B 108 -43.04 1.38 -49.05
CA ASP B 108 -42.90 0.86 -50.40
C ASP B 108 -42.26 -0.55 -50.43
N LYS B 109 -40.99 -0.63 -50.05
CA LYS B 109 -40.24 -1.89 -50.00
C LYS B 109 -38.85 -1.58 -49.45
N GLN B 110 -38.60 -0.28 -49.29
CA GLN B 110 -37.35 0.22 -48.72
C GLN B 110 -37.62 0.21 -47.24
N VAL B 111 -36.59 0.46 -46.47
CA VAL B 111 -36.79 0.37 -45.05
C VAL B 111 -36.48 1.62 -44.28
N GLU B 112 -36.92 1.59 -43.04
CA GLU B 112 -36.75 2.70 -42.16
C GLU B 112 -36.06 2.36 -40.85
N LEU B 113 -35.08 3.19 -40.55
CA LEU B 113 -34.29 3.07 -39.35
C LEU B 113 -34.31 4.45 -38.74
N LYS B 114 -34.97 4.57 -37.59
CA LYS B 114 -35.02 5.83 -36.89
C LYS B 114 -34.24 5.68 -35.59
N TYR B 115 -33.43 6.68 -35.28
CA TYR B 115 -32.62 6.66 -34.08
C TYR B 115 -33.00 7.82 -33.18
N GLU B 116 -32.59 7.74 -31.92
CA GLU B 116 -32.90 8.82 -30.99
C GLU B 116 -31.90 8.85 -29.82
N TRP B 117 -31.78 10.02 -29.19
CA TRP B 117 -30.89 10.20 -28.05
C TRP B 117 -31.69 9.98 -26.79
N VAL B 118 -31.14 9.17 -25.90
CA VAL B 118 -31.83 8.84 -24.68
C VAL B 118 -30.83 8.96 -23.59
N GLU B 119 -31.29 9.33 -22.40
CA GLU B 119 -30.40 9.50 -21.29
C GLU B 119 -30.53 8.28 -20.40
N PHE B 120 -29.44 7.60 -20.15
CA PHE B 120 -29.53 6.45 -19.30
C PHE B 120 -28.93 6.80 -17.99
N THR B 121 -29.51 6.29 -16.92
CA THR B 121 -28.98 6.56 -15.61
C THR B 121 -28.60 5.31 -14.83
N LEU B 122 -27.53 5.41 -14.05
CA LEU B 122 -27.08 4.28 -13.27
C LEU B 122 -27.62 4.27 -11.88
N PRO B 123 -27.63 3.09 -11.26
CA PRO B 123 -28.11 3.00 -9.89
C PRO B 123 -26.95 3.59 -9.09
N GLU B 124 -27.23 4.55 -8.22
CA GLU B 124 -26.14 5.15 -7.45
C GLU B 124 -25.37 4.11 -6.65
N GLY B 125 -24.06 4.30 -6.52
CA GLY B 125 -23.26 3.36 -5.76
C GLY B 125 -21.78 3.59 -6.02
N ASN B 126 -20.92 2.94 -5.25
CA ASN B 126 -19.48 3.08 -5.45
C ASN B 126 -19.03 1.86 -6.23
N TYR B 127 -18.46 2.08 -7.41
CA TYR B 127 -18.04 0.97 -8.23
C TYR B 127 -16.59 0.82 -8.55
N SER B 128 -16.36 -0.13 -9.45
CA SER B 128 -15.06 -0.48 -9.95
C SER B 128 -14.89 0.29 -11.22
N GLU B 129 -13.70 0.19 -11.77
CA GLU B 129 -13.39 0.85 -13.01
C GLU B 129 -14.17 0.15 -14.08
N THR B 130 -14.28 -1.16 -13.92
CA THR B 130 -14.95 -2.01 -14.89
C THR B 130 -16.45 -2.10 -14.66
N MET B 131 -16.85 -2.70 -13.55
CA MET B 131 -18.26 -2.88 -13.26
C MET B 131 -19.05 -1.63 -13.60
N THR B 132 -18.38 -0.49 -13.62
CA THR B 132 -19.07 0.75 -13.97
C THR B 132 -19.41 0.60 -15.43
N ILE B 133 -18.38 0.38 -16.24
CA ILE B 133 -18.57 0.17 -17.68
C ILE B 133 -19.79 -0.72 -17.84
N ASP B 134 -19.67 -1.94 -17.33
CA ASP B 134 -20.75 -2.92 -17.38
C ASP B 134 -22.09 -2.31 -17.08
N LEU B 135 -22.18 -1.60 -15.96
CA LEU B 135 -23.42 -0.97 -15.59
C LEU B 135 -23.97 -0.12 -16.73
N MET B 136 -23.08 0.51 -17.48
CA MET B 136 -23.45 1.34 -18.61
C MET B 136 -23.97 0.50 -19.75
N ASN B 137 -23.21 -0.53 -20.14
CA ASN B 137 -23.66 -1.39 -21.21
C ASN B 137 -25.02 -1.93 -20.85
N ASN B 138 -25.19 -2.39 -19.62
CA ASN B 138 -26.46 -2.90 -19.17
C ASN B 138 -27.53 -1.83 -19.37
N ALA B 139 -27.28 -0.63 -18.88
CA ALA B 139 -28.25 0.43 -19.02
C ALA B 139 -28.64 0.68 -20.49
N ILE B 140 -27.79 0.26 -21.41
CA ILE B 140 -28.07 0.43 -22.85
C ILE B 140 -29.10 -0.64 -23.22
N VAL B 141 -28.80 -1.85 -22.79
CA VAL B 141 -29.63 -3.03 -23.02
C VAL B 141 -31.02 -2.83 -22.41
N GLU B 142 -31.02 -2.55 -21.11
CA GLU B 142 -32.25 -2.35 -20.35
C GLU B 142 -33.21 -1.48 -21.13
N HIS B 143 -32.66 -0.60 -21.96
CA HIS B 143 -33.49 0.28 -22.76
C HIS B 143 -33.97 -0.45 -23.99
N TYR B 144 -33.05 -1.17 -24.64
CA TYR B 144 -33.40 -1.95 -25.81
C TYR B 144 -34.63 -2.80 -25.50
N LEU B 145 -34.79 -3.18 -24.23
CA LEU B 145 -35.93 -3.99 -23.86
C LEU B 145 -37.20 -3.16 -23.78
N LYS B 146 -37.21 -2.14 -22.95
CA LYS B 146 -38.41 -1.33 -22.83
C LYS B 146 -38.84 -0.73 -24.16
N VAL B 147 -37.95 -0.72 -25.15
CA VAL B 147 -38.30 -0.15 -26.45
C VAL B 147 -37.79 -0.89 -27.66
N GLY B 148 -36.49 -0.77 -27.91
CA GLY B 148 -35.86 -1.40 -29.06
C GLY B 148 -36.53 -2.61 -29.67
N ARG B 149 -36.20 -3.80 -29.16
CA ARG B 149 -36.74 -5.07 -29.67
C ARG B 149 -38.18 -5.01 -30.12
N GLN B 150 -39.05 -4.62 -29.20
CA GLN B 150 -40.46 -4.54 -29.46
C GLN B 150 -40.80 -3.47 -30.49
N ASN B 151 -39.98 -3.39 -31.53
CA ASN B 151 -40.16 -2.44 -32.62
C ASN B 151 -39.19 -2.77 -33.74
N GLY B 152 -39.05 -4.06 -34.00
CA GLY B 152 -38.18 -4.55 -35.07
C GLY B 152 -36.69 -4.42 -34.90
N VAL B 153 -36.24 -4.13 -33.68
CA VAL B 153 -34.80 -3.97 -33.45
C VAL B 153 -34.18 -5.25 -32.94
N LEU B 154 -33.22 -5.77 -33.69
CA LEU B 154 -32.55 -7.02 -33.31
C LEU B 154 -31.25 -6.74 -32.62
N GLU B 155 -30.99 -7.44 -31.52
CA GLU B 155 -29.74 -7.26 -30.81
C GLU B 155 -28.62 -7.15 -31.85
N SER B 156 -28.78 -7.91 -32.93
CA SER B 156 -27.80 -7.93 -34.03
C SER B 156 -27.51 -6.51 -34.55
N ASP B 157 -28.13 -5.51 -33.93
CA ASP B 157 -27.90 -4.13 -34.37
C ASP B 157 -27.99 -3.08 -33.27
N ILE B 158 -27.73 -3.48 -32.02
CA ILE B 158 -27.74 -2.51 -30.95
C ILE B 158 -26.54 -1.60 -31.23
N GLY B 159 -26.83 -0.30 -31.32
CA GLY B 159 -25.84 0.74 -31.65
C GLY B 159 -24.58 1.09 -30.83
N VAL B 160 -24.62 1.09 -29.49
CA VAL B 160 -23.45 1.44 -28.67
C VAL B 160 -23.04 0.41 -27.62
N LYS B 161 -21.73 0.24 -27.53
CA LYS B 161 -21.15 -0.69 -26.59
C LYS B 161 -19.84 -0.15 -26.07
N PHE B 162 -19.61 -0.30 -24.78
CA PHE B 162 -18.37 0.16 -24.15
C PHE B 162 -17.64 -1.13 -23.83
N ASP B 163 -16.55 -1.40 -24.51
CA ASP B 163 -15.84 -2.66 -24.33
C ASP B 163 -14.46 -2.29 -23.78
N THR B 164 -13.39 -2.97 -24.18
CA THR B 164 -12.04 -2.63 -23.68
C THR B 164 -10.90 -3.36 -24.37
N ARG B 165 -11.13 -3.93 -25.54
CA ARG B 165 -10.03 -4.63 -26.20
C ARG B 165 -9.64 -4.02 -27.53
N ASN B 166 -8.45 -4.40 -27.98
CA ASN B 166 -7.93 -3.93 -29.25
C ASN B 166 -8.50 -4.82 -30.31
N PHE B 167 -9.61 -4.40 -30.87
CA PHE B 167 -10.29 -5.20 -31.88
C PHE B 167 -9.54 -5.41 -33.17
N ARG B 168 -8.24 -5.66 -33.10
CA ARG B 168 -7.51 -5.93 -34.34
C ARG B 168 -6.10 -6.34 -34.10
N LEU B 169 -5.95 -7.28 -33.18
CA LEU B 169 -4.64 -7.77 -32.87
C LEU B 169 -4.33 -8.95 -33.78
N GLY B 170 -5.25 -9.91 -33.84
CA GLY B 170 -5.04 -11.08 -34.68
C GLY B 170 -4.95 -10.74 -36.16
N PHE B 171 -5.45 -9.57 -36.53
CA PHE B 171 -5.46 -9.11 -37.91
C PHE B 171 -4.22 -9.49 -38.71
N ASP B 172 -4.48 -9.92 -39.95
CA ASP B 172 -3.44 -10.32 -40.89
C ASP B 172 -3.45 -9.33 -42.06
N PRO B 173 -2.34 -8.62 -42.26
CA PRO B 173 -2.14 -7.62 -43.31
C PRO B 173 -2.63 -7.98 -44.70
N VAL B 174 -2.60 -9.26 -45.06
CA VAL B 174 -3.02 -9.67 -46.39
C VAL B 174 -4.43 -10.25 -46.48
N THR B 175 -4.74 -11.20 -45.62
CA THR B 175 -6.07 -11.81 -45.63
C THR B 175 -7.13 -10.76 -45.28
N GLY B 176 -6.71 -9.67 -44.66
CA GLY B 176 -7.65 -8.64 -44.26
C GLY B 176 -8.59 -9.13 -43.18
N LEU B 177 -8.13 -10.10 -42.39
CA LEU B 177 -8.94 -10.67 -41.33
C LEU B 177 -8.26 -10.98 -40.02
N VAL B 178 -9.06 -11.11 -38.98
CA VAL B 178 -8.56 -11.44 -37.67
C VAL B 178 -8.40 -12.94 -37.67
N MET B 179 -7.36 -13.41 -38.35
CA MET B 179 -7.08 -14.83 -38.50
C MET B 179 -7.54 -15.83 -37.46
N PRO B 180 -7.12 -15.68 -36.19
CA PRO B 180 -7.53 -16.63 -35.17
C PRO B 180 -9.04 -16.84 -35.00
N GLY B 181 -9.82 -16.13 -35.82
CA GLY B 181 -11.27 -16.26 -35.77
C GLY B 181 -11.92 -15.75 -34.49
N VAL B 182 -11.13 -15.11 -33.64
CA VAL B 182 -11.64 -14.58 -32.38
C VAL B 182 -10.88 -13.31 -32.00
N TYR B 183 -11.61 -12.22 -31.73
CA TYR B 183 -10.94 -10.99 -31.33
C TYR B 183 -10.29 -11.30 -29.98
N THR B 184 -8.96 -11.30 -29.97
CA THR B 184 -8.19 -11.58 -28.76
C THR B 184 -8.66 -10.72 -27.58
N ASN B 185 -9.43 -11.33 -26.69
CA ASN B 185 -10.04 -10.64 -25.54
C ASN B 185 -9.18 -10.07 -24.40
N GLU B 186 -8.06 -9.45 -24.71
CA GLU B 186 -7.26 -8.86 -23.64
C GLU B 186 -7.66 -7.41 -23.45
N ALA B 187 -7.61 -6.90 -22.23
CA ALA B 187 -8.00 -5.54 -21.96
C ALA B 187 -6.91 -4.49 -22.25
N PHE B 188 -7.26 -3.44 -22.98
CA PHE B 188 -6.32 -2.36 -23.31
C PHE B 188 -7.06 -1.02 -23.35
N HIS B 189 -7.42 -0.46 -22.19
CA HIS B 189 -8.12 0.82 -22.14
C HIS B 189 -9.61 0.81 -22.58
N PRO B 190 -10.49 1.47 -21.83
CA PRO B 190 -11.92 1.56 -22.08
C PRO B 190 -12.07 1.99 -23.49
N ASP B 191 -13.14 1.60 -24.22
CA ASP B 191 -13.24 2.12 -25.58
C ASP B 191 -14.69 2.38 -25.84
N ILE B 192 -15.01 2.80 -27.05
CA ILE B 192 -16.40 2.99 -27.37
C ILE B 192 -16.58 2.41 -28.74
N ILE B 193 -17.55 1.51 -28.85
CA ILE B 193 -17.87 0.87 -30.12
C ILE B 193 -19.23 1.31 -30.60
N LEU B 194 -19.24 1.96 -31.75
CA LEU B 194 -20.48 2.45 -32.31
C LEU B 194 -20.92 1.70 -33.53
N LEU B 195 -22.06 2.14 -34.05
CA LEU B 195 -22.64 1.55 -35.25
C LEU B 195 -23.06 2.68 -36.14
N PRO B 196 -23.49 2.35 -37.36
CA PRO B 196 -23.91 3.45 -38.21
C PRO B 196 -25.09 4.17 -37.60
N GLY B 197 -25.17 5.47 -37.85
CA GLY B 197 -26.29 6.25 -37.36
C GLY B 197 -26.42 6.51 -35.88
N CYS B 198 -25.36 6.31 -35.11
CA CYS B 198 -25.51 6.61 -33.69
C CYS B 198 -24.19 7.01 -33.05
N GLY B 199 -24.25 7.32 -31.76
CA GLY B 199 -23.07 7.74 -31.04
C GLY B 199 -23.37 8.07 -29.60
N VAL B 200 -22.43 8.71 -28.92
CA VAL B 200 -22.64 9.04 -27.54
C VAL B 200 -22.15 10.44 -27.22
N ASP B 201 -22.77 11.05 -26.23
CA ASP B 201 -22.41 12.39 -25.82
C ASP B 201 -22.20 12.40 -24.30
N PHE B 202 -21.16 13.09 -23.86
CA PHE B 202 -20.88 13.17 -22.43
C PHE B 202 -20.96 14.60 -21.96
N THR B 203 -21.44 15.47 -22.83
CA THR B 203 -21.56 16.88 -22.55
C THR B 203 -21.92 17.21 -21.10
N HIS B 204 -22.61 16.30 -20.43
CA HIS B 204 -22.98 16.52 -19.04
C HIS B 204 -22.68 15.32 -18.17
N SER B 205 -21.44 14.85 -18.22
CA SER B 205 -21.05 13.71 -17.42
C SER B 205 -19.56 13.58 -17.31
N ARG B 206 -19.11 13.26 -16.10
CA ARG B 206 -17.71 13.09 -15.86
C ARG B 206 -17.31 11.66 -16.18
N LEU B 207 -18.31 10.83 -16.47
CA LEU B 207 -18.02 9.44 -16.79
C LEU B 207 -17.00 9.38 -17.90
N SER B 208 -16.98 10.40 -18.74
CA SER B 208 -16.02 10.44 -19.83
C SER B 208 -14.66 10.12 -19.28
N ASN B 209 -14.31 10.80 -18.20
CA ASN B 209 -13.02 10.63 -17.55
C ASN B 209 -12.82 9.21 -17.10
N LEU B 210 -13.88 8.58 -16.60
CA LEU B 210 -13.78 7.21 -16.16
C LEU B 210 -13.29 6.38 -17.34
N LEU B 211 -13.87 6.59 -18.51
CA LEU B 211 -13.43 5.88 -19.71
C LEU B 211 -12.00 6.28 -20.03
N GLY B 212 -11.71 7.55 -19.90
CA GLY B 212 -10.36 7.98 -20.19
C GLY B 212 -10.23 8.48 -21.61
N ILE B 213 -11.31 9.08 -22.11
CA ILE B 213 -11.34 9.64 -23.45
C ILE B 213 -11.57 11.12 -23.16
N ARG B 214 -10.50 11.90 -23.18
CA ARG B 214 -10.64 13.33 -22.90
C ARG B 214 -10.52 14.14 -24.17
N LYS B 215 -11.25 15.26 -24.17
CA LYS B 215 -11.28 16.18 -25.29
C LYS B 215 -9.93 16.88 -25.34
N ARG B 216 -9.33 16.95 -26.52
CA ARG B 216 -8.01 17.56 -26.64
C ARG B 216 -7.94 19.05 -26.27
N GLN B 217 -9.08 19.72 -26.13
CA GLN B 217 -9.05 21.11 -25.72
C GLN B 217 -10.30 21.46 -24.94
N PRO B 218 -10.46 20.82 -23.80
CA PRO B 218 -11.50 20.84 -22.77
C PRO B 218 -12.39 22.04 -22.62
N PHE B 219 -11.83 23.23 -22.55
CA PHE B 219 -12.68 24.39 -22.36
C PHE B 219 -13.74 24.64 -23.44
N GLN B 220 -14.11 23.59 -24.17
CA GLN B 220 -15.11 23.68 -25.23
C GLN B 220 -16.39 23.03 -24.75
N GLU B 221 -17.37 23.81 -24.32
CA GLU B 221 -18.58 23.15 -23.86
C GLU B 221 -19.07 22.20 -24.95
N GLY B 222 -19.36 20.96 -24.56
CA GLY B 222 -19.87 19.97 -25.49
C GLY B 222 -18.98 18.77 -25.80
N PHE B 223 -19.52 17.56 -25.66
CA PHE B 223 -18.74 16.37 -25.96
C PHE B 223 -19.54 15.30 -26.68
N ARG B 224 -19.64 15.41 -27.99
CA ARG B 224 -20.36 14.44 -28.78
C ARG B 224 -19.39 13.68 -29.66
N ILE B 225 -19.52 12.36 -29.64
CA ILE B 225 -18.64 11.55 -30.45
C ILE B 225 -19.56 10.56 -31.19
N THR B 226 -19.70 10.74 -32.49
CA THR B 226 -20.60 9.89 -33.27
C THR B 226 -19.88 8.99 -34.25
N TYR B 227 -20.67 8.22 -34.98
CA TYR B 227 -20.15 7.28 -35.95
C TYR B 227 -19.24 7.96 -36.94
N ASP B 228 -19.81 8.89 -37.69
CA ASP B 228 -19.07 9.63 -38.69
C ASP B 228 -17.71 10.13 -38.19
N ASP B 229 -17.58 10.34 -36.88
CA ASP B 229 -16.32 10.81 -36.33
C ASP B 229 -15.30 9.70 -36.30
N LEU B 230 -15.70 8.55 -35.76
CA LEU B 230 -14.82 7.39 -35.72
C LEU B 230 -14.61 6.94 -37.15
N GLU B 231 -13.70 7.58 -37.86
CA GLU B 231 -13.48 7.19 -39.23
C GLU B 231 -12.20 6.40 -39.34
N GLY B 232 -12.17 5.44 -40.26
CA GLY B 232 -10.99 4.62 -40.41
C GLY B 232 -10.77 3.91 -39.08
N GLY B 233 -11.09 2.63 -39.04
CA GLY B 233 -10.93 1.90 -37.80
C GLY B 233 -12.25 1.23 -37.45
N ASN B 234 -12.77 0.50 -38.41
CA ASN B 234 -14.01 -0.24 -38.21
C ASN B 234 -13.45 -1.60 -37.82
N ILE B 235 -14.07 -2.25 -36.85
CA ILE B 235 -13.58 -3.55 -36.44
C ILE B 235 -13.53 -4.55 -37.61
N PRO B 236 -12.34 -5.08 -37.92
CA PRO B 236 -12.19 -6.05 -39.01
C PRO B 236 -12.99 -7.28 -38.60
N ALA B 237 -13.38 -8.09 -39.59
CA ALA B 237 -14.16 -9.29 -39.29
C ALA B 237 -13.32 -10.52 -38.93
N LEU B 238 -13.90 -11.40 -38.13
CA LEU B 238 -13.20 -12.62 -37.73
C LEU B 238 -13.20 -13.56 -38.91
N LEU B 239 -12.08 -14.24 -39.16
CA LEU B 239 -12.01 -15.18 -40.27
C LEU B 239 -12.82 -16.44 -39.95
N ASP B 240 -13.41 -17.06 -40.98
CA ASP B 240 -14.18 -18.28 -40.74
C ASP B 240 -13.20 -19.40 -40.41
N VAL B 241 -13.18 -19.78 -39.14
CA VAL B 241 -12.28 -20.83 -38.69
C VAL B 241 -12.59 -22.17 -39.32
N ASP B 242 -13.85 -22.58 -39.24
CA ASP B 242 -14.29 -23.86 -39.79
C ASP B 242 -14.12 -23.96 -41.30
N ALA B 243 -14.75 -23.04 -42.04
CA ALA B 243 -14.65 -23.05 -43.49
C ALA B 243 -13.21 -23.36 -43.88
N TYR B 244 -12.27 -22.67 -43.24
CA TYR B 244 -10.85 -22.86 -43.50
C TYR B 244 -10.37 -24.26 -43.10
N GLN B 245 -10.63 -24.64 -41.86
CA GLN B 245 -10.22 -25.96 -41.36
C GLN B 245 -10.86 -27.08 -42.18
N ALA B 246 -12.18 -27.01 -42.31
CA ALA B 246 -12.94 -28.00 -43.05
C ALA B 246 -12.38 -28.21 -44.46
N SER B 247 -11.71 -27.20 -44.99
CA SER B 247 -11.14 -27.30 -46.31
C SER B 247 -9.76 -27.94 -46.27
N LEU B 248 -9.19 -28.15 -47.45
CA LEU B 248 -7.88 -28.77 -47.63
C LEU B 248 -7.97 -30.29 -47.84
N LYS B 249 -8.65 -30.66 -48.94
CA LYS B 249 -8.89 -32.02 -49.40
C LYS B 249 -8.74 -31.99 -50.93
N ASP B 250 -9.40 -31.00 -51.54
CA ASP B 250 -9.37 -30.77 -52.98
C ASP B 250 -9.19 -29.27 -53.28
N PRO B 325 -8.66 -22.13 -59.41
CA PRO B 325 -7.58 -23.10 -59.65
C PRO B 325 -7.70 -24.24 -58.62
N GLN B 326 -7.41 -23.90 -57.37
CA GLN B 326 -7.48 -24.82 -56.22
C GLN B 326 -7.62 -24.03 -54.91
N LYS B 327 -7.97 -22.75 -55.04
CA LYS B 327 -8.13 -21.82 -53.92
C LYS B 327 -8.61 -22.41 -52.57
N LYS B 328 -8.30 -21.69 -51.50
CA LYS B 328 -8.68 -22.12 -50.16
C LYS B 328 -9.83 -21.31 -49.53
N PRO B 329 -10.42 -21.85 -48.44
CA PRO B 329 -11.53 -21.31 -47.65
C PRO B 329 -11.23 -20.02 -46.89
N VAL B 330 -9.99 -19.54 -47.03
CA VAL B 330 -9.55 -18.31 -46.38
C VAL B 330 -10.59 -17.20 -46.51
N ILE B 331 -10.58 -16.57 -47.68
CA ILE B 331 -11.45 -15.46 -48.04
C ILE B 331 -12.76 -15.36 -47.21
N LYS B 332 -13.32 -16.49 -46.80
CA LYS B 332 -14.57 -16.46 -46.05
C LYS B 332 -14.47 -15.85 -44.66
N PRO B 333 -14.97 -14.61 -44.52
CA PRO B 333 -14.95 -13.91 -43.24
C PRO B 333 -16.26 -14.28 -42.60
N LEU B 334 -16.21 -14.80 -41.38
CA LEU B 334 -17.42 -15.21 -40.69
C LEU B 334 -18.48 -14.12 -40.85
N THR B 335 -19.75 -14.50 -40.79
CA THR B 335 -20.80 -13.50 -40.95
C THR B 335 -21.67 -13.36 -39.74
N GLU B 336 -21.87 -14.46 -39.03
CA GLU B 336 -22.73 -14.44 -37.87
C GLU B 336 -22.26 -15.47 -36.87
N ASP B 337 -22.85 -15.47 -35.69
CA ASP B 337 -22.40 -16.43 -34.72
C ASP B 337 -23.54 -17.18 -34.08
N SER B 338 -23.26 -18.44 -33.74
CA SER B 338 -24.20 -19.35 -33.07
C SER B 338 -25.40 -18.56 -32.60
N LYS B 339 -26.57 -18.91 -33.10
CA LYS B 339 -27.81 -18.20 -32.78
C LYS B 339 -27.87 -17.08 -33.82
N LYS B 340 -27.08 -17.30 -34.87
CA LYS B 340 -26.97 -16.41 -36.03
C LYS B 340 -27.20 -14.92 -35.76
N ARG B 341 -26.20 -14.27 -35.18
CA ARG B 341 -26.28 -12.83 -34.90
C ARG B 341 -25.48 -12.18 -36.04
N SER B 342 -26.09 -11.26 -36.76
CA SER B 342 -25.39 -10.60 -37.87
C SER B 342 -24.20 -9.78 -37.44
N TYR B 343 -23.10 -9.86 -38.17
CA TYR B 343 -21.94 -9.05 -37.82
C TYR B 343 -21.95 -7.84 -38.71
N ASN B 344 -23.09 -7.61 -39.35
CA ASN B 344 -23.24 -6.45 -40.22
C ASN B 344 -21.95 -6.12 -40.96
N LEU B 345 -21.65 -6.81 -42.05
CA LEU B 345 -20.43 -6.47 -42.79
C LEU B 345 -20.81 -5.51 -43.88
N ILE B 346 -19.98 -4.51 -44.11
CA ILE B 346 -20.26 -3.52 -45.12
C ILE B 346 -20.73 -4.15 -46.45
N SER B 347 -19.84 -4.90 -47.10
CA SER B 347 -20.18 -5.58 -48.37
C SER B 347 -20.15 -7.07 -48.11
N ASN B 348 -20.70 -7.84 -49.04
CA ASN B 348 -20.68 -9.30 -48.94
C ASN B 348 -19.24 -9.66 -49.29
N ASP B 349 -18.51 -8.59 -49.64
CA ASP B 349 -17.10 -8.62 -50.04
C ASP B 349 -16.15 -8.23 -48.90
N SER B 350 -16.01 -6.92 -48.67
CA SER B 350 -15.12 -6.36 -47.65
C SER B 350 -14.96 -7.16 -46.37
N THR B 351 -13.72 -7.18 -45.88
CA THR B 351 -13.37 -7.89 -44.67
C THR B 351 -13.68 -7.10 -43.39
N PHE B 352 -14.18 -5.89 -43.55
CA PHE B 352 -14.49 -5.03 -42.41
C PHE B 352 -15.96 -4.98 -42.03
N THR B 353 -16.23 -5.09 -40.73
CA THR B 353 -17.61 -5.02 -40.24
C THR B 353 -17.97 -3.55 -40.10
N GLN B 354 -19.26 -3.25 -40.00
CA GLN B 354 -19.70 -1.87 -39.86
C GLN B 354 -19.37 -1.30 -38.49
N TYR B 355 -19.14 -2.18 -37.52
CA TYR B 355 -18.81 -1.75 -36.18
C TYR B 355 -17.52 -0.91 -36.14
N ARG B 356 -17.58 0.28 -35.53
CA ARG B 356 -16.39 1.14 -35.43
C ARG B 356 -15.95 1.39 -33.97
N SER B 357 -14.63 1.24 -33.73
CA SER B 357 -14.03 1.44 -32.38
C SER B 357 -13.23 2.72 -32.25
N TRP B 358 -13.40 3.37 -31.10
CA TRP B 358 -12.67 4.59 -30.85
C TRP B 358 -11.20 4.23 -30.82
N TYR B 359 -10.85 3.33 -29.90
CA TYR B 359 -9.48 2.91 -29.75
C TYR B 359 -8.83 2.72 -31.11
N LEU B 360 -9.48 1.91 -31.94
CA LEU B 360 -8.99 1.65 -33.28
C LEU B 360 -8.73 2.93 -34.05
N ALA B 361 -9.73 3.80 -34.05
CA ALA B 361 -9.61 5.06 -34.75
C ALA B 361 -8.38 5.82 -34.29
N TYR B 362 -8.40 6.21 -33.03
CA TYR B 362 -7.31 6.93 -32.41
C TYR B 362 -5.93 6.37 -32.76
N ASN B 363 -5.74 5.08 -32.55
CA ASN B 363 -4.44 4.46 -32.83
C ASN B 363 -4.10 4.08 -34.25
N TYR B 364 -5.11 3.71 -35.03
CA TYR B 364 -4.85 3.26 -36.39
C TYR B 364 -5.25 4.13 -37.58
N GLY B 365 -6.24 4.98 -37.41
CA GLY B 365 -6.65 5.82 -38.54
C GLY B 365 -6.02 7.20 -38.54
N ASP B 366 -5.62 7.65 -39.72
CA ASP B 366 -5.02 8.97 -39.92
C ASP B 366 -4.91 9.84 -38.67
N PRO B 367 -3.68 10.03 -38.16
CA PRO B 367 -3.51 10.86 -36.96
C PRO B 367 -3.80 12.34 -37.16
N GLN B 368 -3.58 12.85 -38.37
CA GLN B 368 -3.83 14.26 -38.61
C GLN B 368 -5.27 14.62 -38.95
N THR B 369 -6.12 13.60 -39.10
CA THR B 369 -7.53 13.79 -39.44
C THR B 369 -8.48 13.05 -38.53
N GLY B 370 -8.09 11.84 -38.15
CA GLY B 370 -8.92 11.01 -37.30
C GLY B 370 -9.26 11.62 -35.96
N ILE B 371 -9.81 10.79 -35.08
CA ILE B 371 -10.16 11.29 -33.78
C ILE B 371 -8.85 11.58 -33.05
N ARG B 372 -7.78 10.86 -33.38
CA ARG B 372 -6.48 11.10 -32.75
C ARG B 372 -6.17 12.60 -32.73
N SER B 373 -6.84 13.34 -33.60
CA SER B 373 -6.64 14.77 -33.69
C SER B 373 -7.28 15.60 -32.58
N TRP B 374 -8.61 15.62 -32.52
CA TRP B 374 -9.35 16.41 -31.52
C TRP B 374 -9.58 15.73 -30.18
N THR B 375 -9.07 14.52 -30.00
CA THR B 375 -9.26 13.86 -28.73
C THR B 375 -7.94 13.42 -28.16
N LEU B 376 -7.96 12.96 -26.91
CA LEU B 376 -6.75 12.49 -26.25
C LEU B 376 -6.93 11.23 -25.43
N LEU B 377 -6.06 10.24 -25.70
CA LEU B 377 -6.11 8.98 -25.00
C LEU B 377 -5.35 9.06 -23.70
N CYS B 378 -6.00 8.69 -22.61
CA CYS B 378 -5.36 8.73 -21.30
C CYS B 378 -5.95 7.85 -20.22
N THR B 379 -5.20 7.75 -19.14
CA THR B 379 -5.57 6.94 -18.00
C THR B 379 -6.95 7.21 -17.48
N PRO B 380 -7.65 6.15 -17.08
CA PRO B 380 -9.01 6.09 -16.53
C PRO B 380 -9.37 6.99 -15.33
N ASP B 381 -8.94 6.60 -14.13
CA ASP B 381 -9.26 7.34 -12.90
C ASP B 381 -10.74 7.11 -12.60
N VAL B 382 -11.02 6.31 -11.59
CA VAL B 382 -12.40 6.07 -11.29
C VAL B 382 -13.05 7.31 -10.72
N THR B 383 -12.36 8.00 -9.82
CA THR B 383 -12.91 9.20 -9.17
C THR B 383 -13.61 10.17 -10.11
N CYS B 384 -13.33 10.04 -11.40
CA CYS B 384 -13.91 10.86 -12.45
C CYS B 384 -13.35 12.26 -12.53
N GLY B 385 -12.42 12.58 -11.65
CA GLY B 385 -11.82 13.90 -11.69
C GLY B 385 -11.59 14.57 -10.35
N SER B 386 -10.33 14.72 -10.01
CA SER B 386 -10.00 15.34 -8.75
C SER B 386 -10.63 16.74 -8.73
N GLU B 387 -11.65 16.95 -7.91
CA GLU B 387 -12.26 18.28 -7.80
C GLU B 387 -11.92 18.80 -6.43
N GLN B 388 -11.90 20.12 -6.28
CA GLN B 388 -11.56 20.68 -4.99
C GLN B 388 -12.75 21.33 -4.29
N VAL B 389 -12.53 21.69 -3.03
CA VAL B 389 -13.54 22.31 -2.22
C VAL B 389 -12.97 23.57 -1.60
N TYR B 390 -13.86 24.45 -1.17
CA TYR B 390 -13.45 25.72 -0.60
C TYR B 390 -14.00 25.94 0.81
N TRP B 391 -13.12 26.24 1.75
CA TRP B 391 -13.55 26.52 3.11
C TRP B 391 -13.92 27.99 3.19
N SER B 392 -14.72 28.34 4.19
CA SER B 392 -15.13 29.72 4.37
C SER B 392 -15.51 29.86 5.83
N LEU B 393 -14.99 30.88 6.51
CA LEU B 393 -15.29 31.08 7.91
C LEU B 393 -15.66 32.54 8.09
N PRO B 394 -16.61 33.00 7.30
CA PRO B 394 -17.20 34.33 7.19
C PRO B 394 -17.29 35.11 8.46
N ASP B 395 -17.71 34.45 9.51
CA ASP B 395 -17.91 35.12 10.78
C ASP B 395 -16.66 35.29 11.65
N MET B 396 -15.53 34.72 11.21
CA MET B 396 -14.30 34.78 11.99
C MET B 396 -13.01 35.20 11.29
N MET B 397 -13.02 35.37 9.99
CA MET B 397 -11.79 35.75 9.33
C MET B 397 -11.96 36.74 8.22
N GLN B 398 -11.06 37.70 8.19
CA GLN B 398 -11.12 38.74 7.20
C GLN B 398 -11.18 38.20 5.80
N ASP B 399 -12.04 38.83 5.03
CA ASP B 399 -12.29 38.45 3.65
C ASP B 399 -11.18 38.79 2.68
N PRO B 400 -10.42 37.78 2.26
CA PRO B 400 -9.29 37.80 1.33
C PRO B 400 -9.42 38.74 0.15
N VAL B 401 -8.32 39.43 -0.10
CA VAL B 401 -8.20 40.42 -1.14
C VAL B 401 -9.43 40.89 -1.88
N THR B 402 -9.72 40.31 -3.03
CA THR B 402 -10.83 40.84 -3.77
C THR B 402 -12.22 40.39 -3.42
N PHE B 403 -12.35 39.48 -2.46
CA PHE B 403 -13.66 38.99 -2.11
C PHE B 403 -14.55 40.01 -1.48
N ARG B 404 -15.80 39.99 -1.94
CA ARG B 404 -16.81 40.90 -1.44
C ARG B 404 -17.41 40.20 -0.25
N SER B 405 -17.81 40.97 0.75
CA SER B 405 -18.42 40.42 1.95
C SER B 405 -19.93 40.27 1.72
N THR B 406 -20.50 39.12 2.04
CA THR B 406 -21.93 38.94 1.84
C THR B 406 -22.56 37.94 2.81
N SER B 407 -23.82 37.60 2.53
CA SER B 407 -24.56 36.66 3.37
C SER B 407 -25.15 35.53 2.55
N GLN B 408 -24.90 35.57 1.26
CA GLN B 408 -25.39 34.54 0.35
C GLN B 408 -24.45 33.34 0.47
N ILE B 409 -24.87 32.33 1.22
CA ILE B 409 -24.06 31.14 1.43
C ILE B 409 -23.24 30.68 0.24
N SER B 410 -23.83 30.76 -0.94
CA SER B 410 -23.15 30.34 -2.14
C SER B 410 -22.21 31.39 -2.73
N ASN B 411 -21.66 32.27 -1.88
CA ASN B 411 -20.73 33.31 -2.35
C ASN B 411 -19.85 33.85 -1.24
N PHE B 412 -19.86 33.19 -0.10
CA PHE B 412 -19.03 33.62 1.02
C PHE B 412 -17.59 33.74 0.55
N PRO B 413 -16.77 34.39 1.37
CA PRO B 413 -15.36 34.55 1.05
C PRO B 413 -14.71 33.20 1.27
N VAL B 414 -13.60 32.94 0.58
CA VAL B 414 -12.89 31.69 0.72
C VAL B 414 -11.57 31.88 1.41
N VAL B 415 -11.26 31.02 2.35
CA VAL B 415 -10.01 31.17 3.05
C VAL B 415 -9.07 30.04 2.74
N GLY B 416 -9.59 28.94 2.24
CA GLY B 416 -8.72 27.84 1.94
C GLY B 416 -9.30 26.91 0.90
N ALA B 417 -8.44 26.38 0.05
CA ALA B 417 -8.89 25.48 -0.99
C ALA B 417 -8.19 24.16 -0.74
N GLU B 418 -8.82 23.08 -1.16
CA GLU B 418 -8.25 21.78 -0.93
C GLU B 418 -8.95 20.75 -1.77
N LEU B 419 -8.22 19.73 -2.18
CA LEU B 419 -8.77 18.69 -3.01
C LEU B 419 -9.78 17.83 -2.27
N LEU B 420 -10.94 17.56 -2.88
CA LEU B 420 -11.95 16.73 -2.22
C LEU B 420 -11.38 15.33 -2.00
N PRO B 421 -11.17 14.96 -0.73
CA PRO B 421 -10.63 13.71 -0.16
C PRO B 421 -10.91 12.40 -0.83
N VAL B 422 -10.53 12.23 -2.08
CA VAL B 422 -10.81 10.98 -2.76
C VAL B 422 -9.65 10.55 -3.62
N HIS B 423 -9.20 9.31 -3.42
CA HIS B 423 -8.09 8.76 -4.18
C HIS B 423 -8.51 7.46 -4.82
N SER B 424 -7.68 6.93 -5.70
CA SER B 424 -8.00 5.69 -6.37
C SER B 424 -6.97 4.61 -6.08
N LYS B 425 -7.37 3.60 -5.32
CA LYS B 425 -6.50 2.50 -4.97
C LYS B 425 -6.55 1.51 -6.13
N SER B 426 -5.43 0.85 -6.38
CA SER B 426 -5.34 -0.12 -7.46
C SER B 426 -5.05 -1.51 -6.93
N PHE B 427 -5.66 -2.52 -7.54
CA PHE B 427 -5.47 -3.91 -7.12
C PHE B 427 -5.24 -4.82 -8.30
N TYR B 428 -4.51 -5.91 -8.07
CA TYR B 428 -4.24 -6.87 -9.13
C TYR B 428 -5.37 -7.85 -9.32
N ASN B 429 -5.82 -7.98 -10.57
CA ASN B 429 -6.94 -8.84 -10.89
C ASN B 429 -6.64 -10.28 -11.30
N ASP B 430 -6.97 -11.23 -10.43
CA ASP B 430 -6.75 -12.64 -10.75
C ASP B 430 -7.95 -13.08 -11.58
N GLN B 431 -9.11 -12.53 -11.20
CA GLN B 431 -10.38 -12.80 -11.86
C GLN B 431 -10.32 -12.46 -13.35
N ALA B 432 -9.14 -12.08 -13.82
CA ALA B 432 -8.96 -11.74 -15.23
C ALA B 432 -9.29 -12.93 -16.10
N VAL B 433 -8.55 -14.02 -15.89
CA VAL B 433 -8.72 -15.23 -16.66
C VAL B 433 -9.67 -16.25 -16.05
N TYR B 434 -9.68 -16.36 -14.73
CA TYR B 434 -10.55 -17.30 -14.05
C TYR B 434 -11.90 -17.44 -14.77
N SER B 435 -12.40 -16.34 -15.33
CA SER B 435 -13.70 -16.33 -16.02
C SER B 435 -13.66 -16.91 -17.43
N GLN B 436 -12.48 -17.01 -18.01
CA GLN B 436 -12.33 -17.56 -19.36
C GLN B 436 -12.40 -19.08 -19.26
N LEU B 437 -12.37 -19.58 -18.03
CA LEU B 437 -12.42 -21.02 -17.79
C LEU B 437 -13.67 -21.39 -17.00
N ILE B 438 -14.79 -20.78 -17.38
CA ILE B 438 -16.08 -21.07 -16.75
C ILE B 438 -17.22 -20.84 -17.74
N ARG B 439 -16.99 -19.99 -18.74
CA ARG B 439 -18.01 -19.73 -19.76
C ARG B 439 -17.64 -20.55 -20.98
N GLN B 440 -16.52 -21.23 -20.85
CA GLN B 440 -16.00 -22.14 -21.86
C GLN B 440 -16.61 -23.49 -21.48
N PHE B 441 -17.08 -23.53 -20.24
CA PHE B 441 -17.75 -24.67 -19.64
C PHE B 441 -19.15 -24.12 -19.35
N THR B 442 -19.99 -24.07 -20.38
CA THR B 442 -21.34 -23.50 -20.35
C THR B 442 -22.17 -23.58 -19.02
N SER B 443 -22.85 -22.48 -18.70
CA SER B 443 -23.70 -22.35 -17.51
C SER B 443 -24.39 -20.99 -17.64
N LEU B 444 -25.33 -20.73 -16.74
CA LEU B 444 -26.09 -19.48 -16.72
C LEU B 444 -25.33 -18.22 -17.16
N THR B 445 -26.06 -17.11 -17.27
CA THR B 445 -25.46 -15.86 -17.69
C THR B 445 -25.90 -14.69 -16.81
N HIS B 446 -25.07 -13.64 -16.83
CA HIS B 446 -25.37 -12.44 -16.07
C HIS B 446 -26.05 -11.46 -16.95
N VAL B 447 -26.66 -10.48 -16.31
CA VAL B 447 -27.35 -9.45 -17.04
C VAL B 447 -26.33 -8.70 -17.87
N PHE B 448 -25.07 -9.12 -17.71
CA PHE B 448 -23.93 -8.51 -18.38
C PHE B 448 -23.49 -9.21 -19.65
N ASN B 449 -23.60 -10.54 -19.69
CA ASN B 449 -23.18 -11.22 -20.90
C ASN B 449 -24.37 -11.79 -21.63
N ARG B 450 -25.32 -10.93 -22.00
CA ARG B 450 -26.50 -11.42 -22.68
C ARG B 450 -26.25 -11.86 -24.11
N PHE B 451 -25.00 -11.87 -24.55
CA PHE B 451 -24.69 -12.27 -25.92
C PHE B 451 -23.35 -12.98 -25.96
N PRO B 452 -23.14 -13.93 -25.03
CA PRO B 452 -21.93 -14.72 -24.87
C PRO B 452 -21.30 -15.12 -26.18
N GLU B 453 -22.13 -15.67 -27.04
CA GLU B 453 -21.70 -16.14 -28.33
C GLU B 453 -21.70 -15.01 -29.35
N ASN B 454 -20.98 -13.93 -29.09
CA ASN B 454 -20.99 -12.89 -30.10
C ASN B 454 -19.67 -12.24 -30.44
N GLN B 455 -18.64 -12.47 -29.65
CA GLN B 455 -17.35 -11.89 -29.97
C GLN B 455 -17.34 -10.37 -30.08
N ILE B 456 -18.51 -9.75 -29.95
CA ILE B 456 -18.56 -8.31 -30.01
C ILE B 456 -19.49 -7.76 -28.96
N LEU B 457 -20.72 -8.23 -28.93
CA LEU B 457 -21.64 -7.75 -27.89
C LEU B 457 -21.35 -8.61 -26.66
N ALA B 458 -20.24 -9.33 -26.70
CA ALA B 458 -19.83 -10.19 -25.59
C ALA B 458 -19.75 -9.35 -24.33
N ARG B 459 -18.78 -9.67 -23.48
CA ARG B 459 -18.59 -8.88 -22.27
C ARG B 459 -17.15 -8.47 -22.25
N PRO B 460 -16.90 -7.16 -22.30
CA PRO B 460 -15.52 -6.69 -22.28
C PRO B 460 -14.71 -7.42 -21.22
N PRO B 461 -13.48 -7.80 -21.57
CA PRO B 461 -12.56 -8.52 -20.71
C PRO B 461 -12.21 -7.69 -19.50
N ALA B 462 -12.15 -8.32 -18.33
CA ALA B 462 -11.79 -7.61 -17.11
C ALA B 462 -10.31 -7.27 -17.14
N PRO B 463 -9.97 -5.98 -16.99
CA PRO B 463 -8.55 -5.66 -17.03
C PRO B 463 -7.88 -6.09 -15.75
N THR B 464 -6.61 -6.49 -15.85
CA THR B 464 -5.85 -6.86 -14.68
C THR B 464 -5.61 -5.48 -14.07
N ILE B 465 -5.65 -5.37 -12.74
CA ILE B 465 -5.43 -4.06 -12.12
C ILE B 465 -6.64 -3.15 -12.23
N THR B 466 -7.59 -3.32 -11.32
CA THR B 466 -8.77 -2.48 -11.33
C THR B 466 -8.53 -1.39 -10.33
N THR B 467 -9.25 -0.31 -10.47
CA THR B 467 -9.11 0.80 -9.54
C THR B 467 -10.44 0.98 -8.84
N VAL B 468 -10.40 1.56 -7.65
CA VAL B 468 -11.63 1.78 -6.90
C VAL B 468 -11.58 3.09 -6.15
N SER B 469 -12.59 3.92 -6.31
CA SER B 469 -12.62 5.19 -5.62
C SER B 469 -12.63 4.91 -4.14
N GLU B 470 -11.74 5.55 -3.41
CA GLU B 470 -11.67 5.33 -1.96
C GLU B 470 -11.65 6.66 -1.23
N ASN B 471 -12.47 6.77 -0.19
CA ASN B 471 -12.54 7.99 0.61
C ASN B 471 -11.49 7.96 1.71
N VAL B 472 -10.88 9.10 2.01
CA VAL B 472 -9.85 9.11 3.03
C VAL B 472 -9.83 10.42 3.80
N PRO B 473 -9.53 10.34 5.12
CA PRO B 473 -9.48 11.55 5.93
C PRO B 473 -8.33 12.40 5.46
N ALA B 474 -8.56 13.70 5.36
CA ALA B 474 -7.53 14.61 4.90
C ALA B 474 -7.14 15.62 5.97
N LEU B 475 -6.03 15.34 6.62
CA LEU B 475 -5.51 16.23 7.64
C LEU B 475 -4.72 17.26 6.90
N THR B 476 -5.43 18.24 6.37
CA THR B 476 -4.82 19.31 5.61
C THR B 476 -4.40 20.47 6.50
N ASP B 477 -3.82 21.49 5.89
CA ASP B 477 -3.36 22.66 6.62
C ASP B 477 -3.27 23.87 5.72
N HIS B 478 -4.19 24.81 5.90
CA HIS B 478 -4.19 26.03 5.11
C HIS B 478 -3.22 26.95 5.80
N GLY B 479 -2.82 28.03 5.15
CA GLY B 479 -1.86 28.91 5.76
C GLY B 479 -2.24 29.56 7.08
N THR B 480 -1.74 30.77 7.26
CA THR B 480 -2.04 31.57 8.42
C THR B 480 -2.78 32.76 7.83
N LEU B 481 -3.99 33.01 8.32
CA LEU B 481 -4.85 34.07 7.80
C LEU B 481 -5.12 35.21 8.75
N PRO B 482 -5.47 36.36 8.19
CA PRO B 482 -5.77 37.55 9.00
C PRO B 482 -7.17 37.38 9.52
N LEU B 483 -7.43 37.73 10.78
CA LEU B 483 -8.78 37.60 11.32
C LEU B 483 -9.25 38.82 12.09
N ARG B 484 -10.56 38.90 12.32
CA ARG B 484 -11.17 40.02 13.04
C ARG B 484 -10.73 39.95 14.47
N ASN B 485 -10.78 41.06 15.21
CA ASN B 485 -10.35 41.05 16.61
C ASN B 485 -11.51 40.91 17.58
N SER B 486 -12.67 40.57 17.03
CA SER B 486 -13.85 40.40 17.84
C SER B 486 -14.54 39.18 17.29
N ILE B 487 -14.07 38.02 17.73
CA ILE B 487 -14.61 36.78 17.27
C ILE B 487 -15.92 36.45 17.97
N GLY B 488 -16.98 36.35 17.18
CA GLY B 488 -18.31 36.08 17.71
C GLY B 488 -18.48 34.76 18.41
N GLY B 489 -19.34 34.75 19.42
CA GLY B 489 -19.58 33.53 20.16
C GLY B 489 -19.94 32.36 19.26
N VAL B 490 -20.64 32.64 18.17
CA VAL B 490 -21.02 31.58 17.24
C VAL B 490 -20.51 31.81 15.85
N GLN B 491 -19.65 30.91 15.41
CA GLN B 491 -19.04 30.98 14.10
C GLN B 491 -19.78 30.08 13.14
N ARG B 492 -19.62 30.36 11.87
CA ARG B 492 -20.27 29.56 10.86
C ARG B 492 -19.22 28.96 9.96
N VAL B 493 -19.27 27.64 9.80
CA VAL B 493 -18.32 26.94 8.96
C VAL B 493 -19.03 26.57 7.68
N THR B 494 -18.32 26.56 6.57
CA THR B 494 -18.93 26.21 5.29
C THR B 494 -17.99 25.70 4.23
N ILE B 495 -18.21 24.45 3.82
CA ILE B 495 -17.41 23.86 2.79
C ILE B 495 -18.17 23.90 1.50
N THR B 496 -17.52 24.31 0.43
CA THR B 496 -18.18 24.42 -0.85
C THR B 496 -17.39 23.74 -1.94
N ASP B 497 -18.05 23.43 -3.04
CA ASP B 497 -17.38 22.75 -4.13
C ASP B 497 -17.13 23.70 -5.28
N ALA B 498 -16.40 23.23 -6.27
CA ALA B 498 -16.08 24.03 -7.43
C ALA B 498 -17.24 24.89 -7.94
N ARG B 499 -18.43 24.30 -8.01
CA ARG B 499 -19.61 24.99 -8.51
C ARG B 499 -20.26 25.88 -7.47
N ARG B 500 -19.81 25.74 -6.22
CA ARG B 500 -20.31 26.54 -5.11
C ARG B 500 -21.66 26.10 -4.60
N ARG B 501 -21.62 25.08 -3.77
CA ARG B 501 -22.81 24.53 -3.17
C ARG B 501 -22.30 23.60 -2.09
N THR B 502 -23.11 23.39 -1.06
CA THR B 502 -22.69 22.51 0.02
C THR B 502 -22.42 21.14 -0.60
N CYS B 503 -21.77 20.25 0.13
CA CYS B 503 -21.46 18.93 -0.40
C CYS B 503 -21.95 17.86 0.56
N PRO B 504 -23.12 17.30 0.29
CA PRO B 504 -23.78 16.26 1.07
C PRO B 504 -22.89 15.17 1.60
N TYR B 505 -21.88 14.81 0.83
CA TYR B 505 -20.98 13.73 1.23
C TYR B 505 -19.88 14.06 2.25
N VAL B 506 -20.16 14.99 3.15
CA VAL B 506 -19.17 15.35 4.17
C VAL B 506 -19.58 14.79 5.52
N TYR B 507 -18.77 13.90 6.06
CA TYR B 507 -19.04 13.28 7.35
C TYR B 507 -18.44 14.10 8.49
N LYS B 508 -17.28 14.68 8.27
CA LYS B 508 -16.70 15.48 9.34
C LYS B 508 -15.78 16.59 8.92
N ALA B 509 -16.03 17.76 9.50
CA ALA B 509 -15.23 18.94 9.24
C ALA B 509 -14.74 19.36 10.62
N LEU B 510 -13.47 19.73 10.71
CA LEU B 510 -12.91 20.15 11.98
C LEU B 510 -11.92 21.25 11.80
N GLY B 511 -12.05 22.32 12.57
CA GLY B 511 -11.11 23.39 12.40
C GLY B 511 -10.41 23.84 13.65
N ILE B 512 -9.11 24.08 13.54
CA ILE B 512 -8.36 24.57 14.68
C ILE B 512 -7.68 25.87 14.29
N VAL B 513 -7.90 26.93 15.06
CA VAL B 513 -7.28 28.19 14.72
C VAL B 513 -6.39 28.65 15.84
N SER B 514 -5.23 29.16 15.47
CA SER B 514 -4.23 29.62 16.43
C SER B 514 -3.88 31.07 16.15
N PRO B 515 -4.63 32.01 16.70
CA PRO B 515 -4.30 33.40 16.44
C PRO B 515 -2.96 33.80 17.02
N ARG B 516 -2.31 34.78 16.40
CA ARG B 516 -1.03 35.29 16.86
C ARG B 516 -0.82 36.63 16.20
N VAL B 517 -0.25 37.57 16.95
CA VAL B 517 -0.04 38.94 16.46
C VAL B 517 0.81 39.03 15.20
N LEU B 518 0.42 39.93 14.30
CA LEU B 518 1.08 40.10 13.02
C LEU B 518 1.74 41.45 12.79
N SER B 519 1.12 42.50 13.29
CA SER B 519 1.65 43.85 13.13
C SER B 519 0.94 44.78 14.11
N SER B 520 1.08 46.08 13.95
CA SER B 520 0.43 46.99 14.88
C SER B 520 -0.39 48.09 14.26
N ARG B 521 -1.44 48.49 14.97
CA ARG B 521 -2.33 49.53 14.49
C ARG B 521 -2.03 50.86 15.16
N THR B 522 -1.10 50.86 16.02
N THR C 1 7.05 46.78 8.54
CA THR C 1 5.57 46.64 8.50
C THR C 1 4.80 47.98 8.57
N GLY C 2 4.63 48.55 9.77
CA GLY C 2 3.91 49.83 9.92
C GLY C 2 3.03 50.35 8.78
N GLY C 3 3.55 51.23 7.94
CA GLY C 3 2.74 51.76 6.83
C GLY C 3 2.89 50.95 5.55
N ARG C 4 3.84 50.02 5.57
CA ARG C 4 4.16 49.19 4.43
C ARG C 4 3.27 47.98 4.15
N ASN C 5 2.24 47.73 4.95
CA ASN C 5 1.37 46.56 4.71
C ASN C 5 0.35 46.75 3.62
N SER C 6 -0.66 47.54 3.94
CA SER C 6 -1.73 47.82 3.01
C SER C 6 -1.73 47.03 1.69
N ILE C 7 -2.72 46.16 1.54
CA ILE C 7 -2.92 45.41 0.33
C ILE C 7 -4.23 45.98 -0.12
N ARG C 8 -4.23 46.72 -1.23
CA ARG C 8 -5.45 47.38 -1.66
C ARG C 8 -6.05 46.91 -2.95
N TYR C 9 -7.35 47.10 -3.06
CA TYR C 9 -8.13 46.75 -4.23
C TYR C 9 -9.06 47.94 -4.51
N SER C 10 -9.74 47.97 -5.65
CA SER C 10 -10.65 49.09 -5.94
C SER C 10 -11.67 49.21 -4.81
N GLU C 11 -11.82 50.40 -4.24
CA GLU C 11 -12.82 50.64 -3.21
C GLU C 11 -13.20 49.55 -2.19
N LEU C 12 -12.89 48.28 -2.42
CA LEU C 12 -13.29 47.25 -1.47
C LEU C 12 -12.73 47.35 -0.06
N ALA C 13 -11.90 48.35 0.21
CA ALA C 13 -11.26 48.55 1.53
C ALA C 13 -9.88 47.94 1.72
N PRO C 14 -9.12 48.42 2.73
CA PRO C 14 -7.76 48.05 3.09
C PRO C 14 -7.75 46.70 3.78
N LEU C 15 -6.84 45.85 3.32
CA LEU C 15 -6.66 44.54 3.91
C LEU C 15 -5.23 44.69 4.40
N PHE C 16 -4.89 44.17 5.58
CA PHE C 16 -3.53 44.31 6.09
C PHE C 16 -2.75 43.03 6.33
N ASP C 17 -1.51 43.02 5.85
CA ASP C 17 -0.59 41.88 5.93
C ASP C 17 -1.05 40.74 5.03
N THR C 18 -0.28 39.66 4.98
CA THR C 18 -0.65 38.52 4.14
C THR C 18 -2.16 38.27 3.99
N THR C 19 -2.54 37.80 2.80
CA THR C 19 -3.91 37.45 2.47
C THR C 19 -3.81 36.30 1.47
N ARG C 20 -4.76 36.16 0.55
CA ARG C 20 -4.67 35.07 -0.41
C ARG C 20 -5.27 35.33 -1.76
N VAL C 21 -4.50 35.10 -2.81
CA VAL C 21 -5.02 35.28 -4.16
C VAL C 21 -5.10 33.87 -4.71
N TYR C 22 -6.13 33.59 -5.52
CA TYR C 22 -6.25 32.24 -6.07
C TYR C 22 -6.17 32.05 -7.59
N LEU C 23 -5.31 31.12 -7.99
CA LEU C 23 -5.13 30.80 -9.39
C LEU C 23 -5.88 29.51 -9.68
N VAL C 24 -7.06 29.61 -10.29
CA VAL C 24 -7.87 28.42 -10.59
C VAL C 24 -8.41 28.38 -12.03
N ASP C 25 -8.44 27.18 -12.59
CA ASP C 25 -8.89 26.93 -13.96
C ASP C 25 -10.39 26.71 -14.09
N ASN C 26 -10.90 25.79 -13.27
CA ASN C 26 -12.30 25.41 -13.26
C ASN C 26 -13.29 26.57 -13.02
N LYS C 27 -12.80 27.81 -12.91
CA LYS C 27 -13.69 28.95 -12.67
C LYS C 27 -14.55 29.14 -13.93
N SER C 28 -15.86 28.94 -13.76
CA SER C 28 -16.85 28.98 -14.82
C SER C 28 -16.94 30.19 -15.76
N THR C 29 -16.99 31.39 -15.20
CA THR C 29 -17.08 32.57 -16.04
C THR C 29 -15.88 32.68 -16.97
N ASP C 30 -14.70 32.33 -16.44
CA ASP C 30 -13.43 32.40 -17.17
C ASP C 30 -13.38 31.56 -18.42
N VAL C 31 -13.57 30.25 -18.24
CA VAL C 31 -13.54 29.28 -19.32
C VAL C 31 -14.17 29.83 -20.59
N ALA C 32 -15.49 29.91 -20.53
CA ALA C 32 -16.30 30.41 -21.63
C ALA C 32 -15.66 31.60 -22.37
N SER C 33 -15.18 32.58 -21.61
CA SER C 33 -14.65 33.79 -22.20
C SER C 33 -13.16 33.93 -22.51
N LEU C 34 -12.28 33.29 -21.76
CA LEU C 34 -10.86 33.49 -22.03
C LEU C 34 -10.06 32.35 -22.62
N ASN C 35 -9.93 31.28 -21.85
CA ASN C 35 -9.14 30.15 -22.29
C ASN C 35 -9.96 29.10 -23.03
N TYR C 36 -10.75 29.53 -24.00
CA TYR C 36 -11.55 28.60 -24.78
C TYR C 36 -10.61 27.68 -25.58
N GLN C 37 -9.72 28.30 -26.32
CA GLN C 37 -8.77 27.58 -27.15
C GLN C 37 -7.59 26.98 -26.42
N ASN C 38 -7.48 27.22 -25.11
CA ASN C 38 -6.36 26.69 -24.36
C ASN C 38 -6.68 25.40 -23.63
N ASP C 39 -5.69 24.90 -22.90
CA ASP C 39 -5.84 23.68 -22.12
C ASP C 39 -5.26 23.82 -20.73
N HIS C 40 -5.58 22.87 -19.88
CA HIS C 40 -5.12 22.91 -18.51
C HIS C 40 -3.66 23.17 -18.24
N SER C 41 -2.81 23.00 -19.23
CA SER C 41 -1.39 23.21 -18.99
C SER C 41 -0.94 24.60 -19.39
N ASN C 42 -1.89 25.45 -19.78
CA ASN C 42 -1.55 26.80 -20.19
C ASN C 42 -2.83 27.59 -20.38
N PHE C 43 -3.30 28.20 -19.30
CA PHE C 43 -4.56 28.94 -19.34
C PHE C 43 -4.53 30.29 -18.69
N LEU C 44 -5.66 30.98 -18.76
CA LEU C 44 -5.77 32.30 -18.16
C LEU C 44 -6.77 32.21 -17.05
N THR C 45 -6.56 32.99 -16.01
CA THR C 45 -7.47 33.01 -14.90
C THR C 45 -7.68 34.42 -14.48
N THR C 46 -8.88 34.70 -13.99
CA THR C 46 -9.17 36.01 -13.48
C THR C 46 -8.88 35.78 -12.00
N VAL C 47 -7.97 36.56 -11.44
CA VAL C 47 -7.60 36.41 -10.03
C VAL C 47 -8.51 37.28 -9.14
N ILE C 48 -9.25 38.18 -9.78
CA ILE C 48 -10.21 39.03 -9.09
C ILE C 48 -11.43 38.18 -8.84
N GLN C 49 -11.66 37.80 -7.59
CA GLN C 49 -12.81 36.97 -7.28
C GLN C 49 -14.05 37.80 -6.91
N ASN C 50 -14.26 38.92 -7.60
CA ASN C 50 -15.43 39.75 -7.29
C ASN C 50 -16.57 39.54 -8.24
N ASN C 51 -17.60 38.95 -7.67
CA ASN C 51 -18.85 38.62 -8.33
C ASN C 51 -19.43 39.64 -9.31
N ASP C 52 -19.23 40.93 -9.08
CA ASP C 52 -19.82 41.94 -9.94
C ASP C 52 -19.12 42.41 -11.20
N TYR C 53 -17.96 41.91 -11.55
CA TYR C 53 -17.39 42.45 -12.77
C TYR C 53 -17.20 41.46 -13.89
N SER C 54 -17.24 41.94 -15.13
CA SER C 54 -17.04 41.10 -16.31
C SER C 54 -15.66 40.50 -16.16
N PRO C 55 -15.34 39.45 -16.91
CA PRO C 55 -13.99 38.92 -16.73
C PRO C 55 -13.12 39.95 -17.41
N GLY C 56 -13.57 40.37 -18.57
CA GLY C 56 -12.81 41.37 -19.29
C GLY C 56 -12.59 42.56 -18.38
N GLU C 57 -13.68 43.15 -17.94
CA GLU C 57 -13.59 44.31 -17.06
C GLU C 57 -12.61 44.08 -15.90
N ALA C 58 -12.69 42.91 -15.29
CA ALA C 58 -11.82 42.58 -14.16
C ALA C 58 -10.38 42.67 -14.58
N SER C 59 -10.10 42.16 -15.78
CA SER C 59 -8.75 42.15 -16.31
C SER C 59 -8.12 43.52 -16.24
N THR C 60 -8.93 44.53 -15.92
CA THR C 60 -8.43 45.88 -15.81
C THR C 60 -7.96 46.16 -14.40
N GLN C 61 -8.86 45.96 -13.45
CA GLN C 61 -8.58 46.17 -12.03
C GLN C 61 -7.31 45.49 -11.59
N THR C 62 -6.80 45.87 -10.43
CA THR C 62 -5.57 45.27 -9.92
C THR C 62 -5.45 45.20 -8.42
N ILE C 63 -4.73 44.18 -7.97
CA ILE C 63 -4.48 43.98 -6.57
C ILE C 63 -3.18 44.73 -6.37
N ASN C 64 -3.15 45.66 -5.42
CA ASN C 64 -1.94 46.43 -5.18
C ASN C 64 -1.28 46.12 -3.87
N LEU C 65 -0.17 45.40 -3.90
CA LEU C 65 0.54 45.13 -2.67
C LEU C 65 1.18 46.47 -2.40
N ASP C 66 1.28 46.86 -1.14
CA ASP C 66 1.84 48.18 -0.87
C ASP C 66 3.15 48.41 -1.57
N ASP C 67 3.25 49.62 -2.09
CA ASP C 67 4.38 50.09 -2.82
C ASP C 67 5.67 50.21 -2.04
N ARG C 68 5.56 50.66 -0.81
CA ARG C 68 6.74 50.87 0.02
C ARG C 68 7.51 49.62 0.42
N SER C 69 7.01 48.43 0.11
CA SER C 69 7.75 47.24 0.50
C SER C 69 7.92 46.22 -0.60
N HIS C 70 8.99 45.46 -0.56
CA HIS C 70 9.20 44.41 -1.56
C HIS C 70 8.38 43.27 -0.99
N TRP C 71 7.45 42.73 -1.78
CA TRP C 71 6.63 41.64 -1.26
C TRP C 71 7.04 40.28 -1.78
N GLY C 72 6.52 39.25 -1.11
CA GLY C 72 6.79 37.90 -1.53
C GLY C 72 5.54 37.10 -1.25
N GLY C 73 5.37 35.96 -1.92
CA GLY C 73 4.21 35.14 -1.69
C GLY C 73 4.55 33.67 -1.59
N ASP C 74 3.75 32.90 -0.88
CA ASP C 74 4.01 31.48 -0.75
C ASP C 74 3.16 30.82 -1.80
N LEU C 75 3.80 30.00 -2.60
CA LEU C 75 3.10 29.33 -3.68
C LEU C 75 2.90 27.87 -3.44
N LYS C 76 1.69 27.48 -3.11
CA LYS C 76 1.41 26.08 -2.91
C LYS C 76 0.61 25.70 -4.12
N THR C 77 0.77 24.48 -4.58
CA THR C 77 0.05 24.10 -5.75
C THR C 77 -0.42 22.66 -5.77
N ILE C 78 -1.48 22.42 -6.52
CA ILE C 78 -2.05 21.10 -6.63
C ILE C 78 -2.03 20.69 -8.08
N LEU C 79 -1.17 19.75 -8.42
CA LEU C 79 -1.09 19.32 -9.80
C LEU C 79 -1.59 17.90 -9.93
N HIS C 80 -2.40 17.64 -10.95
CA HIS C 80 -2.94 16.30 -11.16
C HIS C 80 -3.02 15.93 -12.62
N THR C 81 -2.31 14.86 -12.98
CA THR C 81 -2.30 14.42 -14.37
C THR C 81 -3.02 13.12 -14.60
N ASN C 82 -2.69 12.47 -15.71
CA ASN C 82 -3.33 11.23 -16.09
C ASN C 82 -2.66 10.69 -17.35
N MET C 83 -1.40 11.04 -17.53
CA MET C 83 -0.64 10.61 -18.68
C MET C 83 -0.52 9.08 -18.62
N PRO C 84 -0.58 8.41 -19.78
CA PRO C 84 -0.48 6.95 -19.86
C PRO C 84 0.95 6.48 -19.94
N ASN C 85 1.14 5.20 -19.70
CA ASN C 85 2.45 4.57 -19.75
C ASN C 85 3.15 4.90 -21.07
N VAL C 86 2.64 4.33 -22.16
CA VAL C 86 3.20 4.55 -23.48
C VAL C 86 2.37 5.56 -24.25
N ASN C 87 3.05 6.42 -24.99
CA ASN C 87 2.39 7.39 -25.82
C ASN C 87 3.36 8.20 -26.64
N GLU C 88 2.82 8.84 -27.66
CA GLU C 88 3.61 9.67 -28.53
C GLU C 88 3.59 11.03 -27.88
N PHE C 89 4.68 11.39 -27.25
CA PHE C 89 4.80 12.69 -26.63
C PHE C 89 5.93 12.43 -25.74
N MET C 90 5.82 11.37 -24.96
CA MET C 90 6.89 11.03 -24.06
C MET C 90 7.84 10.10 -24.76
N PHE C 91 7.57 9.85 -26.03
CA PHE C 91 8.38 8.96 -26.83
C PHE C 91 8.46 7.60 -26.19
N THR C 92 7.31 6.95 -26.05
CA THR C 92 7.28 5.64 -25.47
C THR C 92 6.41 4.75 -26.36
N ASN C 93 6.18 5.21 -27.58
CA ASN C 93 5.37 4.44 -28.50
C ASN C 93 6.13 4.16 -29.77
N LYS C 94 7.43 4.43 -29.78
CA LYS C 94 8.22 4.17 -30.97
C LYS C 94 9.56 3.60 -30.58
N PHE C 95 10.17 2.86 -31.50
CA PHE C 95 11.48 2.29 -31.24
C PHE C 95 11.96 1.62 -32.51
N LYS C 96 13.15 1.99 -32.93
CA LYS C 96 13.73 1.45 -34.14
C LYS C 96 14.47 0.16 -33.88
N ALA C 97 14.25 -0.81 -34.75
CA ALA C 97 14.89 -2.11 -34.67
C ALA C 97 15.25 -2.50 -36.09
N ARG C 98 16.28 -3.32 -36.23
CA ARG C 98 16.72 -3.78 -37.54
C ARG C 98 16.37 -5.25 -37.70
N VAL C 99 15.55 -5.57 -38.70
CA VAL C 99 15.14 -6.96 -38.88
C VAL C 99 15.38 -7.53 -40.26
N MET C 100 15.13 -8.83 -40.41
CA MET C 100 15.29 -9.46 -41.70
C MET C 100 14.06 -9.07 -42.50
N VAL C 101 14.26 -8.67 -43.74
CA VAL C 101 13.16 -8.22 -44.57
C VAL C 101 13.11 -8.94 -45.92
N SER C 102 14.13 -9.74 -46.21
CA SER C 102 14.18 -10.46 -47.48
C SER C 102 15.14 -11.64 -47.51
N ARG C 103 14.69 -12.72 -48.13
CA ARG C 103 15.50 -13.90 -48.22
C ARG C 103 15.26 -14.60 -49.55
N SER C 104 16.24 -14.50 -50.45
CA SER C 104 16.12 -15.09 -51.78
C SER C 104 17.47 -15.70 -52.19
N LEU C 105 17.39 -16.80 -52.96
CA LEU C 105 18.57 -17.56 -53.45
C LEU C 105 19.27 -16.74 -54.57
N THR C 106 20.26 -15.95 -54.19
CA THR C 106 20.90 -15.11 -55.21
C THR C 106 21.22 -15.84 -56.52
N LYS C 107 21.36 -15.03 -57.56
CA LYS C 107 21.66 -15.40 -58.95
C LYS C 107 22.58 -16.58 -59.25
N ASP C 108 23.61 -16.83 -58.47
CA ASP C 108 24.47 -17.96 -58.82
C ASP C 108 24.05 -19.27 -58.14
N LYS C 109 24.17 -19.32 -56.82
CA LYS C 109 23.80 -20.49 -56.00
C LYS C 109 24.02 -20.12 -54.54
N GLN C 110 24.63 -18.95 -54.35
CA GLN C 110 24.88 -18.40 -53.03
C GLN C 110 23.61 -17.67 -52.70
N VAL C 111 23.50 -17.21 -51.48
CA VAL C 111 22.26 -16.59 -51.11
C VAL C 111 22.38 -15.18 -50.62
N GLU C 112 21.21 -14.55 -50.56
CA GLU C 112 21.13 -13.18 -50.15
C GLU C 112 20.19 -12.94 -48.99
N LEU C 113 20.72 -12.20 -48.03
CA LEU C 113 19.99 -11.83 -46.85
C LEU C 113 20.18 -10.33 -46.72
N LYS C 114 19.08 -9.60 -46.91
CA LYS C 114 19.14 -8.15 -46.77
C LYS C 114 18.32 -7.78 -45.56
N TYR C 115 18.86 -6.85 -44.77
CA TYR C 115 18.22 -6.40 -43.56
C TYR C 115 17.92 -4.91 -43.65
N GLU C 116 17.04 -4.42 -42.78
CA GLU C 116 16.71 -3.01 -42.80
C GLU C 116 16.18 -2.54 -41.44
N TRP C 117 16.28 -1.25 -41.17
CA TRP C 117 15.80 -0.66 -39.92
C TRP C 117 14.41 -0.15 -40.17
N VAL C 118 13.51 -0.48 -39.26
CA VAL C 118 12.13 -0.11 -39.41
C VAL C 118 11.70 0.40 -38.08
N GLU C 119 10.77 1.34 -38.08
CA GLU C 119 10.29 1.91 -36.85
C GLU C 119 8.94 1.30 -36.53
N PHE C 120 8.83 0.69 -35.38
CA PHE C 120 7.55 0.11 -35.06
C PHE C 120 6.91 0.96 -34.03
N THR C 121 5.60 1.10 -34.12
CA THR C 121 4.89 1.90 -33.16
C THR C 121 3.81 1.14 -32.41
N LEU C 122 3.63 1.45 -31.14
CA LEU C 122 2.62 0.80 -30.34
C LEU C 122 1.33 1.52 -30.31
N PRO C 123 0.26 0.80 -29.98
CA PRO C 123 -1.06 1.44 -29.90
C PRO C 123 -0.97 2.19 -28.58
N GLU C 124 -1.29 3.47 -28.56
CA GLU C 124 -1.20 4.22 -27.31
C GLU C 124 -2.06 3.60 -26.21
N GLY C 125 -1.59 3.66 -24.98
CA GLY C 125 -2.36 3.11 -23.87
C GLY C 125 -1.50 2.99 -22.63
N ASN C 126 -2.11 2.69 -21.50
CA ASN C 126 -1.35 2.53 -20.26
C ASN C 126 -1.16 1.05 -20.04
N TYR C 127 0.09 0.61 -19.99
CA TYR C 127 0.35 -0.82 -19.83
C TYR C 127 1.07 -1.28 -18.61
N SER C 128 1.39 -2.57 -18.67
CA SER C 128 2.09 -3.27 -17.63
C SER C 128 3.53 -3.23 -18.01
N GLU C 129 4.35 -3.74 -17.13
CA GLU C 129 5.77 -3.79 -17.36
C GLU C 129 6.00 -4.82 -18.44
N THR C 130 5.19 -5.87 -18.38
CA THR C 130 5.27 -6.99 -19.30
C THR C 130 4.51 -6.76 -20.59
N MET C 131 3.19 -6.70 -20.48
CA MET C 131 2.36 -6.53 -21.65
C MET C 131 2.94 -5.52 -22.62
N THR C 132 3.75 -4.61 -22.10
CA THR C 132 4.39 -3.63 -22.95
C THR C 132 5.36 -4.40 -23.82
N ILE C 133 6.27 -5.12 -23.16
CA ILE C 133 7.23 -5.95 -23.87
C ILE C 133 6.47 -6.65 -24.99
N ASP C 134 5.51 -7.48 -24.59
CA ASP C 134 4.68 -8.23 -25.52
C ASP C 134 4.25 -7.38 -26.69
N LEU C 135 3.67 -6.22 -26.40
CA LEU C 135 3.23 -5.33 -27.45
C LEU C 135 4.34 -5.08 -28.46
N MET C 136 5.57 -5.01 -27.96
CA MET C 136 6.74 -4.77 -28.81
C MET C 136 7.04 -5.99 -29.66
N ASN C 137 7.13 -7.15 -29.03
CA ASN C 137 7.38 -8.37 -29.77
C ASN C 137 6.33 -8.49 -30.86
N ASN C 138 5.07 -8.28 -30.50
CA ASN C 138 3.99 -8.34 -31.48
C ASN C 138 4.28 -7.38 -32.62
N ALA C 139 4.58 -6.13 -32.29
CA ALA C 139 4.86 -5.15 -33.31
C ALA C 139 5.99 -5.58 -34.25
N ILE C 140 6.84 -6.50 -33.80
CA ILE C 140 7.93 -7.01 -34.61
C ILE C 140 7.34 -7.98 -35.61
N VAL C 141 6.52 -8.88 -35.08
CA VAL C 141 5.82 -9.89 -35.85
C VAL C 141 4.92 -9.25 -36.91
N GLU C 142 4.02 -8.40 -36.44
CA GLU C 142 3.08 -7.70 -37.29
C GLU C 142 3.77 -7.18 -38.54
N HIS C 143 5.06 -6.89 -38.42
CA HIS C 143 5.81 -6.40 -39.55
C HIS C 143 6.25 -7.57 -40.41
N TYR C 144 6.74 -8.62 -39.76
CA TYR C 144 7.16 -9.82 -40.47
C TYR C 144 6.05 -10.26 -41.41
N LEU C 145 4.81 -9.95 -41.06
CA LEU C 145 3.69 -10.33 -41.90
C LEU C 145 3.57 -9.42 -43.10
N LYS C 146 3.40 -8.13 -42.87
CA LYS C 146 3.27 -7.21 -44.00
C LYS C 146 4.45 -7.28 -44.94
N VAL C 147 5.56 -7.86 -44.50
CA VAL C 147 6.74 -7.94 -45.36
C VAL C 147 7.54 -9.23 -45.30
N GLY C 148 8.27 -9.40 -44.21
CA GLY C 148 9.09 -10.58 -44.01
C GLY C 148 8.74 -11.85 -44.77
N ARG C 149 7.87 -12.67 -44.19
CA ARG C 149 7.46 -13.96 -44.78
C ARG C 149 7.32 -13.93 -46.29
N GLN C 150 6.46 -13.05 -46.77
CA GLN C 150 6.18 -12.91 -48.17
C GLN C 150 7.40 -12.44 -48.96
N ASN C 151 8.56 -12.97 -48.61
CA ASN C 151 9.82 -12.64 -49.26
C ASN C 151 10.90 -13.59 -48.76
N GLY C 152 10.53 -14.86 -48.65
CA GLY C 152 11.45 -15.91 -48.22
C GLY C 152 11.93 -15.90 -46.78
N VAL C 153 11.28 -15.12 -45.93
CA VAL C 153 11.70 -15.06 -44.53
C VAL C 153 10.90 -16.00 -43.66
N LEU C 154 11.58 -16.94 -43.02
CA LEU C 154 10.92 -17.92 -42.17
C LEU C 154 10.98 -17.51 -40.72
N GLU C 155 9.87 -17.63 -40.02
CA GLU C 155 9.87 -17.29 -38.60
C GLU C 155 11.15 -17.84 -37.98
N SER C 156 11.57 -18.99 -38.48
CA SER C 156 12.79 -19.65 -38.00
C SER C 156 14.00 -18.70 -38.04
N ASP C 157 13.79 -17.46 -38.43
CA ASP C 157 14.88 -16.51 -38.50
C ASP C 157 14.49 -15.06 -38.24
N ILE C 158 13.41 -14.84 -37.50
CA ILE C 158 13.03 -13.49 -37.18
C ILE C 158 14.15 -12.98 -36.25
N GLY C 159 14.74 -11.86 -36.64
CA GLY C 159 15.86 -11.24 -35.93
C GLY C 159 15.87 -10.70 -34.49
N VAL C 160 14.79 -10.06 -34.02
CA VAL C 160 14.74 -9.50 -32.65
C VAL C 160 13.57 -9.96 -31.79
N LYS C 161 13.88 -10.22 -30.54
CA LYS C 161 12.90 -10.64 -29.57
C LYS C 161 13.23 -10.10 -28.22
N PHE C 162 12.22 -9.64 -27.49
CA PHE C 162 12.42 -9.11 -26.16
C PHE C 162 11.79 -10.16 -25.27
N ASP C 163 12.60 -10.85 -24.49
CA ASP C 163 12.11 -11.96 -23.67
C ASP C 163 12.36 -11.54 -22.23
N THR C 164 12.74 -12.46 -21.34
CA THR C 164 12.99 -12.10 -19.93
C THR C 164 13.61 -13.20 -19.08
N ARG C 165 14.17 -14.24 -19.69
CA ARG C 165 14.75 -15.30 -18.88
C ARG C 165 16.24 -15.46 -19.09
N ASN C 166 16.86 -16.16 -18.13
CA ASN C 166 18.28 -16.42 -18.17
C ASN C 166 18.48 -17.63 -19.03
N PHE C 167 18.71 -17.39 -20.31
CA PHE C 167 18.87 -18.48 -21.25
C PHE C 167 20.06 -19.38 -21.04
N ARG C 168 20.37 -19.74 -19.80
CA ARG C 168 21.48 -20.65 -19.58
C ARG C 168 21.61 -21.06 -18.15
N LEU C 169 20.48 -21.46 -17.60
CA LEU C 169 20.47 -21.91 -16.23
C LEU C 169 20.72 -23.41 -16.20
N GLY C 170 19.95 -24.16 -16.99
CA GLY C 170 20.14 -25.60 -17.04
C GLY C 170 21.51 -26.02 -17.54
N PHE C 171 22.18 -25.12 -18.24
CA PHE C 171 23.50 -25.38 -18.80
C PHE C 171 24.41 -26.25 -17.95
N ASP C 172 25.08 -27.18 -18.62
CA ASP C 172 26.01 -28.11 -17.99
C ASP C 172 27.41 -27.82 -18.52
N PRO C 173 28.33 -27.44 -17.62
CA PRO C 173 29.72 -27.10 -17.91
C PRO C 173 30.47 -28.01 -18.88
N VAL C 174 30.13 -29.30 -18.88
CA VAL C 174 30.82 -30.24 -19.76
C VAL C 174 30.09 -30.60 -21.04
N THR C 175 28.82 -30.97 -20.93
CA THR C 175 28.06 -31.34 -22.10
C THR C 175 27.90 -30.14 -23.04
N GLY C 176 28.10 -28.94 -22.49
CA GLY C 176 27.95 -27.73 -23.29
C GLY C 176 26.50 -27.52 -23.70
N LEU C 177 25.57 -28.04 -22.89
CA LEU C 177 24.16 -27.93 -23.20
C LEU C 177 23.22 -27.65 -22.04
N VAL C 178 22.04 -27.17 -22.39
CA VAL C 178 21.03 -26.89 -21.39
C VAL C 178 20.35 -28.22 -21.14
N MET C 179 21.04 -29.08 -20.40
CA MET C 179 20.57 -30.42 -20.10
C MET C 179 19.08 -30.74 -20.04
N PRO C 180 18.32 -30.06 -19.17
CA PRO C 180 16.88 -30.33 -19.10
C PRO C 180 16.11 -30.24 -20.41
N GLY C 181 16.81 -29.91 -21.49
CA GLY C 181 16.16 -29.82 -22.79
C GLY C 181 15.16 -28.69 -22.95
N VAL C 182 15.10 -27.83 -21.94
CA VAL C 182 14.17 -26.70 -21.97
C VAL C 182 14.78 -25.51 -21.22
N TYR C 183 14.83 -24.34 -21.88
CA TYR C 183 15.36 -23.17 -21.20
C TYR C 183 14.39 -22.88 -20.07
N THR C 184 14.86 -23.04 -18.83
CA THR C 184 14.04 -22.80 -17.64
C THR C 184 13.37 -21.43 -17.69
N ASN C 185 12.07 -21.43 -18.01
CA ASN C 185 11.28 -20.20 -18.19
C ASN C 185 10.98 -19.27 -17.01
N GLU C 186 11.95 -19.02 -16.14
CA GLU C 186 11.67 -18.10 -15.03
C GLU C 186 12.09 -16.69 -15.45
N ALA C 187 11.40 -15.69 -14.97
CA ALA C 187 11.70 -14.31 -15.33
C ALA C 187 12.84 -13.67 -14.51
N PHE C 188 13.81 -13.07 -15.20
CA PHE C 188 14.95 -12.42 -14.55
C PHE C 188 15.36 -11.17 -15.35
N HIS C 189 14.59 -10.09 -15.26
CA HIS C 189 14.92 -8.85 -15.99
C HIS C 189 14.71 -8.90 -17.53
N PRO C 190 14.12 -7.85 -18.10
CA PRO C 190 13.83 -7.70 -19.52
C PRO C 190 15.10 -8.00 -20.24
N ASP C 191 15.09 -8.55 -21.46
CA ASP C 191 16.39 -8.74 -22.12
C ASP C 191 16.17 -8.45 -23.58
N ILE C 192 17.23 -8.62 -24.36
CA ILE C 192 17.07 -8.43 -25.77
C ILE C 192 17.79 -9.56 -26.43
N ILE C 193 17.09 -10.29 -27.30
CA ILE C 193 17.67 -11.41 -28.02
C ILE C 193 17.75 -11.08 -29.49
N LEU C 194 18.98 -11.06 -29.98
CA LEU C 194 19.21 -10.74 -31.38
C LEU C 194 19.64 -11.93 -32.20
N LEU C 195 19.85 -11.66 -33.47
CA LEU C 195 20.29 -12.67 -34.42
C LEU C 195 21.40 -12.06 -35.24
N PRO C 196 22.04 -12.87 -36.07
CA PRO C 196 23.10 -12.27 -36.87
C PRO C 196 22.54 -11.20 -37.78
N GLY C 197 23.34 -10.19 -38.04
CA GLY C 197 22.93 -9.13 -38.95
C GLY C 197 21.83 -8.18 -38.52
N CYS C 198 21.51 -8.12 -37.25
CA CYS C 198 20.49 -7.16 -36.86
C CYS C 198 20.66 -6.67 -35.43
N GLY C 199 19.77 -5.78 -35.02
CA GLY C 199 19.85 -5.23 -33.68
C GLY C 199 18.76 -4.20 -33.44
N VAL C 200 18.88 -3.45 -32.36
CA VAL C 200 17.87 -2.46 -32.05
C VAL C 200 18.48 -1.16 -31.59
N ASP C 201 17.76 -0.07 -31.82
CA ASP C 201 18.24 1.24 -31.44
C ASP C 201 17.12 1.95 -30.68
N PHE C 202 17.48 2.63 -29.60
CA PHE C 202 16.50 3.35 -28.79
C PHE C 202 16.80 4.82 -28.79
N THR C 203 17.74 5.22 -29.64
CA THR C 203 18.16 6.61 -29.76
C THR C 203 17.05 7.62 -29.54
N HIS C 204 15.81 7.24 -29.87
CA HIS C 204 14.69 8.14 -29.70
C HIS C 204 13.52 7.48 -28.98
N SER C 205 13.79 6.89 -27.83
CA SER C 205 12.74 6.23 -27.08
C SER C 205 13.14 5.98 -25.65
N ARG C 206 12.19 6.24 -24.76
CA ARG C 206 12.44 6.03 -23.36
C ARG C 206 12.14 4.58 -23.01
N LEU C 207 11.60 3.83 -23.97
CA LEU C 207 11.26 2.45 -23.73
C LEU C 207 12.49 1.72 -23.21
N SER C 208 13.67 2.22 -23.59
CA SER C 208 14.90 1.61 -23.12
C SER C 208 14.81 1.41 -21.63
N ASN C 209 14.42 2.49 -20.94
CA ASN C 209 14.28 2.48 -19.51
C ASN C 209 13.30 1.44 -19.02
N LEU C 210 12.22 1.26 -19.78
CA LEU C 210 11.23 0.26 -19.41
C LEU C 210 11.95 -1.07 -19.34
N LEU C 211 12.76 -1.38 -20.34
CA LEU C 211 13.51 -2.63 -20.34
C LEU C 211 14.50 -2.62 -19.18
N GLY C 212 15.12 -1.49 -18.95
CA GLY C 212 16.06 -1.42 -17.85
C GLY C 212 17.46 -1.69 -18.32
N ILE C 213 17.76 -1.28 -19.54
CA ILE C 213 19.08 -1.42 -20.13
C ILE C 213 19.50 0.03 -20.34
N ARG C 214 20.29 0.57 -19.42
CA ARG C 214 20.71 1.96 -19.54
C ARG C 214 22.16 2.04 -19.99
N LYS C 215 22.44 3.10 -20.74
CA LYS C 215 23.77 3.36 -21.26
C LYS C 215 24.64 3.78 -20.10
N ARG C 216 25.83 3.20 -20.00
CA ARG C 216 26.71 3.51 -18.87
C ARG C 216 27.17 4.97 -18.78
N GLN C 217 26.97 5.76 -19.83
CA GLN C 217 27.34 7.16 -19.75
C GLN C 217 26.44 8.00 -20.63
N PRO C 218 25.16 8.02 -20.30
CA PRO C 218 23.99 8.66 -20.87
C PRO C 218 24.11 9.88 -21.72
N PHE C 219 24.85 10.88 -21.27
CA PHE C 219 24.95 12.09 -22.06
C PHE C 219 25.55 11.91 -23.47
N GLN C 220 25.47 10.70 -24.00
CA GLN C 220 25.98 10.41 -25.33
C GLN C 220 24.82 10.23 -26.29
N GLU C 221 24.50 11.24 -27.08
CA GLU C 221 23.36 11.04 -27.98
C GLU C 221 23.58 9.75 -28.77
N GLY C 222 22.55 8.90 -28.80
CA GLY C 222 22.62 7.65 -29.54
C GLY C 222 22.61 6.36 -28.76
N PHE C 223 21.70 5.44 -29.11
CA PHE C 223 21.64 4.16 -28.41
C PHE C 223 21.39 2.99 -29.34
N ARG C 224 22.46 2.47 -29.94
CA ARG C 224 22.34 1.34 -30.83
C ARG C 224 23.00 0.14 -30.22
N ILE C 225 22.32 -0.98 -30.23
CA ILE C 225 22.87 -2.19 -29.66
C ILE C 225 22.63 -3.28 -30.71
N THR C 226 23.69 -3.73 -31.36
CA THR C 226 23.57 -4.73 -32.42
C THR C 226 24.16 -6.08 -32.07
N TYR C 227 24.07 -6.99 -33.01
CA TYR C 227 24.56 -8.34 -32.83
C TYR C 227 26.02 -8.34 -32.42
N ASP C 228 26.86 -7.81 -33.31
CA ASP C 228 28.29 -7.75 -33.05
C ASP C 228 28.64 -7.25 -31.66
N ASP C 229 27.75 -6.46 -31.05
CA ASP C 229 28.01 -5.94 -29.72
C ASP C 229 27.82 -7.03 -28.69
N LEU C 230 26.68 -7.70 -28.76
CA LEU C 230 26.41 -8.81 -27.85
C LEU C 230 27.39 -9.91 -28.16
N GLU C 231 28.60 -9.81 -27.64
CA GLU C 231 29.58 -10.84 -27.93
C GLU C 231 29.74 -11.74 -26.74
N GLY C 232 30.01 -13.01 -26.99
CA GLY C 232 30.17 -13.95 -25.89
C GLY C 232 28.86 -13.96 -25.13
N GLY C 233 28.06 -15.01 -25.31
CA GLY C 233 26.79 -15.06 -24.64
C GLY C 233 25.70 -15.31 -25.66
N ASN C 234 25.90 -16.35 -26.47
CA ASN C 234 24.93 -16.73 -27.46
C ASN C 234 24.17 -17.80 -26.70
N ILE C 235 22.86 -17.82 -26.85
CA ILE C 235 22.07 -18.82 -26.16
C ILE C 235 22.52 -20.25 -26.47
N PRO C 236 22.95 -21.01 -25.45
CA PRO C 236 23.39 -22.39 -25.66
C PRO C 236 22.18 -23.16 -26.15
N ALA C 237 22.40 -24.29 -26.81
CA ALA C 237 21.30 -25.09 -27.34
C ALA C 237 20.73 -26.09 -26.33
N LEU C 238 19.45 -26.39 -26.49
CA LEU C 238 18.79 -27.35 -25.60
C LEU C 238 19.26 -28.75 -25.98
N LEU C 239 19.54 -29.59 -24.99
CA LEU C 239 19.98 -30.95 -25.29
C LEU C 239 18.81 -31.79 -25.80
N ASP C 240 19.10 -32.74 -26.70
CA ASP C 240 18.03 -33.59 -27.22
C ASP C 240 17.59 -34.52 -26.11
N VAL C 241 16.41 -34.25 -25.57
CA VAL C 241 15.87 -35.06 -24.49
C VAL C 241 15.60 -36.50 -24.92
N ASP C 242 14.87 -36.65 -26.02
CA ASP C 242 14.51 -37.97 -26.55
C ASP C 242 15.71 -38.80 -26.96
N ALA C 243 16.52 -38.28 -27.88
CA ALA C 243 17.70 -38.99 -28.34
C ALA C 243 18.39 -39.64 -27.14
N TYR C 244 18.57 -38.84 -26.08
CA TYR C 244 19.20 -39.31 -24.87
C TYR C 244 18.37 -40.40 -24.17
N GLN C 245 17.11 -40.10 -23.89
CA GLN C 245 16.22 -41.06 -23.24
C GLN C 245 16.08 -42.34 -24.04
N ALA C 246 15.73 -42.18 -25.32
CA ALA C 246 15.56 -43.31 -26.23
C ALA C 246 16.78 -44.23 -26.24
N SER C 247 17.94 -43.69 -25.90
CA SER C 247 19.14 -44.49 -25.87
C SER C 247 19.30 -45.19 -24.52
N LEU C 248 20.34 -46.02 -24.43
CA LEU C 248 20.66 -46.81 -23.25
C LEU C 248 20.05 -48.22 -23.30
N LYS C 249 20.50 -48.97 -24.32
CA LYS C 249 20.10 -50.35 -24.61
C LYS C 249 21.38 -51.07 -25.06
N ASP C 250 22.10 -50.43 -25.98
CA ASP C 250 23.37 -50.92 -26.52
C ASP C 250 24.41 -49.79 -26.57
N PRO C 325 32.94 -46.58 -28.98
CA PRO C 325 33.05 -47.68 -27.99
C PRO C 325 31.64 -48.15 -27.63
N GLN C 326 30.91 -47.30 -26.91
CA GLN C 326 29.53 -47.54 -26.46
C GLN C 326 28.85 -46.21 -26.15
N LYS C 327 29.43 -45.11 -26.63
CA LYS C 327 28.95 -43.75 -26.42
C LYS C 327 27.42 -43.55 -26.30
N LYS C 328 27.03 -42.45 -25.66
CA LYS C 328 25.62 -42.13 -25.46
C LYS C 328 25.10 -40.99 -26.34
N PRO C 329 23.76 -40.86 -26.43
CA PRO C 329 22.99 -39.86 -27.19
C PRO C 329 23.14 -38.42 -26.72
N VAL C 330 23.93 -38.23 -25.67
CA VAL C 330 24.19 -36.91 -25.11
C VAL C 330 24.45 -35.88 -26.20
N ILE C 331 25.69 -35.90 -26.68
CA ILE C 331 26.19 -34.98 -27.72
C ILE C 331 25.12 -34.33 -28.60
N LYS C 332 24.03 -35.05 -28.89
CA LYS C 332 22.98 -34.51 -29.75
C LYS C 332 22.22 -33.32 -29.17
N PRO C 333 22.53 -32.12 -29.67
CA PRO C 333 21.87 -30.89 -29.22
C PRO C 333 20.69 -30.74 -30.16
N LEU C 334 19.50 -30.62 -29.60
CA LEU C 334 18.31 -30.49 -30.43
C LEU C 334 18.57 -29.48 -31.53
N THR C 335 17.88 -29.63 -32.66
CA THR C 335 18.11 -28.70 -33.76
C THR C 335 16.90 -27.88 -34.12
N GLU C 336 15.72 -28.48 -33.95
CA GLU C 336 14.50 -27.79 -34.30
C GLU C 336 13.38 -28.27 -33.40
N ASP C 337 12.23 -27.63 -33.50
CA ASP C 337 11.16 -28.05 -32.63
C ASP C 337 9.87 -28.26 -33.39
N SER C 338 9.08 -29.23 -32.91
CA SER C 338 7.77 -29.58 -33.44
C SER C 338 7.33 -28.52 -34.44
N LYS C 339 7.13 -28.90 -35.68
CA LYS C 339 6.78 -27.98 -36.75
C LYS C 339 8.11 -27.50 -37.28
N LYS C 340 9.13 -28.29 -36.94
CA LYS C 340 10.52 -28.09 -37.34
C LYS C 340 10.96 -26.64 -37.58
N ARG C 341 11.19 -25.92 -36.48
CA ARG C 341 11.64 -24.53 -36.56
C ARG C 341 13.14 -24.61 -36.30
N SER C 342 13.95 -24.07 -37.21
CA SER C 342 15.41 -24.13 -37.05
C SER C 342 15.90 -23.36 -35.84
N TYR C 343 16.85 -23.91 -35.10
CA TYR C 343 17.39 -23.19 -33.95
C TYR C 343 18.68 -22.56 -34.40
N ASN C 344 18.88 -22.52 -35.71
CA ASN C 344 20.09 -21.92 -36.28
C ASN C 344 21.30 -22.14 -35.39
N LEU C 345 21.93 -23.31 -35.47
CA LEU C 345 23.14 -23.53 -34.66
C LEU C 345 24.33 -23.17 -35.50
N ILE C 346 25.30 -22.51 -34.90
CA ILE C 346 26.50 -22.10 -35.62
C ILE C 346 27.06 -23.22 -36.50
N SER C 347 27.54 -24.30 -35.88
CA SER C 347 28.08 -25.45 -36.62
C SER C 347 27.15 -26.63 -36.39
N ASN C 348 27.31 -27.68 -37.19
CA ASN C 348 26.52 -28.89 -37.03
C ASN C 348 27.16 -29.55 -35.80
N ASP C 349 28.22 -28.89 -35.34
CA ASP C 349 29.03 -29.29 -34.21
C ASP C 349 28.69 -28.52 -32.90
N SER C 350 29.20 -27.28 -32.81
CA SER C 350 29.00 -26.43 -31.63
C SER C 350 27.64 -26.52 -30.93
N THR C 351 27.70 -26.47 -29.61
CA THR C 351 26.52 -26.56 -28.77
C THR C 351 25.79 -25.22 -28.62
N PHE C 352 26.33 -24.17 -29.23
CA PHE C 352 25.73 -22.84 -29.15
C PHE C 352 24.91 -22.42 -30.36
N THR C 353 23.73 -21.87 -30.11
CA THR C 353 22.88 -21.40 -31.19
C THR C 353 23.35 -20.00 -31.59
N GLN C 354 22.95 -19.54 -32.76
CA GLN C 354 23.35 -18.22 -33.22
C GLN C 354 22.66 -17.10 -32.43
N TYR C 355 21.55 -17.44 -31.79
CA TYR C 355 20.82 -16.46 -31.00
C TYR C 355 21.68 -15.88 -29.86
N ARG C 356 21.75 -14.55 -29.78
CA ARG C 356 22.53 -13.89 -28.71
C ARG C 356 21.67 -13.05 -27.76
N SER C 357 21.89 -13.22 -26.45
CA SER C 357 21.15 -12.48 -25.39
C SER C 357 21.95 -11.41 -24.69
N TRP C 358 21.31 -10.27 -24.47
CA TRP C 358 21.97 -9.19 -23.79
C TRP C 358 22.31 -9.67 -22.40
N TYR C 359 21.27 -10.05 -21.66
CA TYR C 359 21.46 -10.52 -20.30
C TYR C 359 22.67 -11.42 -20.22
N LEU C 360 22.70 -12.43 -21.07
CA LEU C 360 23.81 -13.37 -21.10
C LEU C 360 25.13 -12.65 -21.26
N ALA C 361 25.20 -11.78 -22.24
CA ALA C 361 26.42 -11.02 -22.50
C ALA C 361 26.87 -10.31 -21.25
N TYR C 362 26.05 -9.36 -20.81
CA TYR C 362 26.33 -8.57 -19.62
C TYR C 362 26.84 -9.41 -18.45
N ASN C 363 26.11 -10.45 -18.09
CA ASN C 363 26.49 -11.29 -16.96
C ASN C 363 27.56 -12.35 -17.15
N TYR C 364 27.63 -12.90 -18.36
CA TYR C 364 28.58 -13.99 -18.60
C TYR C 364 29.80 -13.74 -19.49
N GLY C 365 29.72 -12.80 -20.41
CA GLY C 365 30.87 -12.57 -21.26
C GLY C 365 31.78 -11.44 -20.80
N ASP C 366 33.08 -11.67 -20.91
CA ASP C 366 34.11 -10.69 -20.54
C ASP C 366 33.58 -9.35 -20.03
N PRO C 367 33.72 -9.10 -18.72
CA PRO C 367 33.24 -7.84 -18.16
C PRO C 367 34.02 -6.61 -18.63
N GLN C 368 35.30 -6.76 -18.92
CA GLN C 368 36.10 -5.63 -19.34
C GLN C 368 36.00 -5.30 -20.83
N THR C 369 35.31 -6.14 -21.59
CA THR C 369 35.16 -5.96 -23.04
C THR C 369 33.72 -6.04 -23.51
N GLY C 370 32.98 -6.96 -22.91
CA GLY C 370 31.59 -7.17 -23.28
C GLY C 370 30.71 -5.96 -23.13
N ILE C 371 29.40 -6.19 -23.25
CA ILE C 371 28.49 -5.09 -23.10
C ILE C 371 28.55 -4.64 -21.64
N ARG C 372 28.84 -5.57 -20.73
CA ARG C 372 28.94 -5.22 -19.31
C ARG C 372 29.77 -3.95 -19.13
N SER C 373 30.58 -3.64 -20.13
CA SER C 373 31.42 -2.46 -20.10
C SER C 373 30.72 -1.13 -20.32
N TRP C 374 30.18 -0.91 -21.53
CA TRP C 374 29.51 0.34 -21.89
C TRP C 374 28.03 0.42 -21.53
N THR C 375 27.49 -0.60 -20.91
CA THR C 375 26.09 -0.54 -20.55
C THR C 375 25.90 -0.82 -19.07
N LEU C 376 24.69 -0.63 -18.58
CA LEU C 376 24.38 -0.87 -17.18
C LEU C 376 23.05 -1.55 -16.93
N LEU C 377 23.10 -2.64 -16.17
CA LEU C 377 21.91 -3.40 -15.84
C LEU C 377 21.21 -2.80 -14.66
N CYS C 378 19.92 -2.53 -14.82
CA CYS C 378 19.15 -1.94 -13.73
C CYS C 378 17.64 -2.12 -13.80
N THR C 379 17.01 -1.77 -12.68
CA THR C 379 15.58 -1.89 -12.52
C THR C 379 14.79 -1.22 -13.62
N PRO C 380 13.69 -1.86 -14.03
CA PRO C 380 12.73 -1.48 -15.06
C PRO C 380 12.09 -0.09 -15.01
N ASP C 381 11.12 0.09 -14.12
CA ASP C 381 10.38 1.37 -14.02
C ASP C 381 9.49 1.50 -15.24
N VAL C 382 8.19 1.34 -15.05
CA VAL C 382 7.33 1.43 -16.19
C VAL C 382 7.26 2.88 -16.67
N THR C 383 7.13 3.82 -15.75
CA THR C 383 7.00 5.24 -16.08
C THR C 383 7.97 5.73 -17.17
N CYS C 384 9.02 4.95 -17.39
CA CYS C 384 10.04 5.24 -18.39
C CYS C 384 11.00 6.34 -18.01
N GLY C 385 10.80 6.93 -16.83
CA GLY C 385 11.71 7.98 -16.41
C GLY C 385 11.05 9.16 -15.74
N SER C 386 11.32 9.31 -14.45
CA SER C 386 10.75 10.41 -13.72
C SER C 386 11.20 11.71 -14.39
N GLU C 387 10.26 12.42 -15.04
CA GLU C 387 10.61 13.69 -15.65
C GLU C 387 9.91 14.76 -14.86
N GLN C 388 10.44 15.98 -14.89
CA GLN C 388 9.81 17.05 -14.12
C GLN C 388 9.15 18.09 -15.01
N VAL C 389 8.41 18.97 -14.34
CA VAL C 389 7.70 20.04 -15.00
C VAL C 389 8.03 21.35 -14.34
N TYR C 390 7.80 22.44 -15.07
CA TYR C 390 8.12 23.76 -14.57
C TYR C 390 6.92 24.70 -14.55
N TRP C 391 6.65 25.30 -13.41
CA TRP C 391 5.55 26.24 -13.31
C TRP C 391 6.07 27.60 -13.74
N SER C 392 5.16 28.49 -14.11
CA SER C 392 5.53 29.83 -14.52
C SER C 392 4.32 30.70 -14.33
N LEU C 393 4.47 31.84 -13.66
CA LEU C 393 3.34 32.73 -13.43
C LEU C 393 3.78 34.13 -13.81
N PRO C 394 4.28 34.27 -15.02
CA PRO C 394 4.80 35.45 -15.71
C PRO C 394 4.15 36.74 -15.36
N ASP C 395 2.83 36.72 -15.29
CA ASP C 395 2.09 37.94 -15.04
C ASP C 395 1.94 38.35 -13.57
N MET C 396 2.43 37.51 -12.66
CA MET C 396 2.29 37.78 -11.23
C MET C 396 3.52 37.64 -10.34
N MET C 397 4.64 37.16 -10.87
CA MET C 397 5.80 37.02 -10.01
C MET C 397 7.09 37.37 -10.67
N GLN C 398 7.91 38.07 -9.91
CA GLN C 398 9.18 38.51 -10.44
C GLN C 398 10.01 37.38 -10.98
N ASP C 399 10.61 37.66 -12.12
CA ASP C 399 11.41 36.71 -12.84
C ASP C 399 12.76 36.39 -12.21
N PRO C 400 12.87 35.22 -11.60
CA PRO C 400 14.03 34.65 -10.92
C PRO C 400 15.39 34.92 -11.56
N VAL C 401 16.33 35.26 -10.69
CA VAL C 401 17.67 35.60 -11.06
C VAL C 401 18.04 35.81 -12.51
N THR C 402 18.55 34.80 -13.17
CA THR C 402 18.99 35.03 -14.52
C THR C 402 17.98 35.00 -15.63
N PHE C 403 16.74 34.68 -15.31
CA PHE C 403 15.73 34.58 -16.34
C PHE C 403 15.41 35.89 -17.01
N ARG C 404 15.30 35.82 -18.32
CA ARG C 404 14.99 36.98 -19.13
C ARG C 404 13.48 37.01 -19.19
N SER C 405 12.93 38.21 -19.23
CA SER C 405 11.48 38.37 -19.30
C SER C 405 11.03 38.34 -20.75
N THR C 406 10.00 37.56 -21.07
CA THR C 406 9.54 37.49 -22.45
C THR C 406 8.07 37.17 -22.59
N SER C 407 7.65 36.90 -23.82
CA SER C 407 6.26 36.57 -24.12
C SER C 407 6.13 35.27 -24.89
N GLN C 408 7.27 34.65 -25.16
CA GLN C 408 7.30 33.39 -25.87
C GLN C 408 6.97 32.28 -24.87
N ILE C 409 5.72 31.82 -24.89
CA ILE C 409 5.27 30.79 -23.97
C ILE C 409 6.28 29.71 -23.64
N SER C 410 7.03 29.30 -24.64
CA SER C 410 8.03 28.26 -24.44
C SER C 410 9.35 28.78 -23.88
N ASN C 411 9.32 29.88 -23.12
CA ASN C 411 10.54 30.44 -22.52
C ASN C 411 10.26 31.33 -21.32
N PHE C 412 9.02 31.30 -20.85
CA PHE C 412 8.66 32.10 -19.69
C PHE C 412 9.61 31.82 -18.56
N PRO C 413 9.59 32.66 -17.54
CA PRO C 413 10.44 32.46 -16.37
C PRO C 413 9.84 31.32 -15.57
N VAL C 414 10.67 30.62 -14.81
CA VAL C 414 10.20 29.51 -14.01
C VAL C 414 10.25 29.83 -12.53
N VAL C 415 9.20 29.50 -11.82
CA VAL C 415 9.16 29.80 -10.42
C VAL C 415 9.21 28.56 -9.58
N GLY C 416 8.87 27.43 -10.18
CA GLY C 416 8.89 26.20 -9.41
C GLY C 416 9.04 24.98 -10.25
N ALA C 417 9.78 24.01 -9.75
CA ALA C 417 9.99 22.78 -10.49
C ALA C 417 9.41 21.67 -9.67
N GLU C 418 8.97 20.62 -10.32
CA GLU C 418 8.37 19.52 -9.60
C GLU C 418 8.27 18.31 -10.50
N LEU C 419 8.36 17.14 -9.90
CA LEU C 419 8.31 15.90 -10.64
C LEU C 419 6.92 15.64 -11.23
N LEU C 420 6.85 15.27 -12.50
CA LEU C 420 5.55 14.98 -13.13
C LEU C 420 4.90 13.81 -12.42
N PRO C 421 3.80 14.06 -11.70
CA PRO C 421 2.93 13.19 -10.89
C PRO C 421 2.72 11.75 -11.31
N VAL C 422 3.77 10.96 -11.43
CA VAL C 422 3.58 9.59 -11.85
C VAL C 422 4.48 8.65 -11.08
N HIS C 423 3.88 7.62 -10.48
CA HIS C 423 4.62 6.63 -9.71
C HIS C 423 4.33 5.26 -10.25
N SER C 424 5.08 4.26 -9.78
CA SER C 424 4.88 2.90 -10.23
C SER C 424 4.50 1.98 -9.09
N LYS C 425 3.25 1.52 -9.10
CA LYS C 425 2.75 0.61 -8.08
C LYS C 425 3.17 -0.79 -8.49
N SER C 426 3.45 -1.63 -7.50
CA SER C 426 3.87 -3.01 -7.76
C SER C 426 2.88 -3.99 -7.18
N PHE C 427 2.65 -5.08 -7.90
CA PHE C 427 1.70 -6.11 -7.46
C PHE C 427 2.28 -7.50 -7.63
N TYR C 428 1.82 -8.43 -6.79
CA TYR C 428 2.29 -9.80 -6.86
C TYR C 428 1.55 -10.61 -7.91
N ASN C 429 2.31 -11.26 -8.78
CA ASN C 429 1.72 -12.01 -9.88
C ASN C 429 1.46 -13.49 -9.64
N ASP C 430 0.18 -13.87 -9.55
CA ASP C 430 -0.17 -15.27 -9.36
C ASP C 430 -0.18 -15.89 -10.75
N GLN C 431 -0.64 -15.10 -11.71
CA GLN C 431 -0.71 -15.48 -13.11
C GLN C 431 0.65 -15.91 -13.66
N ALA C 432 1.65 -15.96 -12.78
CA ALA C 432 2.99 -16.35 -13.17
C ALA C 432 2.98 -17.77 -13.71
N VAL C 433 2.55 -18.70 -12.88
CA VAL C 433 2.50 -20.11 -13.23
C VAL C 433 1.17 -20.57 -13.80
N TYR C 434 0.07 -20.03 -13.29
CA TYR C 434 -1.25 -20.42 -13.77
C TYR C 434 -1.24 -20.71 -15.27
N SER C 435 -0.44 -19.96 -16.04
CA SER C 435 -0.37 -20.13 -17.49
C SER C 435 0.47 -21.30 -17.96
N GLN C 436 1.32 -21.82 -17.08
CA GLN C 436 2.16 -22.96 -17.41
C GLN C 436 1.33 -24.23 -17.32
N LEU C 437 0.11 -24.08 -16.79
CA LEU C 437 -0.81 -25.20 -16.63
C LEU C 437 -2.06 -24.99 -17.46
N ILE C 438 -1.88 -24.50 -18.68
CA ILE C 438 -2.99 -24.28 -19.61
C ILE C 438 -2.52 -24.42 -21.05
N ARG C 439 -1.23 -24.19 -21.28
CA ARG C 439 -0.66 -24.32 -22.63
C ARG C 439 0.03 -25.67 -22.70
N GLN C 440 0.01 -26.33 -21.56
CA GLN C 440 0.55 -27.68 -21.42
C GLN C 440 -0.64 -28.59 -21.72
N PHE C 441 -1.81 -27.97 -21.66
CA PHE C 441 -3.09 -28.59 -21.97
C PHE C 441 -3.57 -27.78 -23.19
N THR C 442 -3.02 -28.14 -24.36
CA THR C 442 -3.28 -27.45 -25.65
C THR C 442 -4.67 -26.79 -25.89
N SER C 443 -4.64 -25.58 -26.48
CA SER C 443 -5.81 -24.79 -26.83
C SER C 443 -5.30 -23.60 -27.60
N LEU C 444 -6.24 -22.81 -28.14
CA LEU C 444 -5.93 -21.61 -28.93
C LEU C 444 -4.68 -20.83 -28.50
N THR C 445 -4.32 -19.83 -29.31
CA THR C 445 -3.15 -19.01 -29.00
C THR C 445 -3.43 -17.52 -29.16
N HIS C 446 -2.60 -16.73 -28.49
CA HIS C 446 -2.71 -15.28 -28.55
C HIS C 446 -1.79 -14.77 -29.59
N VAL C 447 -2.04 -13.53 -29.99
CA VAL C 447 -1.22 -12.90 -30.99
C VAL C 447 0.18 -12.78 -30.40
N PHE C 448 0.31 -13.22 -29.16
CA PHE C 448 1.56 -13.16 -28.41
C PHE C 448 2.38 -14.43 -28.44
N ASN C 449 1.72 -15.59 -28.45
CA ASN C 449 2.49 -16.81 -28.48
C ASN C 449 2.36 -17.50 -29.82
N ARG C 450 2.73 -16.82 -30.88
CA ARG C 450 2.60 -17.43 -32.20
C ARG C 450 3.60 -18.52 -32.49
N PHE C 451 4.39 -18.90 -31.50
CA PHE C 451 5.39 -19.94 -31.70
C PHE C 451 5.58 -20.74 -30.43
N PRO C 452 4.46 -21.14 -29.81
CA PRO C 452 4.39 -21.92 -28.57
C PRO C 452 5.46 -22.97 -28.47
N GLU C 453 5.56 -23.76 -29.52
CA GLU C 453 6.51 -24.83 -29.58
C GLU C 453 7.87 -24.34 -30.06
N ASN C 454 8.46 -23.37 -29.37
CA ASN C 454 9.76 -22.95 -29.84
C ASN C 454 10.83 -22.72 -28.81
N GLN C 455 10.47 -22.66 -27.55
CA GLN C 455 11.48 -22.48 -26.52
C GLN C 455 12.31 -21.22 -26.67
N ILE C 456 12.08 -20.46 -27.73
CA ILE C 456 12.83 -19.24 -27.92
C ILE C 456 11.92 -18.15 -28.40
N LEU C 457 11.21 -18.37 -29.50
CA LEU C 457 10.29 -17.35 -29.99
C LEU C 457 9.00 -17.53 -29.19
N ALA C 458 9.09 -18.32 -28.13
CA ALA C 458 7.94 -18.59 -27.26
C ALA C 458 7.39 -17.27 -26.77
N ARG C 459 6.92 -17.26 -25.53
CA ARG C 459 6.42 -16.03 -24.96
C ARG C 459 7.13 -15.84 -23.65
N PRO C 460 7.90 -14.76 -23.53
CA PRO C 460 8.62 -14.51 -22.28
C PRO C 460 7.73 -14.74 -21.08
N PRO C 461 8.27 -15.40 -20.06
CA PRO C 461 7.58 -15.73 -18.82
C PRO C 461 7.16 -14.47 -18.10
N ALA C 462 5.95 -14.46 -17.55
CA ALA C 462 5.46 -13.30 -16.82
C ALA C 462 6.20 -13.21 -15.49
N PRO C 463 6.84 -12.07 -15.22
CA PRO C 463 7.54 -11.99 -13.95
C PRO C 463 6.57 -11.84 -12.80
N THR C 464 6.92 -12.39 -11.66
CA THR C 464 6.09 -12.24 -10.47
C THR C 464 6.36 -10.78 -10.12
N ILE C 465 5.36 -10.05 -9.66
CA ILE C 465 5.59 -8.64 -9.31
C ILE C 465 5.68 -7.76 -10.54
N THR C 466 4.54 -7.35 -11.06
CA THR C 466 4.52 -6.47 -12.21
C THR C 466 4.35 -5.07 -11.69
N THR C 467 4.72 -4.10 -12.50
CA THR C 467 4.58 -2.72 -12.09
C THR C 467 3.63 -2.05 -13.07
N VAL C 468 2.99 -0.98 -12.63
CA VAL C 468 2.05 -0.28 -13.48
C VAL C 468 2.11 1.20 -13.24
N SER C 469 2.29 1.97 -14.31
CA SER C 469 2.34 3.42 -14.17
C SER C 469 1.03 3.88 -13.58
N GLU C 470 1.08 4.68 -12.53
CA GLU C 470 -0.13 5.18 -11.91
C GLU C 470 -0.06 6.69 -11.71
N ASN C 471 -1.13 7.38 -12.08
CA ASN C 471 -1.18 8.82 -11.92
C ASN C 471 -1.68 9.19 -10.54
N VAL C 472 -1.14 10.25 -9.95
CA VAL C 472 -1.56 10.61 -8.61
C VAL C 472 -1.53 12.11 -8.38
N PRO C 473 -2.49 12.64 -7.61
CA PRO C 473 -2.52 14.08 -7.35
C PRO C 473 -1.31 14.45 -6.52
N ALA C 474 -0.68 15.56 -6.88
CA ALA C 474 0.50 15.99 -6.18
C ALA C 474 0.30 17.32 -5.49
N LEU C 475 0.06 17.26 -4.18
CA LEU C 475 -0.12 18.45 -3.39
C LEU C 475 1.26 18.89 -3.02
N THR C 476 1.90 19.58 -3.96
CA THR C 476 3.24 20.06 -3.77
C THR C 476 3.27 21.45 -3.12
N ASP C 477 4.46 21.98 -2.90
CA ASP C 477 4.62 23.28 -2.29
C ASP C 477 5.97 23.90 -2.63
N HIS C 478 5.94 24.91 -3.48
CA HIS C 478 7.16 25.59 -3.87
C HIS C 478 7.42 26.59 -2.79
N GLY C 479 8.62 27.16 -2.77
CA GLY C 479 8.92 28.10 -1.70
C GLY C 479 8.05 29.34 -1.60
N THR C 480 8.69 30.43 -1.16
CA THR C 480 8.06 31.72 -1.05
C THR C 480 8.83 32.56 -2.06
N LEU C 481 8.12 33.16 -3.01
CA LEU C 481 8.73 33.95 -4.08
C LEU C 481 8.45 35.43 -4.05
N PRO C 482 9.32 36.21 -4.67
CA PRO C 482 9.15 37.65 -4.72
C PRO C 482 8.14 37.93 -5.81
N LEU C 483 7.22 38.88 -5.59
CA LEU C 483 6.23 39.19 -6.61
C LEU C 483 6.05 40.68 -6.86
N ARG C 484 5.41 41.03 -7.98
CA ARG C 484 5.18 42.43 -8.34
C ARG C 484 4.17 43.00 -7.39
N ASN C 485 4.11 44.32 -7.24
CA ASN C 485 3.16 44.93 -6.31
C ASN C 485 1.90 45.41 -6.99
N SER C 486 1.73 44.99 -8.24
CA SER C 486 0.58 45.39 -9.02
C SER C 486 0.17 44.16 -9.77
N ILE C 487 -0.57 43.31 -9.08
CA ILE C 487 -1.01 42.07 -9.66
C ILE C 487 -2.21 42.30 -10.57
N GLY C 488 -2.03 41.96 -11.83
CA GLY C 488 -3.06 42.14 -12.84
C GLY C 488 -4.33 41.36 -12.62
N GLY C 489 -5.46 41.94 -13.04
CA GLY C 489 -6.73 41.26 -12.87
C GLY C 489 -6.72 39.87 -13.47
N VAL C 490 -5.96 39.68 -14.55
CA VAL C 490 -5.90 38.35 -15.17
C VAL C 490 -4.50 37.83 -15.27
N GLN C 491 -4.27 36.73 -14.57
CA GLN C 491 -2.99 36.07 -14.51
C GLN C 491 -2.94 34.94 -15.48
N ARG C 492 -1.72 34.55 -15.85
CA ARG C 492 -1.56 33.46 -16.78
C ARG C 492 -0.76 32.36 -16.10
N VAL C 493 -1.30 31.15 -16.11
CA VAL C 493 -0.64 30.02 -15.51
C VAL C 493 -0.07 29.17 -16.61
N THR C 494 1.08 28.54 -16.38
CA THR C 494 1.69 27.71 -17.40
C THR C 494 2.62 26.63 -16.91
N ILE C 495 2.25 25.39 -17.18
CA ILE C 495 3.07 24.27 -16.77
C ILE C 495 3.83 23.78 -17.98
N THR C 496 5.12 23.54 -17.82
CA THR C 496 5.95 23.11 -18.92
C THR C 496 6.76 21.89 -18.56
N ASP C 497 7.23 21.18 -19.57
CA ASP C 497 8.01 19.99 -19.31
C ASP C 497 9.47 20.24 -19.60
N ALA C 498 10.30 19.25 -19.27
CA ALA C 498 11.72 19.36 -19.47
C ALA C 498 12.13 20.01 -20.80
N ARG C 499 11.45 19.62 -21.87
CA ARG C 499 11.75 20.12 -23.21
C ARG C 499 11.12 21.48 -23.47
N ARG C 500 10.24 21.89 -22.57
CA ARG C 500 9.57 23.18 -22.67
C ARG C 500 8.46 23.22 -23.69
N ARG C 501 7.31 22.72 -23.26
CA ARG C 501 6.12 22.68 -24.09
C ARG C 501 5.00 22.32 -23.13
N THR C 502 3.79 22.74 -23.46
CA THR C 502 2.66 22.44 -22.60
C THR C 502 2.58 20.92 -22.49
N CYS C 503 1.81 20.42 -21.54
CA CYS C 503 1.69 18.98 -21.36
C CYS C 503 0.22 18.57 -21.35
N PRO C 504 -0.25 18.10 -22.50
CA PRO C 504 -1.63 17.66 -22.74
C PRO C 504 -2.25 16.85 -21.62
N TYR C 505 -1.46 16.03 -20.96
CA TYR C 505 -1.96 15.18 -19.89
C TYR C 505 -2.21 15.81 -18.53
N VAL C 506 -2.57 17.09 -18.50
CA VAL C 506 -2.84 17.76 -17.24
C VAL C 506 -4.32 17.98 -17.05
N TYR C 507 -4.89 17.34 -16.03
CA TYR C 507 -6.32 17.47 -15.74
C TYR C 507 -6.59 18.65 -14.82
N LYS C 508 -5.70 18.90 -13.87
CA LYS C 508 -5.95 20.03 -12.99
C LYS C 508 -4.73 20.68 -12.38
N ALA C 509 -4.71 22.01 -12.49
CA ALA C 509 -3.63 22.82 -11.94
C ALA C 509 -4.33 23.78 -10.99
N LEU C 510 -3.76 23.98 -9.82
CA LEU C 510 -4.35 24.88 -8.85
C LEU C 510 -3.31 25.62 -8.09
N GLY C 511 -3.44 26.94 -8.00
CA GLY C 511 -2.43 27.66 -7.27
C GLY C 511 -2.94 28.57 -6.18
N ILE C 512 -2.26 28.56 -5.04
CA ILE C 512 -2.65 29.44 -3.96
C ILE C 512 -1.45 30.29 -3.57
N VAL C 513 -1.62 31.61 -3.58
CA VAL C 513 -0.52 32.46 -3.23
C VAL C 513 -0.85 33.29 -2.02
N SER C 514 0.13 33.39 -1.12
CA SER C 514 -0.04 34.13 0.13
C SER C 514 1.02 35.21 0.23
N PRO C 515 0.77 36.40 -0.32
CA PRO C 515 1.78 37.43 -0.22
C PRO C 515 2.01 37.88 1.20
N ARG C 516 3.21 38.36 1.49
CA ARG C 516 3.57 38.85 2.81
C ARG C 516 4.83 39.69 2.65
N VAL C 517 4.91 40.79 3.38
CA VAL C 517 6.04 41.72 3.29
C VAL C 517 7.39 41.07 3.58
N LEU C 518 8.40 41.48 2.82
CA LEU C 518 9.74 40.93 2.92
C LEU C 518 10.82 41.90 3.33
N SER C 519 10.71 43.14 2.88
CA SER C 519 11.70 44.17 3.20
C SER C 519 11.12 45.53 2.87
N SER C 520 11.94 46.57 2.82
CA SER C 520 11.40 47.89 2.51
C SER C 520 12.13 48.65 1.43
N ARG C 521 11.39 49.48 0.71
CA ARG C 521 11.94 50.27 -0.37
C ARG C 521 12.18 51.71 0.07
N THR C 522 11.84 51.99 1.24
N THR D 1 18.75 43.84 6.21
CA THR D 1 18.17 43.87 4.84
C THR D 1 18.48 45.17 4.05
N GLY D 2 17.75 46.26 4.30
CA GLY D 2 18.00 47.53 3.62
C GLY D 2 18.82 47.55 2.32
N GLY D 3 20.13 47.85 2.41
CA GLY D 3 20.95 47.88 1.21
C GLY D 3 21.63 46.55 0.91
N ARG D 4 21.51 45.63 1.87
CA ARG D 4 22.12 44.31 1.79
C ARG D 4 21.42 43.25 0.95
N ASN D 5 20.28 43.55 0.33
CA ASN D 5 19.58 42.52 -0.47
C ASN D 5 20.16 42.31 -1.84
N SER D 6 19.92 43.26 -2.71
CA SER D 6 20.40 43.19 -4.08
C SER D 6 21.06 41.88 -4.51
N ILE D 7 20.38 41.18 -5.42
CA ILE D 7 20.90 39.96 -6.00
C ILE D 7 21.06 40.42 -7.43
N ARG D 8 22.29 40.52 -7.91
CA ARG D 8 22.50 41.05 -9.24
C ARG D 8 23.08 40.09 -10.26
N TYR D 9 22.79 40.38 -11.52
CA TYR D 9 23.25 39.61 -12.64
C TYR D 9 23.71 40.63 -13.70
N SER D 10 24.38 40.19 -14.77
CA SER D 10 24.82 41.14 -15.80
C SER D 10 23.60 41.93 -16.31
N GLU D 11 23.69 43.24 -16.33
CA GLU D 11 22.63 44.08 -16.87
C GLU D 11 21.14 43.67 -16.75
N LEU D 12 20.82 42.42 -16.45
CA LEU D 12 19.42 42.03 -16.39
C LEU D 12 18.56 42.71 -15.33
N ALA D 13 19.14 43.61 -14.55
CA ALA D 13 18.42 44.33 -13.48
C ALA D 13 18.49 43.72 -12.09
N PRO D 14 18.20 44.53 -11.04
CA PRO D 14 18.22 44.21 -9.61
C PRO D 14 17.03 43.35 -9.24
N LEU D 15 17.32 42.29 -8.51
CA LEU D 15 16.26 41.42 -8.02
C LEU D 15 16.48 41.59 -6.53
N PHE D 16 15.41 41.65 -5.72
CA PHE D 16 15.59 41.85 -4.29
C PHE D 16 15.05 40.75 -3.38
N ASP D 17 15.88 40.36 -2.41
CA ASP D 17 15.61 39.29 -1.46
C ASP D 17 15.58 37.93 -2.13
N THR D 18 15.38 36.87 -1.37
CA THR D 18 15.36 35.53 -1.94
C THR D 18 14.81 35.43 -3.37
N THR D 19 15.37 34.49 -4.14
CA THR D 19 14.94 34.21 -5.50
C THR D 19 15.22 32.72 -5.70
N ARG D 20 15.53 32.28 -6.92
CA ARG D 20 15.77 30.86 -7.12
C ARG D 20 16.75 30.51 -8.21
N VAL D 21 17.75 29.71 -7.88
CA VAL D 21 18.72 29.29 -8.89
C VAL D 21 18.44 27.81 -9.08
N TYR D 22 18.56 27.30 -10.29
CA TYR D 22 18.28 25.89 -10.53
C TYR D 22 19.42 24.99 -11.01
N LEU D 23 19.60 23.88 -10.31
CA LEU D 23 20.62 22.90 -10.64
C LEU D 23 19.94 21.74 -11.35
N VAL D 24 20.03 21.69 -12.67
CA VAL D 24 19.40 20.61 -13.45
C VAL D 24 20.31 19.96 -14.49
N ASP D 25 20.17 18.65 -14.64
CA ASP D 25 20.96 17.83 -15.55
C ASP D 25 20.40 17.77 -16.97
N ASN D 26 19.11 17.43 -17.06
CA ASN D 26 18.41 17.28 -18.32
C ASN D 26 18.42 18.53 -19.23
N LYS D 27 19.12 19.59 -18.82
CA LYS D 27 19.16 20.81 -19.65
C LYS D 27 19.93 20.49 -20.93
N SER D 28 19.21 20.57 -22.04
CA SER D 28 19.71 20.21 -23.38
C SER D 28 21.01 20.82 -23.90
N THR D 29 21.14 22.14 -23.82
CA THR D 29 22.34 22.77 -24.33
C THR D 29 23.58 22.27 -23.58
N ASP D 30 23.42 22.07 -22.27
CA ASP D 30 24.51 21.62 -21.37
C ASP D 30 25.10 20.28 -21.75
N VAL D 31 24.24 19.26 -21.75
CA VAL D 31 24.63 17.90 -22.08
C VAL D 31 25.67 17.85 -23.18
N ALA D 32 25.19 18.12 -24.38
CA ALA D 32 26.00 18.12 -25.57
C ALA D 32 27.39 18.72 -25.37
N SER D 33 27.45 19.87 -24.70
CA SER D 33 28.71 20.58 -24.53
C SER D 33 29.57 20.35 -23.28
N LEU D 34 28.99 20.05 -22.13
CA LEU D 34 29.83 19.92 -20.96
C LEU D 34 30.03 18.54 -20.35
N ASN D 35 28.95 17.96 -19.87
CA ASN D 35 29.02 16.68 -19.22
C ASN D 35 28.79 15.51 -20.16
N TYR D 36 29.48 15.52 -21.30
CA TYR D 36 29.36 14.43 -22.26
C TYR D 36 29.88 13.14 -21.63
N GLN D 37 31.10 13.21 -21.14
CA GLN D 37 31.75 12.06 -20.54
C GLN D 37 31.30 11.75 -19.11
N ASN D 38 30.43 12.56 -18.55
CA ASN D 38 29.99 12.31 -17.17
C ASN D 38 28.67 11.59 -17.10
N ASP D 39 28.21 11.38 -15.87
CA ASP D 39 26.94 10.70 -15.62
C ASP D 39 26.12 11.42 -14.56
N HIS D 40 24.86 11.06 -14.46
CA HIS D 40 23.97 11.68 -13.52
C HIS D 40 24.42 11.85 -12.09
N SER D 41 25.43 11.11 -11.67
CA SER D 41 25.87 11.24 -10.29
C SER D 41 27.03 12.20 -10.14
N ASN D 42 27.41 12.87 -11.22
CA ASN D 42 28.52 13.80 -11.16
C ASN D 42 28.59 14.57 -12.47
N PHE D 43 27.85 15.67 -12.55
CA PHE D 43 27.78 16.46 -13.78
C PHE D 43 27.95 17.93 -13.60
N LEU D 44 27.93 18.64 -14.72
CA LEU D 44 28.05 20.08 -14.69
C LEU D 44 26.77 20.67 -15.19
N THR D 45 26.40 21.81 -14.65
CA THR D 45 25.20 22.49 -15.08
C THR D 45 25.47 23.94 -15.22
N THR D 46 24.79 24.57 -16.15
CA THR D 46 24.92 25.98 -16.33
C THR D 46 23.74 26.45 -15.48
N VAL D 47 24.01 27.29 -14.48
CA VAL D 47 22.97 27.78 -13.59
C VAL D 47 22.36 29.07 -14.15
N ILE D 48 23.02 29.65 -15.15
CA ILE D 48 22.55 30.85 -15.83
C ILE D 48 21.48 30.38 -16.80
N GLN D 49 20.23 30.67 -16.51
CA GLN D 49 19.15 30.25 -17.38
C GLN D 49 18.80 31.31 -18.44
N ASN D 50 19.82 31.97 -18.98
CA ASN D 50 19.56 32.99 -20.00
C ASN D 50 19.78 32.50 -21.41
N ASN D 51 18.67 32.40 -22.10
CA ASN D 51 18.56 31.94 -23.47
C ASN D 51 19.63 32.44 -24.47
N ASP D 52 20.15 33.64 -24.28
CA ASP D 52 21.10 34.19 -25.23
C ASP D 52 22.58 33.91 -25.11
N TYR D 53 23.05 33.15 -24.13
CA TYR D 53 24.50 32.96 -24.11
C TYR D 53 24.96 31.54 -24.29
N SER D 54 26.16 31.37 -24.84
CA SER D 54 26.75 30.04 -25.04
C SER D 54 26.85 29.42 -23.66
N PRO D 55 27.04 28.11 -23.57
CA PRO D 55 27.14 27.57 -22.22
C PRO D 55 28.50 28.02 -21.76
N GLY D 56 29.47 27.89 -22.64
CA GLY D 56 30.80 28.32 -22.30
C GLY D 56 30.75 29.76 -21.85
N GLU D 57 30.28 30.63 -22.73
CA GLU D 57 30.19 32.03 -22.39
C GLU D 57 29.52 32.28 -21.03
N ALA D 58 28.43 31.56 -20.78
CA ALA D 58 27.70 31.71 -19.52
C ALA D 58 28.60 31.40 -18.36
N SER D 59 29.41 30.35 -18.52
CA SER D 59 30.32 29.92 -17.49
C SER D 59 31.17 31.05 -16.98
N THR D 60 31.10 32.18 -17.68
CA THR D 60 31.87 33.35 -17.28
C THR D 60 31.06 34.21 -16.33
N GLN D 61 29.88 34.59 -16.78
CA GLN D 61 28.97 35.44 -16.00
C GLN D 61 28.75 34.88 -14.61
N THR D 62 28.21 35.71 -13.72
CA THR D 62 27.97 35.28 -12.34
C THR D 62 26.78 35.92 -11.66
N ILE D 63 26.20 35.15 -10.75
CA ILE D 63 25.08 35.63 -9.97
C ILE D 63 25.77 36.21 -8.76
N ASN D 64 25.48 37.46 -8.43
CA ASN D 64 26.11 38.09 -7.29
C ASN D 64 25.17 38.37 -6.15
N LEU D 65 25.26 37.59 -5.09
CA LEU D 65 24.41 37.86 -3.94
C LEU D 65 25.08 39.06 -3.34
N ASP D 66 24.32 39.99 -2.80
CA ASP D 66 24.95 41.19 -2.29
C ASP D 66 26.11 40.91 -1.37
N ASP D 67 27.14 41.69 -1.57
CA ASP D 67 28.37 41.60 -0.83
C ASP D 67 28.29 41.91 0.64
N ARG D 68 27.49 42.91 0.98
CA ARG D 68 27.38 43.33 2.36
C ARG D 68 26.73 42.35 3.32
N SER D 69 26.21 41.23 2.84
CA SER D 69 25.58 40.29 3.75
C SER D 69 26.02 38.86 3.55
N HIS D 70 26.01 38.08 4.63
CA HIS D 70 26.36 36.66 4.51
C HIS D 70 25.06 36.04 4.05
N TRP D 71 25.07 35.31 2.94
CA TRP D 71 23.84 34.72 2.47
C TRP D 71 23.72 33.24 2.75
N GLY D 72 22.51 32.74 2.60
CA GLY D 72 22.27 31.32 2.80
C GLY D 72 21.19 30.93 1.81
N GLY D 73 21.10 29.63 1.49
CA GLY D 73 20.08 29.18 0.56
C GLY D 73 19.41 27.91 1.03
N ASP D 74 18.18 27.68 0.62
CA ASP D 74 17.49 26.47 1.02
C ASP D 74 17.68 25.51 -0.11
N LEU D 75 18.15 24.32 0.23
CA LEU D 75 18.41 23.32 -0.77
C LEU D 75 17.44 22.19 -0.76
N LYS D 76 16.53 22.17 -1.72
CA LYS D 76 15.59 21.08 -1.79
C LYS D 76 16.07 20.27 -2.96
N THR D 77 15.88 18.97 -2.89
CA THR D 77 16.37 18.17 -3.98
C THR D 77 15.51 16.97 -4.31
N ILE D 78 15.59 16.53 -5.55
CA ILE D 78 14.82 15.41 -6.02
C ILE D 78 15.78 14.37 -6.52
N LEU D 79 15.90 13.27 -5.79
CA LEU D 79 16.82 12.22 -6.21
C LEU D 79 16.04 11.00 -6.62
N HIS D 80 16.42 10.38 -7.73
CA HIS D 80 15.73 9.18 -8.20
C HIS D 80 16.67 8.17 -8.80
N THR D 81 16.69 6.98 -8.20
CA THR D 81 17.58 5.94 -8.69
C THR D 81 16.86 4.79 -9.35
N ASN D 82 17.54 3.66 -9.42
CA ASN D 82 16.99 2.47 -10.06
C ASN D 82 17.98 1.31 -9.89
N MET D 83 18.76 1.37 -8.82
CA MET D 83 19.72 0.34 -8.52
C MET D 83 18.98 -0.97 -8.27
N PRO D 84 19.54 -2.10 -8.72
CA PRO D 84 18.91 -3.41 -8.55
C PRO D 84 19.29 -4.03 -7.22
N ASN D 85 18.54 -5.07 -6.86
CA ASN D 85 18.75 -5.81 -5.63
C ASN D 85 20.22 -6.24 -5.52
N VAL D 86 20.61 -7.19 -6.35
CA VAL D 86 21.97 -7.70 -6.36
C VAL D 86 22.77 -7.09 -7.49
N ASN D 87 24.02 -6.79 -7.22
CA ASN D 87 24.92 -6.25 -8.23
C ASN D 87 26.32 -6.06 -7.69
N GLU D 88 27.23 -5.93 -8.63
CA GLU D 88 28.62 -5.72 -8.29
C GLU D 88 28.76 -4.22 -8.17
N PHE D 89 28.85 -3.75 -6.95
CA PHE D 89 29.03 -2.33 -6.70
C PHE D 89 28.62 -2.28 -5.29
N MET D 90 27.45 -2.82 -5.03
CA MET D 90 26.96 -2.82 -3.67
C MET D 90 27.41 -4.08 -2.99
N PHE D 91 28.20 -4.87 -3.71
CA PHE D 91 28.69 -6.14 -3.20
C PHE D 91 27.54 -7.02 -2.78
N THR D 92 26.69 -7.37 -3.73
CA THR D 92 25.57 -8.24 -3.45
C THR D 92 25.52 -9.31 -4.51
N ASN D 93 26.62 -9.47 -5.23
CA ASN D 93 26.68 -10.48 -6.27
C ASN D 93 27.82 -11.43 -6.02
N LYS D 94 28.44 -11.36 -4.86
CA LYS D 94 29.55 -12.26 -4.56
C LYS D 94 29.46 -12.74 -3.14
N PHE D 95 30.04 -13.89 -2.86
CA PHE D 95 30.03 -14.44 -1.52
C PHE D 95 30.89 -15.68 -1.52
N LYS D 96 31.85 -15.71 -0.60
CA LYS D 96 32.76 -16.83 -0.49
C LYS D 96 32.18 -17.92 0.39
N ALA D 97 32.33 -19.16 -0.07
CA ALA D 97 31.85 -20.33 0.64
C ALA D 97 32.92 -21.39 0.46
N ARG D 98 33.01 -22.31 1.42
CA ARG D 98 33.97 -23.39 1.36
C ARG D 98 33.26 -24.69 1.09
N VAL D 99 33.59 -25.36 -0.02
CA VAL D 99 32.90 -26.59 -0.37
C VAL D 99 33.79 -27.78 -0.63
N MET D 100 33.19 -28.95 -0.81
CA MET D 100 33.95 -30.14 -1.12
C MET D 100 34.32 -30.01 -2.58
N VAL D 101 35.57 -30.30 -2.90
CA VAL D 101 36.04 -30.16 -4.27
C VAL D 101 36.75 -31.43 -4.77
N SER D 102 36.96 -32.39 -3.89
CA SER D 102 37.63 -33.63 -4.28
C SER D 102 37.43 -34.79 -3.31
N ARG D 103 37.22 -35.97 -3.88
CA ARG D 103 37.01 -37.14 -3.07
C ARG D 103 37.65 -38.35 -3.75
N SER D 104 38.75 -38.82 -3.20
CA SER D 104 39.48 -39.95 -3.77
C SER D 104 39.98 -40.85 -2.64
N LEU D 105 40.04 -42.17 -2.92
CA LEU D 105 40.48 -43.21 -1.96
C LEU D 105 42.02 -43.13 -1.80
N THR D 106 42.49 -42.38 -0.81
CA THR D 106 43.94 -42.24 -0.68
C THR D 106 44.73 -43.53 -0.82
N LYS D 107 46.00 -43.33 -1.15
CA LYS D 107 47.02 -44.37 -1.38
C LYS D 107 47.04 -45.65 -0.56
N ASP D 108 46.66 -45.62 0.73
CA ASP D 108 46.72 -46.88 1.46
C ASP D 108 45.37 -47.64 1.42
N LYS D 109 44.35 -47.07 2.05
CA LYS D 109 42.99 -47.65 2.10
C LYS D 109 42.10 -46.65 2.84
N GLN D 110 42.75 -45.62 3.39
CA GLN D 110 42.06 -44.54 4.08
C GLN D 110 41.69 -43.59 2.98
N VAL D 111 40.91 -42.59 3.31
CA VAL D 111 40.48 -41.72 2.26
C VAL D 111 40.82 -40.27 2.44
N GLU D 112 40.65 -39.55 1.35
CA GLU D 112 40.96 -38.15 1.32
C GLU D 112 39.82 -37.27 0.88
N LEU D 113 39.62 -36.24 1.68
CA LEU D 113 38.60 -35.25 1.44
C LEU D 113 39.30 -33.92 1.54
N LYS D 114 39.41 -33.23 0.41
CA LYS D 114 40.03 -31.92 0.39
C LYS D 114 38.95 -30.90 0.08
N TYR D 115 38.97 -29.79 0.80
CA TYR D 115 38.00 -28.73 0.63
C TYR D 115 38.69 -27.45 0.22
N GLU D 116 37.93 -26.51 -0.30
CA GLU D 116 38.50 -25.24 -0.72
C GLU D 116 37.46 -24.12 -0.73
N TRP D 117 37.93 -22.87 -0.61
CA TRP D 117 37.06 -21.70 -0.62
C TRP D 117 36.98 -21.19 -2.04
N VAL D 118 35.78 -20.94 -2.50
CA VAL D 118 35.56 -20.51 -3.85
C VAL D 118 34.60 -19.37 -3.79
N GLU D 119 34.73 -18.44 -4.71
CA GLU D 119 33.86 -17.30 -4.73
C GLU D 119 32.81 -17.51 -5.81
N PHE D 120 31.55 -17.47 -5.43
CA PHE D 120 30.54 -17.66 -6.44
C PHE D 120 29.91 -16.34 -6.69
N THR D 121 29.58 -16.10 -7.96
CA THR D 121 28.94 -14.85 -8.29
C THR D 121 27.57 -15.02 -8.96
N LEU D 122 26.67 -14.11 -8.65
CA LEU D 122 25.34 -14.17 -9.23
C LEU D 122 25.20 -13.36 -10.46
N PRO D 123 24.19 -13.70 -11.27
CA PRO D 123 23.95 -12.94 -12.50
C PRO D 123 23.30 -11.66 -11.97
N GLU D 124 23.81 -10.50 -12.35
CA GLU D 124 23.22 -9.27 -11.85
C GLU D 124 21.73 -9.16 -12.19
N GLY D 125 20.95 -8.58 -11.27
CA GLY D 125 19.53 -8.43 -11.52
C GLY D 125 18.81 -8.05 -10.25
N ASN D 126 17.54 -7.69 -10.35
CA ASN D 126 16.77 -7.33 -9.16
C ASN D 126 15.93 -8.54 -8.80
N TYR D 127 16.13 -9.07 -7.60
CA TYR D 127 15.41 -10.26 -7.19
C TYR D 127 14.47 -10.16 -6.02
N SER D 128 14.01 -11.35 -5.66
CA SER D 128 13.11 -11.55 -4.56
C SER D 128 13.96 -11.88 -3.37
N GLU D 129 13.31 -12.00 -2.24
CA GLU D 129 14.00 -12.34 -1.02
C GLU D 129 14.43 -13.78 -1.15
N THR D 130 13.57 -14.56 -1.79
CA THR D 130 13.78 -15.98 -1.98
C THR D 130 14.63 -16.31 -3.19
N MET D 131 14.08 -16.04 -4.37
CA MET D 131 14.79 -16.34 -5.60
C MET D 131 16.26 -16.00 -5.51
N THR D 132 16.59 -15.06 -4.62
CA THR D 132 17.98 -14.69 -4.44
C THR D 132 18.64 -15.91 -3.82
N ILE D 133 18.11 -16.34 -2.68
CA ILE D 133 18.61 -17.52 -2.00
C ILE D 133 18.88 -18.57 -3.07
N ASP D 134 17.80 -18.97 -3.74
CA ASP D 134 17.87 -19.97 -4.81
C ASP D 134 19.05 -19.73 -5.72
N LEU D 135 19.18 -18.51 -6.23
CA LEU D 135 20.28 -18.19 -7.10
C LEU D 135 21.61 -18.59 -6.48
N MET D 136 21.70 -18.45 -5.15
CA MET D 136 22.92 -18.79 -4.42
C MET D 136 23.11 -20.31 -4.38
N ASN D 137 22.07 -21.03 -3.97
CA ASN D 137 22.16 -22.47 -3.93
C ASN D 137 22.57 -22.97 -5.30
N ASN D 138 21.93 -22.44 -6.34
CA ASN D 138 22.27 -22.83 -7.70
C ASN D 138 23.75 -22.58 -7.94
N ALA D 139 24.21 -21.37 -7.64
CA ALA D 139 25.60 -21.05 -7.85
C ALA D 139 26.54 -22.01 -7.13
N ILE D 140 26.04 -22.70 -6.10
CA ILE D 140 26.85 -23.68 -5.37
C ILE D 140 26.94 -24.92 -6.23
N VAL D 141 25.79 -25.34 -6.71
CA VAL D 141 25.64 -26.50 -7.58
C VAL D 141 26.46 -26.34 -8.85
N GLU D 142 26.18 -25.25 -9.56
CA GLU D 142 26.84 -24.94 -10.82
C GLU D 142 28.33 -25.18 -10.70
N HIS D 143 28.86 -25.03 -9.49
CA HIS D 143 30.27 -25.25 -9.26
C HIS D 143 30.54 -26.72 -9.10
N TYR D 144 29.70 -27.39 -8.31
CA TYR D 144 29.83 -28.83 -8.10
C TYR D 144 29.95 -29.51 -9.45
N LEU D 145 29.35 -28.92 -10.49
CA LEU D 145 29.42 -29.51 -11.81
C LEU D 145 30.78 -29.27 -12.44
N LYS D 146 31.16 -28.02 -12.61
CA LYS D 146 32.45 -27.75 -13.24
C LYS D 146 33.61 -28.42 -12.50
N VAL D 147 33.38 -28.84 -11.27
CA VAL D 147 34.45 -29.47 -10.50
C VAL D 147 34.07 -30.68 -9.65
N GLY D 148 33.39 -30.39 -8.54
CA GLY D 148 32.96 -31.43 -7.62
C GLY D 148 32.81 -32.85 -8.14
N ARG D 149 31.62 -33.18 -8.65
CA ARG D 149 31.31 -34.52 -9.17
C ARG D 149 32.47 -35.21 -9.86
N GLN D 150 32.96 -34.55 -10.91
CA GLN D 150 34.04 -35.08 -11.71
C GLN D 150 35.34 -35.19 -10.92
N ASN D 151 35.22 -35.64 -9.68
CA ASN D 151 36.36 -35.82 -8.79
C ASN D 151 35.91 -36.55 -7.53
N GLY D 152 35.05 -37.55 -7.74
CA GLY D 152 34.55 -38.37 -6.65
C GLY D 152 33.58 -37.72 -5.66
N VAL D 153 33.05 -36.56 -5.99
CA VAL D 153 32.13 -35.90 -5.08
C VAL D 153 30.69 -36.20 -5.42
N LEU D 154 29.97 -36.79 -4.46
CA LEU D 154 28.58 -37.15 -4.68
C LEU D 154 27.66 -36.12 -4.09
N GLU D 155 26.64 -35.73 -4.84
CA GLU D 155 25.69 -34.76 -4.34
C GLU D 155 25.39 -35.10 -2.87
N SER D 156 25.37 -36.40 -2.58
CA SER D 156 25.12 -36.90 -1.23
C SER D 156 26.06 -36.25 -0.21
N ASP D 157 26.91 -35.32 -0.65
CA ASP D 157 27.83 -34.68 0.26
C ASP D 157 28.19 -33.24 -0.11
N ILE D 158 27.31 -32.56 -0.83
CA ILE D 158 27.58 -31.17 -1.16
C ILE D 158 27.51 -30.44 0.18
N GLY D 159 28.58 -29.72 0.49
CA GLY D 159 28.73 -28.98 1.76
C GLY D 159 27.86 -27.83 2.27
N VAL D 160 27.42 -26.90 1.40
CA VAL D 160 26.58 -25.76 1.83
C VAL D 160 25.25 -25.60 1.11
N LYS D 161 24.25 -25.27 1.90
CA LYS D 161 22.91 -25.05 1.41
C LYS D 161 22.23 -23.97 2.19
N PHE D 162 21.51 -23.10 1.50
CA PHE D 162 20.79 -22.01 2.14
C PHE D 162 19.34 -22.42 1.99
N ASP D 163 18.69 -22.76 3.08
CA ASP D 163 17.31 -23.26 3.03
C ASP D 163 16.46 -22.24 3.78
N THR D 164 15.46 -22.66 4.54
CA THR D 164 14.61 -21.71 5.27
C THR D 164 13.63 -22.34 6.26
N ARG D 165 13.82 -23.60 6.62
CA ARG D 165 12.87 -24.21 7.54
C ARG D 165 13.50 -24.63 8.85
N ASN D 166 12.62 -24.86 9.83
CA ASN D 166 13.04 -25.28 11.15
C ASN D 166 13.20 -26.78 11.09
N PHE D 167 14.42 -27.21 10.80
CA PHE D 167 14.68 -28.62 10.68
C PHE D 167 14.52 -29.45 11.93
N ARG D 168 13.47 -29.21 12.70
CA ARG D 168 13.27 -30.03 13.87
C ARG D 168 11.98 -29.73 14.57
N LEU D 169 10.93 -29.67 13.78
CA LEU D 169 9.63 -29.41 14.32
C LEU D 169 8.97 -30.73 14.68
N GLY D 170 8.95 -31.65 13.73
CA GLY D 170 8.34 -32.95 13.99
C GLY D 170 9.04 -33.74 15.09
N PHE D 171 10.28 -33.37 15.38
CA PHE D 171 11.08 -34.03 16.39
C PHE D 171 10.32 -34.49 17.63
N ASP D 172 10.64 -35.72 18.06
CA ASP D 172 10.02 -36.34 19.23
C ASP D 172 11.10 -36.51 20.29
N PRO D 173 10.92 -35.87 21.44
CA PRO D 173 11.83 -35.89 22.60
C PRO D 173 12.41 -37.24 22.98
N VAL D 174 11.66 -38.32 22.77
CA VAL D 174 12.14 -39.64 23.15
C VAL D 174 12.71 -40.48 22.02
N THR D 175 11.98 -40.59 20.92
CA THR D 175 12.45 -41.37 19.79
C THR D 175 13.71 -40.75 19.20
N GLY D 176 13.95 -39.48 19.50
CA GLY D 176 15.11 -38.79 18.96
C GLY D 176 15.01 -38.62 17.46
N LEU D 177 13.77 -38.57 16.95
CA LEU D 177 13.55 -38.44 15.52
C LEU D 177 12.43 -37.53 15.07
N VAL D 178 12.50 -37.12 13.82
CA VAL D 178 11.48 -36.27 13.24
C VAL D 178 10.38 -37.22 12.82
N MET D 179 9.62 -37.70 13.80
CA MET D 179 8.55 -38.67 13.59
C MET D 179 7.81 -38.72 12.26
N PRO D 180 7.19 -37.61 11.84
CA PRO D 180 6.45 -37.64 10.56
C PRO D 180 7.26 -38.09 9.34
N GLY D 181 8.52 -38.42 9.54
CA GLY D 181 9.37 -38.88 8.46
C GLY D 181 9.68 -37.83 7.39
N VAL D 182 9.28 -36.60 7.64
CA VAL D 182 9.51 -35.51 6.70
C VAL D 182 9.73 -34.20 7.44
N TYR D 183 10.82 -33.50 7.16
CA TYR D 183 11.07 -32.23 7.81
C TYR D 183 9.96 -31.30 7.33
N THR D 184 9.07 -30.91 8.25
CA THR D 184 7.95 -30.04 7.93
C THR D 184 8.42 -28.78 7.18
N ASN D 185 8.19 -28.77 5.87
CA ASN D 185 8.63 -27.70 4.98
C ASN D 185 8.04 -26.28 5.08
N GLU D 186 7.84 -25.77 6.28
CA GLU D 186 7.31 -24.41 6.39
C GLU D 186 8.49 -23.44 6.51
N ALA D 187 8.34 -22.24 5.97
CA ALA D 187 9.42 -21.26 6.02
C ALA D 187 9.51 -20.46 7.33
N PHE D 188 10.70 -20.39 7.91
CA PHE D 188 10.93 -19.65 9.16
C PHE D 188 12.31 -19.00 9.13
N HIS D 189 12.49 -17.93 8.37
CA HIS D 189 13.79 -17.25 8.31
C HIS D 189 14.92 -18.00 7.54
N PRO D 190 15.66 -17.28 6.69
CA PRO D 190 16.76 -17.80 5.88
C PRO D 190 17.63 -18.56 6.79
N ASP D 191 18.34 -19.62 6.35
CA ASP D 191 19.24 -20.26 7.31
C ASP D 191 20.45 -20.68 6.54
N ILE D 192 21.38 -21.35 7.23
CA ILE D 192 22.53 -21.83 6.53
C ILE D 192 22.76 -23.23 7.03
N ILE D 193 22.83 -24.18 6.10
CA ILE D 193 23.06 -25.58 6.44
C ILE D 193 24.42 -26.00 5.94
N LEU D 194 25.27 -26.38 6.87
CA LEU D 194 26.60 -26.81 6.53
C LEU D 194 26.84 -28.28 6.72
N LEU D 195 28.05 -28.68 6.39
CA LEU D 195 28.47 -30.06 6.52
C LEU D 195 29.83 -30.07 7.17
N PRO D 196 30.32 -31.26 7.51
CA PRO D 196 31.64 -31.25 8.13
C PRO D 196 32.68 -30.68 7.19
N GLY D 197 33.68 -30.03 7.76
CA GLY D 197 34.75 -29.50 6.95
C GLY D 197 34.48 -28.32 6.03
N CYS D 198 33.38 -27.62 6.22
CA CYS D 198 33.16 -26.47 5.35
C CYS D 198 32.35 -25.39 6.01
N GLY D 199 32.13 -24.30 5.29
CA GLY D 199 31.36 -23.19 5.83
C GLY D 199 31.28 -22.05 4.83
N VAL D 200 30.84 -20.90 5.30
CA VAL D 200 30.71 -19.76 4.42
C VAL D 200 31.20 -18.48 5.06
N ASP D 201 31.66 -17.57 4.22
CA ASP D 201 32.16 -16.30 4.71
C ASP D 201 31.50 -15.18 3.91
N PHE D 202 31.12 -14.11 4.61
CA PHE D 202 30.48 -12.99 3.96
C PHE D 202 31.30 -11.73 4.13
N THR D 203 32.51 -11.92 4.63
CA THR D 203 33.44 -10.82 4.88
C THR D 203 33.36 -9.70 3.85
N HIS D 204 32.97 -10.02 2.63
CA HIS D 204 32.87 -9.02 1.58
C HIS D 204 31.55 -9.11 0.82
N SER D 205 30.45 -9.09 1.56
CA SER D 205 29.15 -9.17 0.93
C SER D 205 28.04 -8.76 1.85
N ARG D 206 27.12 -7.99 1.31
CA ARG D 206 25.99 -7.53 2.09
C ARG D 206 24.89 -8.58 2.05
N LEU D 207 25.09 -9.62 1.24
CA LEU D 207 24.10 -10.67 1.14
C LEU D 207 23.79 -11.21 2.51
N SER D 208 24.76 -11.11 3.42
CA SER D 208 24.55 -11.57 4.77
C SER D 208 23.23 -11.01 5.28
N ASN D 209 23.08 -9.71 5.10
CA ASN D 209 21.89 -9.00 5.52
C ASN D 209 20.64 -9.56 4.88
N LEU D 210 20.75 -9.93 3.61
CA LEU D 210 19.61 -10.49 2.92
C LEU D 210 19.16 -11.71 3.70
N LEU D 211 20.10 -12.57 4.10
CA LEU D 211 19.76 -13.75 4.88
C LEU D 211 19.21 -13.31 6.22
N GLY D 212 19.82 -12.29 6.81
CA GLY D 212 19.33 -11.83 8.09
C GLY D 212 20.08 -12.46 9.23
N ILE D 213 21.36 -12.72 8.99
CA ILE D 213 22.23 -13.29 10.00
C ILE D 213 23.26 -12.19 10.20
N ARG D 214 23.09 -11.38 11.23
CA ARG D 214 24.03 -10.29 11.47
C ARG D 214 24.96 -10.62 12.62
N LYS D 215 26.16 -10.09 12.52
CA LYS D 215 27.21 -10.28 13.52
C LYS D 215 26.81 -9.48 14.75
N ARG D 216 26.88 -10.07 15.93
CA ARG D 216 26.47 -9.37 17.14
C ARG D 216 27.28 -8.13 17.49
N GLN D 217 28.41 -7.91 16.84
CA GLN D 217 29.19 -6.71 17.10
C GLN D 217 29.96 -6.29 15.88
N PRO D 218 29.23 -5.96 14.82
CA PRO D 218 29.56 -5.52 13.47
C PRO D 218 30.88 -4.87 13.17
N PHE D 219 31.28 -3.90 13.95
CA PHE D 219 32.54 -3.24 13.65
C PHE D 219 33.79 -4.14 13.67
N GLN D 220 33.58 -5.44 13.48
CA GLN D 220 34.68 -6.39 13.48
C GLN D 220 34.92 -6.86 12.06
N GLU D 221 35.92 -6.32 11.37
CA GLU D 221 36.12 -6.78 10.01
C GLU D 221 36.20 -8.31 10.00
N GLY D 222 35.42 -8.92 9.11
CA GLY D 222 35.42 -10.38 8.98
C GLY D 222 34.16 -11.12 9.37
N PHE D 223 33.66 -11.98 8.47
CA PHE D 223 32.45 -12.75 8.78
C PHE D 223 32.53 -14.18 8.29
N ARG D 224 33.14 -15.04 9.07
CA ARG D 224 33.25 -16.44 8.71
C ARG D 224 32.42 -17.27 9.65
N ILE D 225 31.62 -18.16 9.09
CA ILE D 225 30.79 -19.02 9.91
C ILE D 225 31.00 -20.43 9.37
N THR D 226 31.69 -21.27 10.14
CA THR D 226 31.98 -22.63 9.70
C THR D 226 31.27 -23.71 10.48
N TYR D 227 31.53 -24.94 10.10
CA TYR D 227 30.91 -26.09 10.73
C TYR D 227 31.12 -26.07 12.23
N ASP D 228 32.38 -26.15 12.62
CA ASP D 228 32.75 -26.16 14.03
C ASP D 228 32.01 -25.09 14.84
N ASP D 229 31.60 -24.01 14.20
CA ASP D 229 30.88 -22.95 14.91
C ASP D 229 29.47 -23.38 15.21
N LEU D 230 28.78 -23.86 14.18
CA LEU D 230 27.42 -24.33 14.36
C LEU D 230 27.48 -25.58 15.23
N GLU D 231 27.57 -25.40 16.53
CA GLU D 231 27.65 -26.54 17.41
C GLU D 231 26.33 -26.77 18.08
N GLY D 232 26.00 -28.04 18.34
CA GLY D 232 24.73 -28.35 18.96
C GLY D 232 23.65 -27.82 18.05
N GLY D 233 22.98 -28.73 17.33
CA GLY D 233 21.96 -28.29 16.41
C GLY D 233 22.24 -28.86 15.04
N ASN D 234 22.44 -30.16 15.00
CA ASN D 234 22.69 -30.85 13.76
C ASN D 234 21.29 -31.32 13.43
N ILE D 235 20.91 -31.24 12.16
CA ILE D 235 19.58 -31.68 11.79
C ILE D 235 19.30 -33.12 12.18
N PRO D 236 18.28 -33.35 13.02
CA PRO D 236 17.93 -34.71 13.44
C PRO D 236 17.49 -35.46 12.21
N ALA D 237 17.54 -36.79 12.25
CA ALA D 237 17.16 -37.59 11.09
C ALA D 237 15.66 -37.91 11.02
N LEU D 238 15.16 -38.09 9.81
CA LEU D 238 13.76 -38.42 9.61
C LEU D 238 13.55 -39.86 10.01
N LEU D 239 12.46 -40.15 10.70
CA LEU D 239 12.18 -41.53 11.09
C LEU D 239 11.75 -42.37 9.89
N ASP D 240 12.09 -43.65 9.90
CA ASP D 240 11.70 -44.51 8.77
C ASP D 240 10.21 -44.72 8.85
N VAL D 241 9.48 -44.09 7.95
CA VAL D 241 8.02 -44.20 7.93
C VAL D 241 7.56 -45.62 7.63
N ASP D 242 8.10 -46.19 6.55
CA ASP D 242 7.73 -47.54 6.12
C ASP D 242 8.09 -48.61 7.13
N ALA D 243 9.37 -48.71 7.48
CA ALA D 243 9.82 -49.70 8.45
C ALA D 243 8.82 -49.76 9.59
N TYR D 244 8.43 -48.59 10.09
CA TYR D 244 7.46 -48.49 11.17
C TYR D 244 6.09 -49.00 10.76
N GLN D 245 5.55 -48.45 9.68
CA GLN D 245 4.23 -48.86 9.19
C GLN D 245 4.20 -50.34 8.85
N ALA D 246 5.15 -50.76 8.02
CA ALA D 246 5.26 -52.16 7.60
C ALA D 246 5.25 -53.11 8.79
N SER D 247 5.68 -52.62 9.95
CA SER D 247 5.70 -53.46 11.14
C SER D 247 4.36 -53.45 11.85
N LEU D 248 4.27 -54.26 12.91
CA LEU D 248 3.06 -54.42 13.72
C LEU D 248 2.18 -55.59 13.23
N LYS D 249 2.79 -56.78 13.31
CA LYS D 249 2.18 -58.07 12.93
C LYS D 249 2.67 -59.08 14.00
N ASP D 250 3.98 -59.05 14.27
CA ASP D 250 4.62 -59.90 15.27
C ASP D 250 5.61 -59.07 16.11
N PRO D 325 12.21 -58.52 22.82
CA PRO D 325 10.95 -59.01 23.38
C PRO D 325 9.90 -59.08 22.24
N GLN D 326 9.48 -57.89 21.80
CA GLN D 326 8.50 -57.72 20.72
C GLN D 326 8.65 -56.32 20.09
N LYS D 327 9.78 -55.68 20.37
CA LYS D 327 10.11 -54.33 19.90
C LYS D 327 9.55 -53.91 18.53
N LYS D 328 9.44 -52.60 18.33
CA LYS D 328 8.92 -52.05 17.09
C LYS D 328 9.99 -51.41 16.18
N PRO D 329 9.63 -51.17 14.90
CA PRO D 329 10.43 -50.57 13.82
C PRO D 329 10.82 -49.11 14.03
N VAL D 330 10.38 -48.55 15.15
CA VAL D 330 10.68 -47.16 15.49
C VAL D 330 12.13 -46.82 15.25
N ILE D 331 12.97 -47.21 16.20
CA ILE D 331 14.41 -46.99 16.20
C ILE D 331 15.03 -46.71 14.82
N LYS D 332 14.51 -47.33 13.77
CA LYS D 332 15.07 -47.14 12.43
C LYS D 332 14.92 -45.73 11.86
N PRO D 333 16.02 -44.97 11.87
CA PRO D 333 16.02 -43.61 11.34
C PRO D 333 16.40 -43.78 9.88
N LEU D 334 15.58 -43.25 8.99
CA LEU D 334 15.86 -43.38 7.57
C LEU D 334 17.32 -43.07 7.31
N THR D 335 17.89 -43.65 6.25
CA THR D 335 19.29 -43.40 5.97
C THR D 335 19.53 -42.70 4.66
N GLU D 336 18.67 -43.00 3.70
CA GLU D 336 18.83 -42.41 2.37
C GLU D 336 17.49 -42.25 1.72
N ASP D 337 17.45 -41.60 0.58
CA ASP D 337 16.17 -41.41 -0.05
C ASP D 337 16.19 -41.79 -1.51
N SER D 338 15.04 -42.30 -1.98
CA SER D 338 14.82 -42.70 -3.37
C SER D 338 15.96 -42.20 -4.22
N LYS D 339 16.67 -43.11 -4.86
CA LYS D 339 17.85 -42.77 -5.67
C LYS D 339 18.99 -42.78 -4.67
N LYS D 340 18.71 -43.42 -3.54
CA LYS D 340 19.64 -43.61 -2.43
C LYS D 340 20.69 -42.52 -2.23
N ARG D 341 20.27 -41.40 -1.66
CA ARG D 341 21.16 -40.29 -1.37
C ARG D 341 21.48 -40.43 0.11
N SER D 342 22.76 -40.51 0.47
CA SER D 342 23.14 -40.66 1.88
C SER D 342 22.75 -39.47 2.74
N TYR D 343 22.24 -39.73 3.94
CA TYR D 343 21.89 -38.61 4.82
C TYR D 343 23.02 -38.45 5.79
N ASN D 344 24.15 -39.07 5.48
CA ASN D 344 25.32 -38.97 6.32
C ASN D 344 24.97 -38.89 7.80
N LEU D 345 24.69 -40.03 8.45
CA LEU D 345 24.39 -39.97 9.87
C LEU D 345 25.67 -40.22 10.61
N ILE D 346 25.87 -39.48 11.70
CA ILE D 346 27.08 -39.62 12.49
C ILE D 346 27.44 -41.09 12.76
N SER D 347 26.60 -41.79 13.52
CA SER D 347 26.82 -43.21 13.82
C SER D 347 25.71 -44.01 13.15
N ASN D 348 25.89 -45.32 13.06
CA ASN D 348 24.88 -46.20 12.50
C ASN D 348 23.82 -46.27 13.60
N ASP D 349 24.17 -45.60 14.70
CA ASP D 349 23.37 -45.51 15.91
C ASP D 349 22.60 -44.18 16.03
N SER D 350 23.31 -43.11 16.44
CA SER D 350 22.73 -41.79 16.64
C SER D 350 21.63 -41.36 15.68
N THR D 351 20.63 -40.69 16.23
CA THR D 351 19.49 -40.22 15.47
C THR D 351 19.76 -38.89 14.74
N PHE D 352 20.96 -38.35 14.93
CA PHE D 352 21.33 -37.08 14.31
C PHE D 352 22.20 -37.18 13.06
N THR D 353 21.82 -36.43 12.03
CA THR D 353 22.59 -36.44 10.79
C THR D 353 23.77 -35.47 10.97
N GLN D 354 24.77 -35.57 10.12
CA GLN D 354 25.93 -34.70 10.21
C GLN D 354 25.60 -33.27 9.79
N TYR D 355 24.51 -33.11 9.04
CA TYR D 355 24.10 -31.79 8.60
C TYR D 355 23.80 -30.85 9.78
N ARG D 356 24.42 -29.66 9.79
CA ARG D 356 24.18 -28.68 10.85
C ARG D 356 23.53 -27.38 10.35
N SER D 357 22.49 -26.93 11.06
CA SER D 357 21.74 -25.69 10.73
C SER D 357 22.01 -24.53 11.66
N TRP D 358 22.15 -23.35 11.07
CA TRP D 358 22.40 -22.17 11.86
C TRP D 358 21.19 -21.96 12.73
N TYR D 359 20.03 -21.80 12.09
CA TYR D 359 18.79 -21.58 12.81
C TYR D 359 18.73 -22.48 14.04
N LEU D 360 18.91 -23.77 13.81
CA LEU D 360 18.89 -24.75 14.89
C LEU D 360 19.85 -24.37 16.00
N ALA D 361 21.09 -24.09 15.61
CA ALA D 361 22.11 -23.71 16.58
C ALA D 361 21.63 -22.54 17.43
N TYR D 362 21.45 -21.41 16.77
CA TYR D 362 21.00 -20.19 17.41
C TYR D 362 19.86 -20.42 18.40
N ASN D 363 18.79 -21.06 17.93
CA ASN D 363 17.63 -21.29 18.79
C ASN D 363 17.65 -22.44 19.78
N TYR D 364 18.36 -23.51 19.43
CA TYR D 364 18.36 -24.68 20.30
C TYR D 364 19.64 -25.06 21.05
N GLY D 365 20.80 -24.66 20.56
CA GLY D 365 22.01 -25.02 21.27
C GLY D 365 22.53 -23.94 22.20
N ASP D 366 22.99 -24.35 23.37
CA ASP D 366 23.54 -23.46 24.40
C ASP D 366 23.60 -21.98 24.00
N PRO D 367 22.75 -21.15 24.61
CA PRO D 367 22.75 -19.73 24.29
C PRO D 367 24.01 -18.98 24.73
N GLN D 368 24.63 -19.41 25.81
CA GLN D 368 25.82 -18.73 26.30
C GLN D 368 27.11 -19.14 25.62
N THR D 369 27.05 -20.15 24.76
CA THR D 369 28.23 -20.67 24.05
C THR D 369 28.03 -20.79 22.56
N GLY D 370 26.83 -21.21 22.16
CA GLY D 370 26.52 -21.39 20.76
C GLY D 370 26.66 -20.15 19.90
N ILE D 371 26.16 -20.24 18.68
CA ILE D 371 26.25 -19.10 17.82
C ILE D 371 25.34 -18.02 18.38
N ARG D 372 24.27 -18.43 19.08
CA ARG D 372 23.35 -17.46 19.68
C ARG D 372 24.14 -16.37 20.43
N SER D 373 25.38 -16.69 20.76
CA SER D 373 26.25 -15.76 21.46
C SER D 373 26.81 -14.62 20.62
N TRP D 374 27.68 -14.94 19.66
CA TRP D 374 28.33 -13.94 18.81
C TRP D 374 27.54 -13.51 17.57
N THR D 375 26.34 -14.03 17.39
CA THR D 375 25.57 -13.63 16.23
C THR D 375 24.20 -13.13 16.65
N LEU D 376 23.46 -12.58 15.70
CA LEU D 376 22.13 -12.08 15.98
C LEU D 376 21.11 -12.39 14.89
N LEU D 377 19.99 -12.97 15.31
CA LEU D 377 18.92 -13.33 14.39
C LEU D 377 18.02 -12.15 14.16
N CYS D 378 17.81 -11.82 12.88
CA CYS D 378 16.95 -10.69 12.55
C CYS D 378 16.36 -10.69 11.16
N THR D 379 15.42 -9.78 10.97
CA THR D 379 14.70 -9.61 9.72
C THR D 379 15.60 -9.47 8.51
N PRO D 380 15.21 -10.08 7.39
CA PRO D 380 15.88 -10.12 6.09
C PRO D 380 16.28 -8.80 5.42
N ASP D 381 15.30 -8.10 4.84
CA ASP D 381 15.57 -6.85 4.11
C ASP D 381 16.27 -7.20 2.81
N VAL D 382 15.57 -7.09 1.70
CA VAL D 382 16.20 -7.45 0.46
C VAL D 382 17.26 -6.42 0.10
N THR D 383 16.94 -5.13 0.27
CA THR D 383 17.86 -4.05 -0.09
C THR D 383 19.30 -4.27 0.35
N CYS D 384 19.49 -5.17 1.30
CA CYS D 384 20.79 -5.54 1.83
C CYS D 384 21.39 -4.51 2.78
N GLY D 385 20.67 -3.42 3.01
CA GLY D 385 21.18 -2.42 3.92
C GLY D 385 21.00 -0.98 3.49
N SER D 386 20.14 -0.27 4.21
CA SER D 386 19.90 1.10 3.88
C SER D 386 21.23 1.85 3.93
N GLU D 387 21.74 2.28 2.78
CA GLU D 387 22.98 3.04 2.76
C GLU D 387 22.62 4.45 2.34
N GLN D 388 23.43 5.43 2.73
CA GLN D 388 23.12 6.79 2.36
C GLN D 388 24.08 7.37 1.34
N VAL D 389 23.73 8.54 0.84
CA VAL D 389 24.50 9.23 -0.16
C VAL D 389 24.75 10.65 0.30
N TYR D 390 25.77 11.28 -0.27
CA TYR D 390 26.14 12.63 0.11
C TYR D 390 26.15 13.60 -1.06
N TRP D 391 25.43 14.71 -0.92
CA TRP D 391 25.41 15.72 -1.96
C TRP D 391 26.61 16.62 -1.75
N SER D 392 27.00 17.33 -2.80
CA SER D 392 28.12 18.25 -2.70
C SER D 392 27.95 19.26 -3.83
N LEU D 393 28.04 20.54 -3.51
CA LEU D 393 27.88 21.57 -4.52
C LEU D 393 29.02 22.55 -4.38
N PRO D 394 30.23 22.02 -4.39
CA PRO D 394 31.54 22.65 -4.26
C PRO D 394 31.66 24.04 -4.82
N ASP D 395 31.12 24.21 -6.01
CA ASP D 395 31.24 25.49 -6.70
C ASP D 395 30.23 26.56 -6.30
N MET D 396 29.27 26.20 -5.44
CA MET D 396 28.22 27.14 -5.04
C MET D 396 27.91 27.29 -3.56
N MET D 397 28.50 26.48 -2.70
CA MET D 397 28.18 26.62 -1.29
C MET D 397 29.34 26.45 -0.37
N GLN D 398 29.39 27.31 0.61
CA GLN D 398 30.48 27.28 1.55
C GLN D 398 30.67 25.94 2.19
N ASP D 399 31.92 25.56 2.30
CA ASP D 399 32.33 24.29 2.82
C ASP D 399 32.17 24.14 4.34
N PRO D 400 31.16 23.40 4.76
CA PRO D 400 30.76 23.08 6.13
C PRO D 400 31.89 22.83 7.11
N VAL D 401 31.72 23.44 8.28
CA VAL D 401 32.68 23.38 9.37
C VAL D 401 34.05 22.83 9.13
N THR D 402 34.27 21.57 9.43
CA THR D 402 35.62 21.07 9.29
C THR D 402 36.10 20.62 7.94
N PHE D 403 35.24 20.67 6.94
CA PHE D 403 35.65 20.21 5.63
C PHE D 403 36.69 21.07 4.98
N ARG D 404 37.65 20.39 4.38
CA ARG D 404 38.74 21.05 3.70
C ARG D 404 38.26 21.25 2.29
N SER D 405 38.67 22.33 1.66
CA SER D 405 38.27 22.63 0.30
C SER D 405 39.24 21.96 -0.67
N THR D 406 38.73 21.26 -1.67
CA THR D 406 39.61 20.60 -2.63
C THR D 406 39.03 20.44 -4.01
N SER D 407 39.71 19.66 -4.84
CA SER D 407 39.28 19.43 -6.22
C SER D 407 39.21 17.93 -6.53
N GLN D 408 39.53 17.13 -5.54
CA GLN D 408 39.48 15.69 -5.68
C GLN D 408 38.03 15.24 -5.53
N ILE D 409 37.37 15.00 -6.65
CA ILE D 409 35.97 14.60 -6.63
C ILE D 409 35.55 13.69 -5.48
N SER D 410 36.42 12.75 -5.14
CA SER D 410 36.12 11.83 -4.07
C SER D 410 36.41 12.38 -2.68
N ASN D 411 36.33 13.69 -2.50
CA ASN D 411 36.59 14.31 -1.19
C ASN D 411 35.97 15.70 -1.06
N PHE D 412 35.13 16.06 -2.03
CA PHE D 412 34.47 17.35 -1.97
C PHE D 412 33.78 17.52 -0.64
N PRO D 413 33.38 18.75 -0.34
CA PRO D 413 32.68 19.02 0.91
C PRO D 413 31.27 18.49 0.74
N VAL D 414 30.63 18.16 1.85
CA VAL D 414 29.27 17.62 1.82
C VAL D 414 28.29 18.60 2.40
N VAL D 415 27.17 18.79 1.72
CA VAL D 415 26.20 19.73 2.20
C VAL D 415 24.95 19.05 2.66
N GLY D 416 24.74 17.83 2.21
CA GLY D 416 23.54 17.14 2.61
C GLY D 416 23.67 15.64 2.52
N ALA D 417 23.06 14.94 3.47
CA ALA D 417 23.13 13.50 3.47
C ALA D 417 21.72 13.00 3.33
N GLU D 418 21.55 11.82 2.76
CA GLU D 418 20.22 11.29 2.57
C GLU D 418 20.31 9.82 2.22
N LEU D 419 19.29 9.08 2.63
CA LEU D 419 19.25 7.66 2.39
C LEU D 419 19.08 7.33 0.91
N LEU D 420 19.88 6.41 0.38
CA LEU D 420 19.76 6.02 -1.03
C LEU D 420 18.37 5.43 -1.27
N PRO D 421 17.54 6.12 -2.03
CA PRO D 421 16.15 5.87 -2.46
C PRO D 421 15.70 4.44 -2.71
N VAL D 422 15.79 3.57 -1.73
CA VAL D 422 15.38 2.19 -1.95
C VAL D 422 14.63 1.63 -0.76
N HIS D 423 13.44 1.10 -1.01
CA HIS D 423 12.63 0.52 0.05
C HIS D 423 12.27 -0.90 -0.33
N SER D 424 11.69 -1.62 0.62
CA SER D 424 11.30 -3.00 0.37
C SER D 424 9.81 -3.21 0.52
N LYS D 425 9.14 -3.45 -0.59
CA LYS D 425 7.70 -3.69 -0.60
C LYS D 425 7.48 -5.16 -0.26
N SER D 426 6.40 -5.45 0.45
CA SER D 426 6.09 -6.81 0.83
C SER D 426 4.79 -7.28 0.21
N PHE D 427 4.73 -8.54 -0.19
CA PHE D 427 3.54 -9.10 -0.81
C PHE D 427 3.20 -10.46 -0.25
N TYR D 428 1.91 -10.81 -0.28
CA TYR D 428 1.47 -12.10 0.24
C TYR D 428 1.63 -13.20 -0.79
N ASN D 429 2.28 -14.28 -0.38
CA ASN D 429 2.55 -15.39 -1.27
C ASN D 429 1.55 -16.53 -1.32
N ASP D 430 0.82 -16.65 -2.43
CA ASP D 430 -0.14 -17.73 -2.57
C ASP D 430 0.65 -18.94 -3.07
N GLN D 431 1.64 -18.65 -3.91
CA GLN D 431 2.53 -19.64 -4.49
C GLN D 431 3.26 -20.44 -3.41
N ALA D 432 2.90 -20.19 -2.16
CA ALA D 432 3.51 -20.89 -1.03
C ALA D 432 3.24 -22.38 -1.15
N VAL D 433 1.96 -22.73 -1.16
CA VAL D 433 1.54 -24.12 -1.22
C VAL D 433 1.27 -24.63 -2.63
N TYR D 434 0.73 -23.78 -3.49
CA TYR D 434 0.43 -24.17 -4.85
C TYR D 434 1.48 -25.15 -5.41
N SER D 435 2.75 -24.96 -5.02
CA SER D 435 3.84 -25.81 -5.50
C SER D 435 3.95 -27.17 -4.81
N GLN D 436 3.30 -27.30 -3.65
CA GLN D 436 3.32 -28.56 -2.91
C GLN D 436 2.32 -29.51 -3.55
N LEU D 437 1.53 -28.97 -4.47
CA LEU D 437 0.52 -29.76 -5.18
C LEU D 437 0.81 -29.80 -6.67
N ILE D 438 2.08 -29.99 -7.00
CA ILE D 438 2.52 -30.09 -8.40
C ILE D 438 3.77 -30.98 -8.50
N ARG D 439 4.54 -31.05 -7.42
CA ARG D 439 5.74 -31.88 -7.41
C ARG D 439 5.39 -33.17 -6.69
N GLN D 440 4.15 -33.20 -6.22
CA GLN D 440 3.57 -34.36 -5.57
C GLN D 440 2.94 -35.16 -6.72
N PHE D 441 2.77 -34.44 -7.82
CA PHE D 441 2.24 -34.97 -9.07
C PHE D 441 3.43 -34.79 -10.04
N THR D 442 4.38 -35.73 -9.95
CA THR D 442 5.63 -35.71 -10.72
C THR D 442 5.64 -35.07 -12.15
N SER D 443 6.70 -34.32 -12.44
CA SER D 443 6.93 -33.66 -13.71
C SER D 443 8.31 -33.05 -13.63
N LEU D 444 8.79 -32.50 -14.75
CA LEU D 444 10.11 -31.88 -14.86
C LEU D 444 10.61 -31.15 -13.61
N THR D 445 11.87 -30.71 -13.65
CA THR D 445 12.47 -30.00 -12.53
C THR D 445 13.21 -28.75 -12.96
N HIS D 446 13.38 -27.84 -12.00
CA HIS D 446 14.10 -26.61 -12.24
C HIS D 446 15.51 -26.77 -11.83
N VAL D 447 16.33 -25.87 -12.31
CA VAL D 447 17.73 -25.90 -11.97
C VAL D 447 17.84 -25.69 -10.47
N PHE D 448 16.69 -25.50 -9.84
CA PHE D 448 16.59 -25.24 -8.41
C PHE D 448 16.29 -26.46 -7.57
N ASN D 449 15.49 -27.39 -8.09
CA ASN D 449 15.20 -28.57 -7.30
C ASN D 449 15.87 -29.78 -7.88
N ARG D 450 17.18 -29.75 -8.00
CA ARG D 450 17.88 -30.89 -8.57
C ARG D 450 17.93 -32.11 -7.68
N PHE D 451 17.26 -32.06 -6.54
CA PHE D 451 17.29 -33.19 -5.63
C PHE D 451 15.95 -33.31 -4.91
N PRO D 452 14.86 -33.21 -5.67
CA PRO D 452 13.47 -33.28 -5.20
C PRO D 452 13.26 -34.28 -4.09
N GLU D 453 13.75 -35.48 -4.35
CA GLU D 453 13.61 -36.56 -3.40
C GLU D 453 14.73 -36.54 -2.37
N ASN D 454 14.89 -35.44 -1.64
CA ASN D 454 15.95 -35.46 -0.66
C ASN D 454 15.64 -34.91 0.70
N GLN D 455 14.52 -34.21 0.85
CA GLN D 455 14.18 -33.68 2.16
C GLN D 455 15.22 -32.77 2.77
N ILE D 456 16.35 -32.60 2.10
CA ILE D 456 17.37 -31.71 2.61
C ILE D 456 17.96 -30.88 1.52
N LEU D 457 18.45 -31.52 0.46
CA LEU D 457 18.99 -30.74 -0.65
C LEU D 457 17.81 -30.36 -1.52
N ALA D 458 16.61 -30.54 -0.98
CA ALA D 458 15.37 -30.22 -1.68
C ALA D 458 15.42 -28.76 -2.10
N ARG D 459 14.28 -28.10 -2.06
CA ARG D 459 14.25 -26.69 -2.40
C ARG D 459 13.57 -25.98 -1.25
N PRO D 460 14.28 -25.09 -0.58
CA PRO D 460 13.69 -24.37 0.54
C PRO D 460 12.29 -23.89 0.19
N PRO D 461 11.36 -24.03 1.13
CA PRO D 461 9.97 -23.64 0.98
C PRO D 461 9.86 -22.14 0.79
N ALA D 462 8.98 -21.73 -0.12
CA ALA D 462 8.79 -20.31 -0.38
C ALA D 462 8.06 -19.68 0.81
N PRO D 463 8.64 -18.65 1.40
CA PRO D 463 7.93 -18.06 2.53
C PRO D 463 6.74 -17.25 2.07
N THR D 464 5.69 -17.22 2.88
CA THR D 464 4.52 -16.42 2.55
C THR D 464 5.07 -15.03 2.82
N ILE D 465 4.68 -14.03 2.02
CA ILE D 465 5.18 -12.68 2.25
C ILE D 465 6.63 -12.51 1.80
N THR D 466 6.81 -12.25 0.51
CA THR D 466 8.15 -12.04 -0.01
C THR D 466 8.36 -10.56 -0.08
N THR D 467 9.61 -10.15 -0.11
CA THR D 467 9.91 -8.74 -0.19
C THR D 467 10.66 -8.49 -1.49
N VAL D 468 10.60 -7.27 -1.99
CA VAL D 468 11.27 -6.97 -3.23
C VAL D 468 11.84 -5.57 -3.20
N SER D 469 13.12 -5.42 -3.51
CA SER D 469 13.73 -4.12 -3.51
C SER D 469 13.03 -3.27 -4.53
N GLU D 470 12.60 -2.08 -4.14
CA GLU D 470 11.90 -1.19 -5.05
C GLU D 470 12.51 0.20 -5.02
N ASN D 471 12.74 0.77 -6.21
CA ASN D 471 13.32 2.10 -6.31
C ASN D 471 12.22 3.15 -6.27
N VAL D 472 12.46 4.27 -5.62
CA VAL D 472 11.43 5.30 -5.53
C VAL D 472 12.00 6.70 -5.53
N PRO D 473 11.30 7.66 -6.15
CA PRO D 473 11.78 9.03 -6.19
C PRO D 473 11.75 9.59 -4.79
N ALA D 474 12.80 10.31 -4.43
CA ALA D 474 12.90 10.87 -3.10
C ALA D 474 12.94 12.38 -3.14
N LEU D 475 11.79 12.97 -2.85
CA LEU D 475 11.67 14.42 -2.81
C LEU D 475 12.11 14.80 -1.42
N THR D 476 13.42 14.87 -1.24
CA THR D 476 13.99 15.22 0.03
C THR D 476 14.17 16.71 0.19
N ASP D 477 14.70 17.13 1.33
CA ASP D 477 14.91 18.53 1.62
C ASP D 477 15.97 18.73 2.67
N HIS D 478 17.14 19.21 2.26
CA HIS D 478 18.23 19.46 3.18
C HIS D 478 17.96 20.82 3.77
N GLY D 479 18.66 21.18 4.83
CA GLY D 479 18.39 22.47 5.43
C GLY D 479 18.60 23.70 4.59
N THR D 480 19.02 24.76 5.25
CA THR D 480 19.33 26.03 4.62
C THR D 480 20.82 26.17 4.88
N LEU D 481 21.60 26.34 3.82
CA LEU D 481 23.06 26.43 3.92
C LEU D 481 23.66 27.75 3.55
N PRO D 482 24.85 28.03 4.05
CA PRO D 482 25.54 29.28 3.77
C PRO D 482 26.17 29.13 2.40
N LEU D 483 26.11 30.18 1.57
CA LEU D 483 26.71 30.09 0.24
C LEU D 483 27.57 31.29 -0.13
N ARG D 484 28.40 31.13 -1.16
CA ARG D 484 29.28 32.20 -1.62
C ARG D 484 28.43 33.28 -2.25
N ASN D 485 28.94 34.51 -2.34
CA ASN D 485 28.15 35.60 -2.90
C ASN D 485 28.47 35.86 -4.36
N SER D 486 29.19 34.92 -4.95
CA SER D 486 29.57 35.04 -6.35
C SER D 486 29.41 33.66 -6.91
N ILE D 487 28.18 33.34 -7.27
CA ILE D 487 27.87 32.04 -7.81
C ILE D 487 28.26 31.96 -9.28
N GLY D 488 29.16 31.03 -9.57
CA GLY D 488 29.66 30.85 -10.92
C GLY D 488 28.65 30.43 -11.95
N GLY D 489 28.84 30.87 -13.18
CA GLY D 489 27.91 30.52 -14.24
C GLY D 489 27.70 29.02 -14.35
N VAL D 490 28.73 28.24 -14.05
CA VAL D 490 28.60 26.80 -14.14
C VAL D 490 28.93 26.11 -12.84
N GLN D 491 27.93 25.47 -12.28
CA GLN D 491 28.04 24.77 -11.02
C GLN D 491 28.27 23.30 -11.26
N ARG D 492 28.81 22.63 -10.26
CA ARG D 492 29.07 21.22 -10.37
C ARG D 492 28.29 20.49 -9.30
N VAL D 493 27.51 19.50 -9.71
CA VAL D 493 26.72 18.72 -8.78
C VAL D 493 27.39 17.39 -8.61
N THR D 494 27.32 16.81 -7.42
CA THR D 494 27.96 15.52 -7.19
C THR D 494 27.37 14.70 -6.06
N ILE D 495 26.84 13.53 -6.41
CA ILE D 495 26.28 12.65 -5.41
C ILE D 495 27.27 11.55 -5.14
N THR D 496 27.50 11.27 -3.87
CA THR D 496 28.47 10.26 -3.49
C THR D 496 27.88 9.27 -2.52
N ASP D 497 28.50 8.11 -2.41
CA ASP D 497 28.00 7.09 -1.50
C ASP D 497 28.89 6.99 -0.29
N ALA D 498 28.44 6.19 0.67
CA ALA D 498 29.18 6.00 1.90
C ALA D 498 30.69 5.87 1.72
N ARG D 499 31.11 5.11 0.71
CA ARG D 499 32.52 4.87 0.43
C ARG D 499 33.17 6.01 -0.34
N ARG D 500 32.33 6.91 -0.84
CA ARG D 500 32.79 8.06 -1.60
C ARG D 500 33.20 7.75 -3.01
N ARG D 501 32.20 7.66 -3.87
CA ARG D 501 32.40 7.38 -5.27
C ARG D 501 31.07 7.68 -5.91
N THR D 502 31.08 8.03 -7.19
CA THR D 502 29.83 8.33 -7.88
C THR D 502 28.97 7.07 -7.80
N CYS D 503 27.68 7.19 -8.11
CA CYS D 503 26.80 6.04 -8.03
C CYS D 503 26.06 5.87 -9.35
N PRO D 504 26.56 4.97 -10.20
CA PRO D 504 26.02 4.65 -11.51
C PRO D 504 24.52 4.57 -11.61
N TYR D 505 23.89 4.07 -10.56
CA TYR D 505 22.44 3.91 -10.55
C TYR D 505 21.58 5.14 -10.30
N VAL D 506 22.05 6.31 -10.72
CA VAL D 506 21.29 7.53 -10.54
C VAL D 506 20.69 8.00 -11.85
N TYR D 507 19.37 8.01 -11.93
CA TYR D 507 18.68 8.44 -13.15
C TYR D 507 18.42 9.93 -13.14
N LYS D 508 18.12 10.50 -11.98
CA LYS D 508 17.90 11.94 -11.96
C LYS D 508 18.18 12.63 -10.66
N ALA D 509 18.92 13.73 -10.77
CA ALA D 509 19.28 14.56 -9.64
C ALA D 509 18.74 15.93 -9.99
N LEU D 510 18.12 16.61 -9.03
CA LEU D 510 17.58 17.93 -9.27
C LEU D 510 17.72 18.81 -8.08
N GLY D 511 18.26 20.00 -8.26
CA GLY D 511 18.41 20.85 -7.11
C GLY D 511 17.80 22.22 -7.24
N ILE D 512 17.14 22.68 -6.18
CA ILE D 512 16.57 24.01 -6.19
C ILE D 512 17.13 24.78 -5.01
N VAL D 513 17.72 25.95 -5.26
CA VAL D 513 18.26 26.72 -4.17
C VAL D 513 17.58 28.05 -4.07
N SER D 514 17.29 28.46 -2.84
CA SER D 514 16.60 29.71 -2.58
C SER D 514 17.43 30.57 -1.64
N PRO D 515 18.36 31.35 -2.17
CA PRO D 515 19.17 32.17 -1.28
C PRO D 515 18.34 33.23 -0.56
N ARG D 516 18.79 33.62 0.62
CA ARG D 516 18.12 34.64 1.41
C ARG D 516 19.11 35.13 2.45
N VAL D 517 19.11 36.43 2.72
CA VAL D 517 20.05 37.04 3.66
C VAL D 517 20.01 36.45 5.06
N LEU D 518 21.17 36.32 5.66
CA LEU D 518 21.32 35.73 6.98
C LEU D 518 21.86 36.62 8.06
N SER D 519 22.80 37.49 7.70
CA SER D 519 23.40 38.42 8.65
C SER D 519 24.12 39.51 7.88
N SER D 520 24.96 40.29 8.55
CA SER D 520 25.66 41.35 7.83
C SER D 520 27.16 41.40 8.03
N ARG D 521 27.86 41.87 7.01
CA ARG D 521 29.30 41.96 7.05
C ARG D 521 29.75 43.39 7.32
N THR D 522 28.84 44.25 7.44
N THR E 1 23.45 38.67 16.32
CA THR E 1 24.35 38.13 15.25
C THR E 1 25.72 38.83 15.15
N GLY E 2 25.78 39.99 14.50
CA GLY E 2 27.03 40.73 14.35
C GLY E 2 28.37 40.02 14.62
N GLY E 3 28.93 40.17 15.82
CA GLY E 3 30.19 39.51 16.14
C GLY E 3 30.02 38.12 16.75
N ARG E 4 28.78 37.79 17.07
CA ARG E 4 28.41 36.54 17.71
C ARG E 4 28.31 35.30 16.82
N ASN E 5 28.52 35.42 15.51
CA ASN E 5 28.40 34.23 14.64
C ASN E 5 29.58 33.31 14.66
N SER E 6 30.66 33.75 14.03
CA SER E 6 31.88 32.98 13.97
C SER E 6 31.82 31.54 14.50
N ILE E 7 31.95 30.59 13.59
CA ILE E 7 32.00 29.19 13.92
C ILE E 7 33.42 28.88 13.50
N ARG E 8 34.29 28.59 14.44
CA ARG E 8 35.69 28.37 14.09
C ARG E 8 36.23 26.98 14.31
N TYR E 9 37.26 26.67 13.54
CA TYR E 9 37.95 25.40 13.58
C TYR E 9 39.45 25.72 13.53
N SER E 10 40.32 24.75 13.77
CA SER E 10 41.77 25.02 13.71
C SER E 10 42.11 25.61 12.34
N GLU E 11 42.79 26.73 12.32
CA GLU E 11 43.24 27.33 11.06
C GLU E 11 42.40 27.22 9.77
N LEU E 12 41.44 26.32 9.69
CA LEU E 12 40.68 26.19 8.45
C LEU E 12 39.86 27.40 8.01
N ALA E 13 39.89 28.48 8.77
CA ALA E 13 39.13 29.72 8.47
C ALA E 13 37.75 29.84 9.11
N PRO E 14 37.22 31.08 9.19
CA PRO E 14 35.95 31.48 9.77
C PRO E 14 34.80 31.07 8.87
N LEU E 15 33.80 30.46 9.49
CA LEU E 15 32.61 30.07 8.79
C LEU E 15 31.59 30.90 9.54
N PHE E 16 30.59 31.48 8.86
CA PHE E 16 29.61 32.32 9.55
C PHE E 16 28.17 31.87 9.49
N ASP E 17 27.52 31.89 10.65
CA ASP E 17 26.13 31.45 10.84
C ASP E 17 25.99 29.94 10.66
N THR E 18 24.79 29.42 10.85
CA THR E 18 24.58 27.98 10.72
C THR E 18 25.45 27.28 9.67
N THR E 19 25.81 26.03 9.96
CA THR E 19 26.60 25.18 9.08
C THR E 19 26.13 23.75 9.36
N ARG E 20 26.99 22.76 9.21
CA ARG E 20 26.54 21.39 9.48
C ARG E 20 27.59 20.44 9.99
N VAL E 21 27.31 19.78 11.09
CA VAL E 21 28.24 18.81 11.63
C VAL E 21 27.57 17.47 11.41
N TYR E 22 28.34 16.43 11.10
CA TYR E 22 27.72 15.12 10.86
C TYR E 22 28.09 13.97 11.80
N LEU E 23 27.05 13.31 12.31
CA LEU E 23 27.21 12.18 13.20
C LEU E 23 26.95 10.91 12.40
N VAL E 24 28.01 10.23 11.97
CA VAL E 24 27.85 9.00 11.18
C VAL E 24 28.70 7.82 11.67
N ASP E 25 28.11 6.63 11.58
CA ASP E 25 28.74 5.39 12.02
C ASP E 25 29.62 4.72 10.97
N ASN E 26 29.04 4.54 9.78
CA ASN E 26 29.72 3.90 8.66
C ASN E 26 31.05 4.54 8.22
N LYS E 27 31.50 5.58 8.94
CA LYS E 27 32.77 6.23 8.58
C LYS E 27 33.90 5.24 8.82
N SER E 28 34.57 4.86 7.72
CA SER E 28 35.63 3.86 7.71
C SER E 28 36.83 3.97 8.65
N THR E 29 37.46 5.14 8.70
CA THR E 29 38.60 5.29 9.57
C THR E 29 38.22 5.06 11.03
N ASP E 30 37.03 5.53 11.40
CA ASP E 30 36.50 5.43 12.77
C ASP E 30 36.36 4.01 13.28
N VAL E 31 35.54 3.23 12.57
CA VAL E 31 35.27 1.85 12.91
C VAL E 31 36.51 1.14 13.46
N ALA E 32 37.41 0.86 12.53
CA ALA E 32 38.65 0.19 12.82
C ALA E 32 39.30 0.64 14.14
N SER E 33 39.35 1.94 14.35
CA SER E 33 40.03 2.48 15.53
C SER E 33 39.25 2.78 16.82
N LEU E 34 37.99 3.14 16.74
CA LEU E 34 37.29 3.48 17.97
C LEU E 34 36.21 2.55 18.49
N ASN E 35 35.14 2.42 17.72
CA ASN E 35 34.03 1.60 18.14
C ASN E 35 34.12 0.16 17.65
N TYR E 36 35.28 -0.47 17.86
CA TYR E 36 35.47 -1.86 17.45
C TYR E 36 34.53 -2.74 18.27
N GLN E 37 34.62 -2.60 19.58
CA GLN E 37 33.82 -3.39 20.49
C GLN E 37 32.37 -2.93 20.65
N ASN E 38 32.00 -1.83 20.01
CA ASN E 38 30.64 -1.33 20.13
C ASN E 38 29.74 -1.76 19.01
N ASP E 39 28.49 -1.29 19.07
CA ASP E 39 27.50 -1.60 18.03
C ASP E 39 26.71 -0.36 17.63
N HIS E 40 25.99 -0.48 16.54
CA HIS E 40 25.23 0.63 16.03
C HIS E 40 24.34 1.41 16.99
N SER E 41 24.02 0.84 18.13
CA SER E 41 23.16 1.55 19.05
C SER E 41 23.93 2.31 20.11
N ASN E 42 25.25 2.32 19.99
CA ASN E 42 26.07 3.03 20.97
C ASN E 42 27.51 3.05 20.47
N PHE E 43 27.84 4.07 19.68
CA PHE E 43 29.17 4.16 19.08
C PHE E 43 29.81 5.52 19.19
N LEU E 44 31.04 5.60 18.69
CA LEU E 44 31.76 6.84 18.71
C LEU E 44 31.97 7.27 17.29
N THR E 45 31.98 8.58 17.07
CA THR E 45 32.20 9.11 15.75
C THR E 45 33.12 10.28 15.84
N THR E 46 33.91 10.46 14.81
CA THR E 46 34.79 11.58 14.76
C THR E 46 33.92 12.55 13.96
N VAL E 47 33.64 13.73 14.53
CA VAL E 47 32.80 14.71 13.86
C VAL E 47 33.65 15.64 13.00
N ILE E 48 34.96 15.58 13.19
CA ILE E 48 35.91 16.35 12.39
C ILE E 48 36.06 15.61 11.08
N GLN E 49 35.51 16.17 10.01
CA GLN E 49 35.60 15.52 8.71
C GLN E 49 36.83 15.98 7.91
N ASN E 50 37.95 16.16 8.58
CA ASN E 50 39.16 16.59 7.88
C ASN E 50 40.12 15.46 7.59
N ASN E 51 40.19 15.19 6.30
CA ASN E 51 41.03 14.16 5.72
C ASN E 51 42.44 13.97 6.29
N ASP E 52 43.08 15.03 6.74
CA ASP E 52 44.45 14.94 7.22
C ASP E 52 44.76 14.56 8.65
N TYR E 53 43.79 14.30 9.52
CA TYR E 53 44.21 13.97 10.86
C TYR E 53 43.82 12.60 11.34
N SER E 54 44.62 12.03 12.24
CA SER E 54 44.35 10.71 12.81
C SER E 54 42.99 10.82 13.47
N PRO E 55 42.34 9.69 13.79
CA PRO E 55 41.04 9.85 14.44
C PRO E 55 41.40 10.31 15.83
N GLY E 56 42.40 9.64 16.39
CA GLY E 56 42.83 10.01 17.72
C GLY E 56 43.15 11.49 17.73
N GLU E 57 44.11 11.88 16.90
CA GLU E 57 44.48 13.27 16.84
C GLU E 57 43.28 14.21 16.72
N ALA E 58 42.34 13.86 15.87
CA ALA E 58 41.16 14.68 15.67
C ALA E 58 40.40 14.84 16.96
N SER E 59 40.32 13.76 17.72
CA SER E 59 39.62 13.76 18.99
C SER E 59 40.09 14.89 19.88
N THR E 60 41.18 15.54 19.47
CA THR E 60 41.71 16.64 20.23
C THR E 60 41.08 17.95 19.79
N GLN E 61 41.19 18.23 18.50
CA GLN E 61 40.66 19.44 17.90
C GLN E 61 39.21 19.65 18.27
N THR E 62 38.70 20.86 18.04
CA THR E 62 37.32 21.18 18.38
C THR E 62 36.66 22.21 17.50
N ILE E 63 35.35 22.06 17.36
CA ILE E 63 34.56 22.99 16.61
C ILE E 63 34.13 23.98 17.66
N ASN E 64 34.38 25.27 17.42
CA ASN E 64 34.02 26.28 18.39
C ASN E 64 32.91 27.18 17.93
N LEU E 65 31.72 27.00 18.48
CA LEU E 65 30.63 27.90 18.11
C LEU E 65 31.00 29.14 18.88
N ASP E 66 30.74 30.31 18.30
CA ASP E 66 31.16 31.51 18.99
C ASP E 66 30.71 31.56 20.43
N ASP E 67 31.64 32.02 21.25
CA ASP E 67 31.47 32.13 22.66
C ASP E 67 30.43 33.12 23.12
N ARG E 68 30.36 34.26 22.44
CA ARG E 68 29.43 35.29 22.83
C ARG E 68 27.95 34.98 22.68
N SER E 69 27.60 33.84 22.10
CA SER E 69 26.18 33.55 21.94
C SER E 69 25.79 32.15 22.38
N HIS E 70 24.56 31.99 22.85
CA HIS E 70 24.08 30.66 23.23
C HIS E 70 23.67 30.07 21.90
N TRP E 71 24.19 28.90 21.54
CA TRP E 71 23.82 28.31 20.26
C TRP E 71 22.83 27.18 20.37
N GLY E 72 22.25 26.83 19.24
CA GLY E 72 21.32 25.73 19.20
C GLY E 72 21.50 25.04 17.87
N GLY E 73 21.10 23.78 17.76
CA GLY E 73 21.23 23.06 16.51
C GLY E 73 19.98 22.28 16.17
N ASP E 74 19.75 22.04 14.89
CA ASP E 74 18.59 21.26 14.49
C ASP E 74 19.07 19.86 14.32
N LEU E 75 18.40 18.94 14.96
CA LEU E 75 18.80 17.55 14.90
C LEU E 75 17.88 16.70 14.10
N LYS E 76 18.29 16.33 12.90
CA LYS E 76 17.47 15.48 12.07
C LYS E 76 18.18 14.15 12.14
N THR E 77 17.41 13.08 12.10
CA THR E 77 18.07 11.80 12.19
C THR E 77 17.42 10.71 11.35
N ILE E 78 18.23 9.73 11.00
CA ILE E 78 17.75 8.62 10.18
C ILE E 78 17.99 7.35 10.96
N LEU E 79 16.92 6.73 11.44
CA LEU E 79 17.08 5.51 12.19
C LEU E 79 16.51 4.35 11.42
N HIS E 80 17.24 3.24 11.38
CA HIS E 80 16.77 2.05 10.66
C HIS E 80 17.09 0.76 11.38
N THR E 81 16.05 0.01 11.72
CA THR E 81 16.24 -1.24 12.43
C THR E 81 15.94 -2.46 11.60
N ASN E 82 15.69 -3.56 12.28
CA ASN E 82 15.41 -4.83 11.63
C ASN E 82 15.07 -5.88 12.68
N MET E 83 14.54 -5.41 13.80
CA MET E 83 14.16 -6.28 14.89
C MET E 83 13.05 -7.21 14.40
N PRO E 84 13.05 -8.48 14.83
CA PRO E 84 12.05 -9.46 14.43
C PRO E 84 10.83 -9.42 15.32
N ASN E 85 9.76 -10.04 14.85
CA ASN E 85 8.50 -10.11 15.57
C ASN E 85 8.74 -10.62 16.99
N VAL E 86 9.08 -11.90 17.11
CA VAL E 86 9.34 -12.52 18.39
C VAL E 86 10.82 -12.63 18.65
N ASN E 87 11.22 -12.40 19.89
CA ASN E 87 12.61 -12.52 20.29
C ASN E 87 12.80 -12.29 21.77
N GLU E 88 13.93 -12.74 22.25
CA GLU E 88 14.28 -12.58 23.64
C GLU E 88 14.97 -11.23 23.70
N PHE E 89 14.26 -10.24 24.21
CA PHE E 89 14.84 -8.93 24.36
C PHE E 89 13.59 -8.15 24.52
N MET E 90 12.69 -8.34 23.58
CA MET E 90 11.44 -7.63 23.65
C MET E 90 10.45 -8.46 24.41
N PHE E 91 10.91 -9.58 24.93
CA PHE E 91 10.08 -10.50 25.67
C PHE E 91 8.88 -10.92 24.84
N THR E 92 9.16 -11.58 23.72
CA THR E 92 8.10 -12.05 22.86
C THR E 92 8.39 -13.49 22.50
N ASN E 93 9.29 -14.11 23.24
CA ASN E 93 9.64 -15.49 22.97
C ASN E 93 9.40 -16.35 24.20
N LYS E 94 8.74 -15.80 25.20
CA LYS E 94 8.48 -16.58 26.41
C LYS E 94 7.07 -16.31 26.90
N PHE E 95 6.51 -17.25 27.64
CA PHE E 95 5.19 -17.07 28.19
C PHE E 95 4.89 -18.27 29.06
N LYS E 96 4.49 -17.98 30.30
CA LYS E 96 4.19 -19.01 31.26
C LYS E 96 2.75 -19.46 31.15
N ALA E 97 2.56 -20.77 31.20
CA ALA E 97 1.25 -21.39 31.13
C ALA E 97 1.27 -22.53 32.13
N ARG E 98 0.09 -22.89 32.64
CA ARG E 98 -0.02 -23.98 33.60
C ARG E 98 -0.72 -25.15 32.92
N VAL E 99 -0.05 -26.29 32.85
CA VAL E 99 -0.64 -27.44 32.18
C VAL E 99 -0.67 -28.71 33.00
N MET E 100 -1.33 -29.74 32.45
CA MET E 100 -1.39 -31.02 33.14
C MET E 100 -0.03 -31.66 32.91
N VAL E 101 0.54 -32.22 33.97
CA VAL E 101 1.86 -32.81 33.87
C VAL E 101 1.90 -34.24 34.40
N SER E 102 0.80 -34.68 35.02
CA SER E 102 0.75 -36.03 35.58
C SER E 102 -0.65 -36.55 35.86
N ARG E 103 -0.86 -37.81 35.53
CA ARG E 103 -2.15 -38.43 35.74
C ARG E 103 -1.97 -39.88 36.15
N SER E 104 -2.23 -40.17 37.43
CA SER E 104 -2.07 -41.51 37.96
C SER E 104 -3.21 -41.82 38.92
N LEU E 105 -3.62 -43.11 38.97
CA LEU E 105 -4.72 -43.61 39.82
C LEU E 105 -4.24 -43.66 41.30
N THR E 106 -4.49 -42.59 42.04
CA THR E 106 -3.99 -42.58 43.42
C THR E 106 -4.21 -43.88 44.20
N LYS E 107 -3.39 -44.03 45.22
CA LYS E 107 -3.34 -45.16 46.16
C LYS E 107 -4.62 -45.89 46.57
N ASP E 108 -5.75 -45.20 46.73
CA ASP E 108 -6.92 -45.94 47.15
C ASP E 108 -7.76 -46.45 45.95
N LYS E 109 -8.36 -45.53 45.21
CA LYS E 109 -9.18 -45.83 44.02
C LYS E 109 -9.61 -44.51 43.41
N GLN E 110 -9.29 -43.43 44.13
CA GLN E 110 -9.57 -42.07 43.69
C GLN E 110 -8.37 -41.73 42.85
N VAL E 111 -8.42 -40.60 42.18
CA VAL E 111 -7.33 -40.30 41.31
C VAL E 111 -6.63 -38.99 41.59
N GLU E 112 -5.48 -38.86 40.95
CA GLU E 112 -4.66 -37.70 41.14
C GLU E 112 -4.30 -37.01 39.84
N LEU E 113 -4.50 -35.70 39.88
CA LEU E 113 -4.20 -34.82 38.78
C LEU E 113 -3.37 -33.71 39.36
N LYS E 114 -2.10 -33.66 38.98
CA LYS E 114 -1.22 -32.62 39.45
C LYS E 114 -0.88 -31.74 38.25
N TYR E 115 -0.89 -30.43 38.48
CA TYR E 115 -0.59 -29.47 37.43
C TYR E 115 0.61 -28.65 37.81
N GLU E 116 1.21 -27.98 36.83
CA GLU E 116 2.37 -27.15 37.11
C GLU E 116 2.55 -26.05 36.06
N TRP E 117 3.23 -24.98 36.44
CA TRP E 117 3.50 -23.85 35.54
C TRP E 117 4.84 -24.08 34.90
N VAL E 118 4.88 -23.93 33.59
CA VAL E 118 6.08 -24.18 32.85
C VAL E 118 6.23 -23.04 31.90
N GLU E 119 7.48 -22.68 31.60
CA GLU E 119 7.71 -21.58 30.69
C GLU E 119 8.08 -22.15 29.34
N PHE E 120 7.34 -21.77 28.32
CA PHE E 120 7.68 -22.29 27.02
C PHE E 120 8.29 -21.19 26.24
N THR E 121 9.28 -21.55 25.43
CA THR E 121 9.93 -20.54 24.62
C THR E 121 9.86 -20.84 23.12
N LEU E 122 9.73 -19.78 22.33
CA LEU E 122 9.67 -19.94 20.90
C LEU E 122 10.99 -19.81 20.23
N PRO E 123 11.10 -20.36 19.02
CA PRO E 123 12.35 -20.26 18.28
C PRO E 123 12.32 -18.81 17.79
N GLU E 124 13.38 -18.06 18.02
CA GLU E 124 13.38 -16.67 17.56
C GLU E 124 13.14 -16.55 16.07
N GLY E 125 12.42 -15.51 15.65
CA GLY E 125 12.16 -15.32 14.24
C GLY E 125 11.08 -14.29 14.03
N ASN E 126 10.87 -13.87 12.79
CA ASN E 126 9.82 -12.88 12.50
C ASN E 126 8.63 -13.65 11.96
N TYR E 127 7.50 -13.56 12.65
CA TYR E 127 6.32 -14.30 12.23
C TYR E 127 5.11 -13.55 11.80
N SER E 128 4.07 -14.34 11.62
CA SER E 128 2.77 -13.88 11.21
C SER E 128 1.98 -13.72 12.47
N GLU E 129 0.79 -13.19 12.32
CA GLU E 129 -0.09 -12.99 13.44
C GLU E 129 -0.53 -14.34 13.89
N THR E 130 -0.73 -15.23 12.92
CA THR E 130 -1.19 -16.58 13.16
C THR E 130 -0.09 -17.55 13.50
N MET E 131 0.78 -17.81 12.52
CA MET E 131 1.86 -18.76 12.73
C MET E 131 2.51 -18.59 14.10
N THR E 132 2.38 -17.40 14.67
CA THR E 132 2.92 -17.17 15.98
C THR E 132 2.09 -18.01 16.92
N ILE E 133 0.78 -17.77 16.90
CA ILE E 133 -0.16 -18.54 17.71
C ILE E 133 0.28 -20.00 17.63
N ASP E 134 0.22 -20.53 16.42
CA ASP E 134 0.59 -21.92 16.13
C ASP E 134 1.87 -22.30 16.86
N LEU E 135 2.91 -21.50 16.70
CA LEU E 135 4.16 -21.78 17.36
C LEU E 135 3.96 -21.99 18.85
N MET E 136 3.03 -21.25 19.42
CA MET E 136 2.72 -21.35 20.85
C MET E 136 2.02 -22.67 21.15
N ASN E 137 0.97 -22.96 20.41
CA ASN E 137 0.25 -24.21 20.63
C ASN E 137 1.25 -25.35 20.50
N ASN E 138 2.08 -25.31 19.48
CA ASN E 138 3.10 -26.35 19.30
C ASN E 138 3.96 -26.42 20.56
N ALA E 139 4.48 -25.29 21.01
CA ALA E 139 5.32 -25.29 22.19
C ALA E 139 4.61 -25.91 23.40
N ILE E 140 3.29 -25.94 23.38
CA ILE E 140 2.52 -26.54 24.48
C ILE E 140 2.63 -28.05 24.34
N VAL E 141 2.38 -28.50 23.12
CA VAL E 141 2.44 -29.91 22.74
C VAL E 141 3.83 -30.48 23.00
N GLU E 142 4.82 -29.84 22.38
CA GLU E 142 6.21 -30.24 22.50
C GLU E 142 6.54 -30.59 23.94
N HIS E 143 5.86 -29.94 24.86
CA HIS E 143 6.09 -30.21 26.27
C HIS E 143 5.33 -31.45 26.68
N TYR E 144 4.08 -31.54 26.26
CA TYR E 144 3.26 -32.70 26.57
C TYR E 144 4.04 -33.96 26.21
N LEU E 145 4.92 -33.86 25.23
CA LEU E 145 5.71 -35.02 24.84
C LEU E 145 6.82 -35.30 25.83
N LYS E 146 7.71 -34.33 26.02
CA LYS E 146 8.81 -34.56 26.95
C LYS E 146 8.33 -34.94 28.35
N VAL E 147 7.05 -34.68 28.64
CA VAL E 147 6.54 -35.00 29.97
C VAL E 147 5.13 -35.59 30.03
N GLY E 148 4.15 -34.73 29.81
CA GLY E 148 2.76 -35.13 29.84
C GLY E 148 2.42 -36.59 29.61
N ARG E 149 2.23 -36.97 28.35
CA ARG E 149 1.86 -38.34 27.96
C ARG E 149 2.50 -39.43 28.81
N GLN E 150 3.82 -39.41 28.82
CA GLN E 150 4.59 -40.40 29.55
C GLN E 150 4.39 -40.29 31.05
N ASN E 151 3.15 -40.06 31.45
CA ASN E 151 2.78 -39.94 32.86
C ASN E 151 1.27 -39.91 32.97
N GLY E 152 0.62 -40.76 32.18
CA GLY E 152 -0.83 -40.89 32.19
C GLY E 152 -1.65 -39.74 31.64
N VAL E 153 -1.01 -38.82 30.93
CA VAL E 153 -1.74 -37.68 30.39
C VAL E 153 -2.16 -37.93 28.95
N LEU E 154 -3.46 -37.90 28.70
CA LEU E 154 -3.99 -38.14 27.35
C LEU E 154 -4.28 -36.84 26.66
N GLU E 155 -3.88 -36.73 25.40
CA GLU E 155 -4.15 -35.52 24.64
C GLU E 155 -5.58 -35.09 24.95
N SER E 156 -6.45 -36.07 25.15
CA SER E 156 -7.86 -35.82 25.47
C SER E 156 -8.01 -34.89 26.68
N ASP E 157 -6.89 -34.41 27.22
CA ASP E 157 -6.95 -33.52 28.36
C ASP E 157 -5.83 -32.49 28.46
N ILE E 158 -5.24 -32.14 27.31
CA ILE E 158 -4.20 -31.13 27.33
C ILE E 158 -4.92 -29.84 27.72
N GLY E 159 -4.44 -29.20 28.78
CA GLY E 159 -5.02 -27.98 29.34
C GLY E 159 -5.16 -26.62 28.64
N VAL E 160 -4.21 -26.18 27.83
CA VAL E 160 -4.29 -24.87 27.14
C VAL E 160 -4.13 -24.91 25.62
N LYS E 161 -4.97 -24.12 24.99
CA LYS E 161 -4.96 -23.99 23.53
C LYS E 161 -5.29 -22.60 23.14
N PHE E 162 -4.58 -22.07 22.14
CA PHE E 162 -4.82 -20.73 21.64
C PHE E 162 -5.44 -20.98 20.28
N ASP E 163 -6.71 -20.66 20.12
CA ASP E 163 -7.41 -20.95 18.86
C ASP E 163 -7.83 -19.60 18.29
N THR E 164 -9.00 -19.47 17.69
CA THR E 164 -9.43 -18.18 17.11
C THR E 164 -10.88 -18.14 16.64
N ARG E 165 -11.72 -19.08 17.04
CA ARG E 165 -13.08 -19.05 16.57
C ARG E 165 -14.10 -18.87 17.68
N ASN E 166 -15.31 -18.48 17.27
CA ASN E 166 -16.40 -18.27 18.19
C ASN E 166 -17.02 -19.62 18.43
N PHE E 167 -16.56 -20.29 19.48
CA PHE E 167 -17.05 -21.61 19.77
C PHE E 167 -18.51 -21.72 20.16
N ARG E 168 -19.39 -21.00 19.48
CA ARG E 168 -20.79 -21.13 19.80
C ARG E 168 -21.68 -20.36 18.85
N LEU E 169 -21.40 -20.55 17.58
CA LEU E 169 -22.18 -19.90 16.56
C LEU E 169 -23.36 -20.79 16.19
N GLY E 170 -23.07 -22.06 15.89
CA GLY E 170 -24.13 -22.98 15.53
C GLY E 170 -25.14 -23.22 16.64
N PHE E 171 -24.72 -22.92 17.87
CA PHE E 171 -25.55 -23.11 19.05
C PHE E 171 -27.03 -22.82 18.85
N ASP E 172 -27.85 -23.72 19.39
CA ASP E 172 -29.31 -23.62 19.33
C ASP E 172 -29.84 -23.40 20.74
N PRO E 173 -30.50 -22.27 20.96
CA PRO E 173 -31.09 -21.86 22.24
C PRO E 173 -31.84 -22.92 23.03
N VAL E 174 -32.48 -23.86 22.34
CA VAL E 174 -33.25 -24.88 23.02
C VAL E 174 -32.55 -26.23 23.18
N THR E 175 -32.01 -26.75 22.09
CA THR E 175 -31.33 -28.04 22.16
C THR E 175 -30.09 -27.95 23.05
N GLY E 176 -29.61 -26.73 23.28
CA GLY E 176 -28.43 -26.52 24.10
C GLY E 176 -27.20 -27.09 23.41
N LEU E 177 -27.22 -27.13 22.09
CA LEU E 177 -26.11 -27.68 21.32
C LEU E 177 -25.73 -26.96 20.05
N VAL E 178 -24.50 -27.21 19.60
CA VAL E 178 -24.00 -26.62 18.38
C VAL E 178 -24.55 -27.51 17.27
N MET E 179 -25.83 -27.36 17.00
CA MET E 179 -26.53 -28.16 16.01
C MET E 179 -25.78 -28.75 14.82
N PRO E 180 -25.13 -27.92 13.99
CA PRO E 180 -24.41 -28.46 12.84
C PRO E 180 -23.37 -29.53 13.13
N GLY E 181 -23.22 -29.88 14.41
CA GLY E 181 -22.28 -30.90 14.80
C GLY E 181 -20.81 -30.55 14.60
N VAL E 182 -20.55 -29.30 14.24
CA VAL E 182 -19.18 -28.84 14.01
C VAL E 182 -19.05 -27.37 14.40
N TYR E 183 -18.08 -27.04 15.25
CA TYR E 183 -17.88 -25.65 15.62
C TYR E 183 -17.46 -24.94 14.35
N THR E 184 -18.32 -24.05 13.86
CA THR E 184 -18.06 -23.29 12.63
C THR E 184 -16.68 -22.62 12.67
N ASN E 185 -15.72 -23.22 11.97
CA ASN E 185 -14.32 -22.77 11.96
C ASN E 185 -13.93 -21.41 11.34
N GLU E 186 -14.70 -20.36 11.57
CA GLU E 186 -14.31 -19.06 11.03
C GLU E 186 -13.50 -18.32 12.09
N ALA E 187 -12.55 -17.52 11.65
CA ALA E 187 -11.71 -16.78 12.59
C ALA E 187 -12.32 -15.47 13.10
N PHE E 188 -12.31 -15.28 14.42
CA PHE E 188 -12.85 -14.07 15.05
C PHE E 188 -12.00 -13.69 16.27
N HIS E 189 -10.80 -13.15 16.07
CA HIS E 189 -9.94 -12.75 17.18
C HIS E 189 -9.29 -13.91 17.98
N PRO E 190 -7.99 -13.79 18.29
CA PRO E 190 -7.20 -14.77 19.03
C PRO E 190 -7.97 -15.10 20.25
N ASP E 191 -7.89 -16.32 20.80
CA ASP E 191 -8.63 -16.54 22.06
C ASP E 191 -7.78 -17.42 22.91
N ILE E 192 -8.30 -17.80 24.06
CA ILE E 192 -7.56 -18.70 24.90
C ILE E 192 -8.56 -19.69 25.41
N ILE E 193 -8.27 -20.98 25.19
CA ILE E 193 -9.14 -22.04 25.64
C ILE E 193 -8.45 -22.84 26.73
N LEU E 194 -9.06 -22.83 27.90
CA LEU E 194 -8.51 -23.53 29.04
C LEU E 194 -9.28 -24.75 29.42
N LEU E 195 -8.78 -25.41 30.46
CA LEU E 195 -9.40 -26.61 31.00
C LEU E 195 -9.43 -26.47 32.50
N PRO E 196 -10.09 -27.40 33.17
CA PRO E 196 -10.10 -27.27 34.62
C PRO E 196 -8.70 -27.35 35.17
N GLY E 197 -8.45 -26.65 36.26
CA GLY E 197 -7.15 -26.71 36.90
C GLY E 197 -5.95 -26.09 36.21
N CYS E 198 -6.15 -25.25 35.22
CA CYS E 198 -5.00 -24.64 34.61
C CYS E 198 -5.30 -23.27 34.01
N GLY E 199 -4.27 -22.65 33.46
CA GLY E 199 -4.42 -21.34 32.88
C GLY E 199 -3.12 -20.80 32.33
N VAL E 200 -3.08 -19.52 32.01
CA VAL E 200 -1.87 -18.95 31.47
C VAL E 200 -1.58 -17.59 32.07
N ASP E 201 -0.30 -17.25 32.11
CA ASP E 201 0.13 -15.99 32.66
C ASP E 201 1.06 -15.30 31.66
N PHE E 202 0.89 -13.99 31.49
CA PHE E 202 1.73 -13.24 30.57
C PHE E 202 2.50 -12.18 31.30
N THR E 203 2.46 -12.26 32.62
CA THR E 203 3.14 -11.31 33.49
C THR E 203 4.47 -10.81 32.93
N HIS E 204 5.15 -11.63 32.13
CA HIS E 204 6.42 -11.24 31.57
C HIS E 204 6.49 -11.52 30.07
N SER E 205 5.52 -11.01 29.33
CA SER E 205 5.49 -11.22 27.90
C SER E 205 4.56 -10.28 27.21
N ARG E 206 5.02 -9.75 26.09
CA ARG E 206 4.21 -8.84 25.31
C ARG E 206 3.33 -9.63 24.36
N LEU E 207 3.54 -10.95 24.32
CA LEU E 207 2.74 -11.78 23.44
C LEU E 207 1.27 -11.54 23.73
N SER E 208 0.97 -11.16 24.95
CA SER E 208 -0.42 -10.88 25.31
C SER E 208 -1.02 -9.98 24.25
N ASN E 209 -0.30 -8.92 23.94
CA ASN E 209 -0.73 -7.95 22.96
C ASN E 209 -0.94 -8.59 21.60
N LEU E 210 -0.09 -9.53 21.25
CA LEU E 210 -0.23 -10.21 19.98
C LEU E 210 -1.63 -10.83 19.95
N LEU E 211 -2.00 -11.50 21.03
CA LEU E 211 -3.32 -12.11 21.11
C LEU E 211 -4.38 -11.01 21.09
N GLY E 212 -4.12 -9.92 21.79
CA GLY E 212 -5.08 -8.86 21.79
C GLY E 212 -6.01 -8.95 22.96
N ILE E 213 -5.48 -9.45 24.07
CA ILE E 213 -6.24 -9.58 25.31
C ILE E 213 -5.47 -8.66 26.25
N ARG E 214 -5.96 -7.43 26.43
CA ARG E 214 -5.27 -6.49 27.29
C ARG E 214 -5.99 -6.34 28.61
N LYS E 215 -5.22 -6.08 29.64
CA LYS E 215 -5.72 -5.90 31.00
C LYS E 215 -6.44 -4.57 31.04
N ARG E 216 -7.64 -4.54 31.60
CA ARG E 216 -8.41 -3.29 31.63
C ARG E 216 -7.77 -2.14 32.41
N GLN E 217 -6.74 -2.41 33.20
CA GLN E 217 -6.07 -1.34 33.92
C GLN E 217 -4.61 -1.66 34.14
N PRO E 218 -3.89 -1.79 33.03
CA PRO E 218 -2.48 -2.09 32.78
C PRO E 218 -1.44 -1.84 33.84
N PHE E 219 -1.43 -0.67 34.44
CA PHE E 219 -0.41 -0.41 35.42
C PHE E 219 -0.41 -1.34 36.65
N GLN E 220 -0.97 -2.52 36.50
CA GLN E 220 -1.03 -3.51 37.57
C GLN E 220 -0.04 -4.61 37.29
N GLU E 221 1.12 -4.61 37.91
CA GLU E 221 2.05 -5.68 37.61
C GLU E 221 1.34 -7.01 37.79
N GLY E 222 1.46 -7.89 36.79
CA GLY E 222 0.85 -9.21 36.85
C GLY E 222 -0.29 -9.51 35.89
N PHE E 223 -0.19 -10.61 35.15
CA PHE E 223 -1.24 -10.98 34.22
C PHE E 223 -1.52 -12.47 34.20
N ARG E 224 -2.35 -12.93 35.14
CA ARG E 224 -2.71 -14.34 35.20
C ARG E 224 -4.17 -14.50 34.86
N ILE E 225 -4.46 -15.43 33.98
CA ILE E 225 -5.82 -15.67 33.59
C ILE E 225 -6.01 -17.19 33.68
N THR E 226 -6.78 -17.64 34.68
CA THR E 226 -6.98 -19.07 34.88
C THR E 226 -8.40 -19.53 34.60
N TYR E 227 -8.61 -20.83 34.79
CA TYR E 227 -9.90 -21.45 34.55
C TYR E 227 -10.99 -20.74 35.32
N ASP E 228 -10.88 -20.78 36.63
CA ASP E 228 -11.86 -20.15 37.51
C ASP E 228 -12.25 -18.74 37.06
N ASP E 229 -11.36 -18.07 36.34
CA ASP E 229 -11.66 -16.71 35.88
C ASP E 229 -12.63 -16.76 34.73
N LEU E 230 -12.31 -17.58 33.73
CA LEU E 230 -13.19 -17.74 32.59
C LEU E 230 -14.46 -18.41 33.07
N GLU E 231 -15.37 -17.64 33.63
CA GLU E 231 -16.59 -18.23 34.13
C GLU E 231 -17.73 -17.94 33.19
N GLY E 232 -18.66 -18.87 33.08
CA GLY E 232 -19.77 -18.68 32.17
C GLY E 232 -19.20 -18.53 30.79
N GLY E 233 -19.31 -19.56 29.97
CA GLY E 233 -18.76 -19.49 28.64
C GLY E 233 -17.84 -20.68 28.42
N ASN E 234 -18.38 -21.86 28.69
CA ASN E 234 -17.64 -23.09 28.48
C ASN E 234 -18.12 -23.48 27.11
N ILE E 235 -17.22 -23.96 26.28
CA ILE E 235 -17.62 -24.35 24.94
C ILE E 235 -18.75 -25.39 24.94
N PRO E 236 -19.90 -25.05 24.34
CA PRO E 236 -21.04 -25.98 24.28
C PRO E 236 -20.59 -27.18 23.46
N ALA E 237 -21.24 -28.32 23.63
CA ALA E 237 -20.87 -29.51 22.88
C ALA E 237 -21.52 -29.64 21.51
N LEU E 238 -20.83 -30.31 20.60
CA LEU E 238 -21.35 -30.50 19.26
C LEU E 238 -22.44 -31.55 19.33
N LEU E 239 -23.54 -31.33 18.61
CA LEU E 239 -24.63 -32.31 18.61
C LEU E 239 -24.25 -33.55 17.82
N ASP E 240 -24.75 -34.71 18.23
CA ASP E 240 -24.43 -35.94 17.50
C ASP E 240 -25.15 -35.90 16.18
N VAL E 241 -24.39 -35.68 15.11
CA VAL E 241 -24.96 -35.61 13.77
C VAL E 241 -25.58 -36.93 13.33
N ASP E 242 -24.82 -38.01 13.46
CA ASP E 242 -25.27 -39.34 13.07
C ASP E 242 -26.46 -39.84 13.86
N ALA E 243 -26.32 -39.91 15.18
CA ALA E 243 -27.41 -40.36 16.05
C ALA E 243 -28.71 -39.74 15.55
N TYR E 244 -28.67 -38.45 15.30
CA TYR E 244 -29.83 -37.72 14.82
C TYR E 244 -30.27 -38.17 13.43
N GLN E 245 -29.34 -38.15 12.48
CA GLN E 245 -29.64 -38.57 11.11
C GLN E 245 -30.11 -40.02 11.05
N ALA E 246 -29.31 -40.90 11.66
CA ALA E 246 -29.62 -42.32 11.69
C ALA E 246 -31.03 -42.59 12.23
N SER E 247 -31.55 -41.66 13.02
CA SER E 247 -32.88 -41.82 13.56
C SER E 247 -33.94 -41.31 12.59
N LEU E 248 -35.20 -41.49 12.97
CA LEU E 248 -36.37 -41.09 12.18
C LEU E 248 -36.88 -42.23 11.28
N LYS E 249 -37.31 -43.30 11.95
CA LYS E 249 -37.86 -44.52 11.36
C LYS E 249 -39.02 -44.94 12.29
N ASP E 250 -38.72 -44.96 13.59
CA ASP E 250 -39.70 -45.30 14.64
C ASP E 250 -39.61 -44.30 15.80
N PRO E 325 -42.21 -41.45 24.40
CA PRO E 325 -43.36 -41.45 23.48
C PRO E 325 -42.88 -41.92 22.09
N GLN E 326 -42.10 -41.05 21.44
CA GLN E 326 -41.51 -41.29 20.12
C GLN E 326 -40.28 -40.40 19.91
N LYS E 327 -39.77 -39.84 21.01
CA LYS E 327 -38.62 -38.94 21.03
C LYS E 327 -37.54 -39.17 19.96
N LYS E 328 -36.78 -38.10 19.68
CA LYS E 328 -35.71 -38.16 18.69
C LYS E 328 -34.29 -38.16 19.27
N PRO E 329 -33.29 -38.52 18.43
CA PRO E 329 -31.86 -38.63 18.72
C PRO E 329 -31.17 -37.31 19.04
N VAL E 330 -31.93 -36.22 19.03
CA VAL E 330 -31.41 -34.89 19.33
C VAL E 330 -30.51 -34.90 20.54
N ILE E 331 -31.16 -34.89 21.71
CA ILE E 331 -30.51 -34.88 23.02
C ILE E 331 -29.06 -35.38 23.05
N LYS E 332 -28.73 -36.35 22.21
CA LYS E 332 -27.37 -36.89 22.21
C LYS E 332 -26.29 -35.94 21.74
N PRO E 333 -25.51 -35.40 22.70
CA PRO E 333 -24.43 -34.47 22.39
C PRO E 333 -23.22 -35.37 22.20
N LEU E 334 -22.56 -35.24 21.06
CA LEU E 334 -21.39 -36.07 20.78
C LEU E 334 -20.50 -36.11 22.02
N THR E 335 -19.74 -37.18 22.17
CA THR E 335 -18.88 -37.29 23.34
C THR E 335 -17.42 -37.34 23.00
N GLU E 336 -17.11 -37.94 21.87
CA GLU E 336 -15.73 -38.09 21.47
C GLU E 336 -15.62 -38.09 19.97
N ASP E 337 -14.41 -38.07 19.45
CA ASP E 337 -14.29 -38.04 18.01
C ASP E 337 -13.32 -39.08 17.51
N SER E 338 -13.62 -39.60 16.31
CA SER E 338 -12.80 -40.58 15.61
C SER E 338 -11.46 -40.69 16.29
N LYS E 339 -11.14 -41.88 16.78
CA LYS E 339 -9.90 -42.12 17.52
C LYS E 339 -10.27 -41.80 18.96
N LYS E 340 -11.59 -41.78 19.18
CA LYS E 340 -12.22 -41.54 20.47
C LYS E 340 -11.45 -40.63 21.44
N ARG E 341 -11.51 -39.33 21.18
CA ARG E 341 -10.87 -38.34 22.03
C ARG E 341 -11.99 -37.79 22.91
N SER E 342 -11.83 -37.85 24.22
CA SER E 342 -12.89 -37.34 25.12
C SER E 342 -13.13 -35.85 24.99
N TYR E 343 -14.39 -35.44 24.99
CA TYR E 343 -14.66 -34.01 24.93
C TYR E 343 -14.94 -33.54 26.33
N ASN E 344 -14.58 -34.37 27.30
CA ASN E 344 -14.76 -34.04 28.70
C ASN E 344 -16.03 -33.21 28.93
N LEU E 345 -17.19 -33.85 29.01
CA LEU E 345 -18.41 -33.09 29.26
C LEU E 345 -18.65 -33.11 30.75
N ILE E 346 -19.07 -31.97 31.29
CA ILE E 346 -19.32 -31.87 32.72
C ILE E 346 -20.12 -33.06 33.26
N SER E 347 -21.37 -33.20 32.83
CA SER E 347 -22.22 -34.32 33.25
C SER E 347 -22.49 -35.18 32.04
N ASN E 348 -23.00 -36.39 32.28
CA ASN E 348 -23.35 -37.30 31.19
C ASN E 348 -24.64 -36.69 30.64
N ASP E 349 -25.06 -35.63 31.33
CA ASP E 349 -26.27 -34.87 31.06
C ASP E 349 -25.99 -33.56 30.29
N SER E 350 -25.54 -32.53 31.01
CA SER E 350 -25.26 -31.21 30.45
C SER E 350 -24.69 -31.17 29.05
N THR E 351 -25.17 -30.19 28.29
CA THR E 351 -24.76 -30.00 26.91
C THR E 351 -23.43 -29.22 26.78
N PHE E 352 -22.87 -28.82 27.92
CA PHE E 352 -21.62 -28.05 27.92
C PHE E 352 -20.37 -28.86 28.25
N THR E 353 -19.32 -28.65 27.47
CA THR E 353 -18.06 -29.34 27.70
C THR E 353 -17.30 -28.57 28.77
N GLN E 354 -16.31 -29.20 29.38
CA GLN E 354 -15.53 -28.54 30.42
C GLN E 354 -14.62 -27.46 29.84
N TYR E 355 -14.34 -27.53 28.55
CA TYR E 355 -13.49 -26.55 27.90
C TYR E 355 -14.08 -25.13 28.00
N ARG E 356 -13.28 -24.17 28.48
CA ARG E 356 -13.73 -22.78 28.59
C ARG E 356 -12.94 -21.80 27.70
N SER E 357 -13.66 -20.94 26.98
CA SER E 357 -13.07 -19.93 26.08
C SER E 357 -13.14 -18.51 26.59
N TRP E 358 -12.03 -17.79 26.41
CA TRP E 358 -12.00 -16.42 26.84
C TRP E 358 -13.03 -15.67 26.04
N TYR E 359 -12.87 -15.69 24.72
CA TYR E 359 -13.79 -14.99 23.84
C TYR E 359 -15.22 -15.18 24.32
N LEU E 360 -15.60 -16.44 24.50
CA LEU E 360 -16.94 -16.76 24.96
C LEU E 360 -17.28 -16.01 26.24
N ALA E 361 -16.38 -16.11 27.21
CA ALA E 361 -16.59 -15.46 28.49
C ALA E 361 -16.86 -13.98 28.29
N TYR E 362 -15.85 -13.28 27.78
CA TYR E 362 -15.93 -11.86 27.52
C TYR E 362 -17.24 -11.44 26.85
N ASN E 363 -17.59 -12.08 25.76
CA ASN E 363 -18.80 -11.73 25.03
C ASN E 363 -20.13 -12.26 25.52
N TYR E 364 -20.13 -13.45 26.11
CA TYR E 364 -21.37 -14.05 26.53
C TYR E 364 -21.69 -14.18 28.03
N GLY E 365 -20.68 -14.22 28.88
CA GLY E 365 -20.97 -14.34 30.29
C GLY E 365 -20.99 -13.02 31.04
N ASP E 366 -21.95 -12.87 31.95
CA ASP E 366 -22.11 -11.67 32.78
C ASP E 366 -21.06 -10.59 32.57
N PRO E 367 -21.44 -9.47 31.96
CA PRO E 367 -20.49 -8.39 31.72
C PRO E 367 -20.01 -7.68 32.99
N GLN E 368 -20.86 -7.63 34.01
CA GLN E 368 -20.47 -6.95 35.24
C GLN E 368 -19.65 -7.80 36.20
N THR E 369 -19.50 -9.08 35.89
CA THR E 369 -18.75 -10.02 36.75
C THR E 369 -17.70 -10.82 36.01
N GLY E 370 -18.04 -11.21 34.79
CA GLY E 370 -17.14 -12.00 33.97
C GLY E 370 -15.80 -11.36 33.68
N ILE E 371 -15.06 -11.95 32.77
CA ILE E 371 -13.78 -11.39 32.43
C ILE E 371 -14.04 -10.06 31.72
N ARG E 372 -15.18 -9.95 31.04
CA ARG E 372 -15.52 -8.69 30.35
C ARG E 372 -15.28 -7.50 31.27
N SER E 373 -15.24 -7.77 32.57
CA SER E 373 -15.03 -6.73 33.56
C SER E 373 -13.60 -6.21 33.68
N TRP E 374 -12.68 -7.06 34.13
CA TRP E 374 -11.28 -6.69 34.32
C TRP E 374 -10.37 -6.80 33.11
N THR E 375 -10.93 -7.20 31.97
CA THR E 375 -10.11 -7.31 30.79
C THR E 375 -10.69 -6.51 29.65
N LEU E 376 -9.93 -6.39 28.56
CA LEU E 376 -10.40 -5.64 27.40
C LEU E 376 -10.07 -6.31 26.07
N LEU E 377 -11.11 -6.48 25.24
CA LEU E 377 -10.94 -7.08 23.93
C LEU E 377 -10.51 -6.06 22.93
N CYS E 378 -9.42 -6.35 22.22
CA CYS E 378 -8.92 -5.43 21.21
C CYS E 378 -8.03 -6.01 20.14
N THR E 379 -7.79 -5.20 19.13
CA THR E 379 -6.98 -5.57 17.98
C THR E 379 -5.63 -6.13 18.35
N PRO E 380 -5.19 -7.14 17.61
CA PRO E 380 -3.93 -7.88 17.72
C PRO E 380 -2.61 -7.11 17.73
N ASP E 381 -2.16 -6.66 16.55
CA ASP E 381 -0.87 -5.95 16.43
C ASP E 381 0.24 -6.97 16.61
N VAL E 382 0.91 -7.33 15.53
CA VAL E 382 1.95 -8.30 15.67
C VAL E 382 3.13 -7.71 16.42
N THR E 383 3.50 -6.47 16.09
CA THR E 383 4.65 -5.82 16.73
C THR E 383 4.74 -5.99 18.24
N CYS E 384 3.60 -6.34 18.85
CA CYS E 384 3.49 -6.56 20.28
C CYS E 384 3.46 -5.30 21.11
N GLY E 385 3.55 -4.16 20.45
CA GLY E 385 3.51 -2.91 21.19
C GLY E 385 4.48 -1.85 20.74
N SER E 386 3.95 -0.78 20.18
CA SER E 386 4.79 0.30 19.72
C SER E 386 5.61 0.80 20.92
N GLU E 387 6.91 0.55 20.91
CA GLU E 387 7.76 1.05 22.00
C GLU E 387 8.65 2.11 21.39
N GLN E 388 9.12 3.04 22.21
CA GLN E 388 9.97 4.10 21.69
C GLN E 388 11.41 3.98 22.14
N VAL E 389 12.24 4.81 21.53
CA VAL E 389 13.66 4.84 21.81
C VAL E 389 14.07 6.26 22.11
N TYR E 390 15.21 6.40 22.78
CA TYR E 390 15.71 7.71 23.17
C TYR E 390 17.11 7.99 22.65
N TRP E 391 17.28 9.11 21.96
CA TRP E 391 18.59 9.49 21.47
C TRP E 391 19.31 10.23 22.58
N SER E 392 20.62 10.29 22.50
CA SER E 392 21.41 10.99 23.49
C SER E 392 22.74 11.35 22.83
N LEU E 393 23.15 12.60 22.93
CA LEU E 393 24.40 13.03 22.31
C LEU E 393 25.18 13.80 23.36
N PRO E 394 25.37 13.19 24.50
CA PRO E 394 26.07 13.63 25.72
C PRO E 394 27.23 14.54 25.51
N ASP E 395 28.06 14.20 24.54
CA ASP E 395 29.27 14.97 24.28
C ASP E 395 29.10 16.22 23.43
N MET E 396 27.90 16.44 22.91
CA MET E 396 27.65 17.58 22.02
C MET E 396 26.44 18.46 22.27
N MET E 397 25.58 18.10 23.22
CA MET E 397 24.41 18.93 23.45
C MET E 397 24.04 19.07 24.88
N GLN E 398 23.70 20.29 25.24
CA GLN E 398 23.35 20.57 26.61
C GLN E 398 22.25 19.69 27.12
N ASP E 399 22.44 19.25 28.35
CA ASP E 399 21.55 18.35 29.03
C ASP E 399 20.23 18.96 29.46
N PRO E 400 19.16 18.65 28.74
CA PRO E 400 17.78 19.09 28.93
C PRO E 400 17.29 19.19 30.36
N VAL E 401 16.59 20.29 30.61
CA VAL E 401 16.07 20.64 31.91
C VAL E 401 16.49 19.88 33.12
N THR E 402 15.71 18.90 33.54
CA THR E 402 16.07 18.23 34.76
C THR E 402 17.10 17.14 34.73
N PHE E 403 17.59 16.81 33.54
CA PHE E 403 18.56 15.73 33.45
C PHE E 403 19.87 16.03 34.11
N ARG E 404 20.37 15.04 34.81
CA ARG E 404 21.62 15.14 35.50
C ARG E 404 22.66 14.69 34.50
N SER E 405 23.85 15.30 34.56
CA SER E 405 24.92 14.94 33.65
C SER E 405 25.71 13.78 34.22
N THR E 406 25.98 12.75 33.42
CA THR E 406 26.73 11.60 33.94
C THR E 406 27.52 10.89 32.87
N SER E 407 28.06 9.72 33.24
CA SER E 407 28.87 8.91 32.34
C SER E 407 28.37 7.48 32.27
N GLN E 408 27.30 7.21 33.00
CA GLN E 408 26.69 5.89 33.02
C GLN E 408 25.82 5.77 31.77
N ILE E 409 26.34 5.11 30.75
CA ILE E 409 25.62 4.93 29.49
C ILE E 409 24.11 4.75 29.62
N SER E 410 23.70 3.99 30.62
CA SER E 410 22.29 3.74 30.83
C SER E 410 21.57 4.85 31.59
N ASN E 411 22.05 6.08 31.48
CA ASN E 411 21.41 7.21 32.16
C ASN E 411 21.76 8.56 31.54
N PHE E 412 22.38 8.52 30.37
CA PHE E 412 22.73 9.75 29.68
C PHE E 412 21.52 10.63 29.54
N PRO E 413 21.73 11.89 29.19
CA PRO E 413 20.62 12.81 29.01
C PRO E 413 19.97 12.44 27.68
N VAL E 414 18.69 12.77 27.54
CA VAL E 414 17.96 12.46 26.33
C VAL E 414 17.62 13.72 25.57
N VAL E 415 17.84 13.70 24.27
CA VAL E 415 17.55 14.88 23.49
C VAL E 415 16.40 14.65 22.56
N GLY E 416 16.08 13.40 22.28
CA GLY E 416 14.98 13.14 21.38
C GLY E 416 14.38 11.78 21.58
N ALA E 417 13.06 11.71 21.43
CA ALA E 417 12.37 10.45 21.60
C ALA E 417 11.72 10.13 20.28
N GLU E 418 11.53 8.86 20.01
CA GLU E 418 10.94 8.47 18.76
C GLU E 418 10.53 7.03 18.82
N LEU E 419 9.47 6.70 18.08
CA LEU E 419 8.94 5.35 18.07
C LEU E 419 9.90 4.38 17.37
N LEU E 420 10.14 3.23 17.97
CA LEU E 420 11.03 2.23 17.35
C LEU E 420 10.41 1.77 16.04
N PRO E 421 11.05 2.12 14.91
CA PRO E 421 10.75 1.87 13.49
C PRO E 421 10.09 0.57 13.09
N VAL E 422 8.92 0.27 13.61
CA VAL E 422 8.27 -0.97 13.25
C VAL E 422 6.78 -0.80 13.07
N HIS E 423 6.28 -1.23 11.92
CA HIS E 423 4.86 -1.12 11.61
C HIS E 423 4.33 -2.48 11.25
N SER E 424 3.01 -2.59 11.12
CA SER E 424 2.40 -3.86 10.78
C SER E 424 1.62 -3.77 9.48
N LYS E 425 2.14 -4.43 8.45
CA LYS E 425 1.50 -4.46 7.15
C LYS E 425 0.44 -5.56 7.19
N SER E 426 -0.66 -5.33 6.48
CA SER E 426 -1.76 -6.29 6.44
C SER E 426 -1.97 -6.83 5.04
N PHE E 427 -2.29 -8.10 4.93
CA PHE E 427 -2.51 -8.73 3.63
C PHE E 427 -3.75 -9.61 3.64
N TYR E 428 -4.37 -9.76 2.48
CA TYR E 428 -5.57 -10.58 2.37
C TYR E 428 -5.24 -12.05 2.20
N ASN E 429 -5.86 -12.87 3.03
CA ASN E 429 -5.59 -14.30 3.04
C ASN E 429 -6.49 -15.18 2.18
N ASP E 430 -5.93 -15.72 1.09
CA ASP E 430 -6.70 -16.61 0.23
C ASP E 430 -6.61 -18.00 0.86
N GLN E 431 -5.44 -18.27 1.43
CA GLN E 431 -5.13 -19.53 2.10
C GLN E 431 -6.13 -19.80 3.25
N ALA E 432 -7.12 -18.94 3.38
CA ALA E 432 -8.12 -19.09 4.42
C ALA E 432 -8.87 -20.41 4.24
N VAL E 433 -9.50 -20.55 3.09
CA VAL E 433 -10.28 -21.73 2.78
C VAL E 433 -9.52 -22.82 2.04
N TYR E 434 -8.62 -22.41 1.15
CA TYR E 434 -7.84 -23.38 0.37
C TYR E 434 -7.50 -24.62 1.21
N SER E 435 -7.24 -24.43 2.51
CA SER E 435 -6.88 -25.54 3.40
C SER E 435 -8.06 -26.40 3.86
N GLN E 436 -9.27 -25.88 3.72
CA GLN E 436 -10.46 -26.63 4.12
C GLN E 436 -10.78 -27.63 3.02
N LEU E 437 -10.09 -27.50 1.89
CA LEU E 437 -10.29 -28.38 0.76
C LEU E 437 -9.03 -29.19 0.46
N ILE E 438 -8.38 -29.67 1.52
CA ILE E 438 -7.18 -30.48 1.39
C ILE E 438 -7.06 -31.45 2.57
N ARG E 439 -7.67 -31.09 3.71
CA ARG E 439 -7.64 -31.97 4.88
C ARG E 439 -8.97 -32.70 4.93
N GLN E 440 -9.81 -32.34 3.97
CA GLN E 440 -11.11 -32.97 3.78
C GLN E 440 -10.83 -34.13 2.82
N PHE E 441 -9.67 -34.00 2.19
CA PHE E 441 -9.13 -34.99 1.25
C PHE E 441 -7.84 -35.46 1.97
N THR E 442 -8.02 -36.35 2.95
CA THR E 442 -6.94 -36.87 3.81
C THR E 442 -5.49 -37.00 3.21
N SER E 443 -4.50 -36.61 4.03
CA SER E 443 -3.09 -36.68 3.70
C SER E 443 -2.35 -36.29 4.97
N LEU E 444 -1.02 -36.41 4.93
CA LEU E 444 -0.14 -36.09 6.05
C LEU E 444 -0.59 -34.92 6.95
N THR E 445 0.12 -34.73 8.06
CA THR E 445 -0.20 -33.65 8.97
C THR E 445 1.03 -32.85 9.40
N HIS E 446 0.78 -31.63 9.86
CA HIS E 446 1.83 -30.76 10.33
C HIS E 446 1.95 -30.89 11.81
N VAL E 447 3.07 -30.44 12.31
CA VAL E 447 3.31 -30.48 13.73
C VAL E 447 2.26 -29.59 14.39
N PHE E 448 1.44 -28.97 13.55
CA PHE E 448 0.40 -28.06 13.99
C PHE E 448 -0.98 -28.67 14.13
N ASN E 449 -1.32 -29.62 13.26
CA ASN E 449 -2.63 -30.23 13.38
C ASN E 449 -2.52 -31.65 13.88
N ARG E 450 -1.92 -31.85 15.03
CA ARG E 450 -1.77 -33.20 15.54
C ARG E 450 -3.05 -33.84 16.03
N PHE E 451 -4.18 -33.17 15.83
CA PHE E 451 -5.45 -33.71 16.29
C PHE E 451 -6.56 -33.30 15.35
N PRO E 452 -6.32 -33.45 14.05
CA PRO E 452 -7.23 -33.11 12.94
C PRO E 452 -8.68 -33.42 13.26
N GLU E 453 -8.88 -34.65 13.70
CA GLU E 453 -10.20 -35.11 14.02
C GLU E 453 -10.60 -34.74 15.43
N ASN E 454 -10.58 -33.46 15.78
CA ASN E 454 -10.97 -33.14 17.13
C ASN E 454 -11.91 -31.97 17.32
N GLN E 455 -12.08 -31.15 16.30
CA GLN E 455 -12.99 -30.02 16.44
C GLN E 455 -12.64 -29.06 17.56
N ILE E 456 -11.61 -29.38 18.33
CA ILE E 456 -11.21 -28.49 19.41
C ILE E 456 -9.71 -28.38 19.46
N LEU E 457 -9.01 -29.49 19.56
CA LEU E 457 -7.55 -29.42 19.58
C LEU E 457 -7.11 -29.35 18.13
N ALA E 458 -8.08 -29.10 17.24
CA ALA E 458 -7.82 -29.00 15.81
C ALA E 458 -6.75 -27.94 15.59
N ARG E 459 -6.88 -27.21 14.50
CA ARG E 459 -5.93 -26.13 14.23
C ARG E 459 -6.74 -24.89 13.98
N PRO E 460 -6.57 -23.88 14.84
CA PRO E 460 -7.33 -22.64 14.66
C PRO E 460 -7.33 -22.22 13.21
N PRO E 461 -8.48 -21.77 12.71
CA PRO E 461 -8.70 -21.32 11.35
C PRO E 461 -7.83 -20.11 11.06
N ALA E 462 -7.25 -20.07 9.87
CA ALA E 462 -6.42 -18.93 9.49
C ALA E 462 -7.31 -17.74 9.22
N PRO E 463 -7.06 -16.62 9.91
CA PRO E 463 -7.92 -15.47 9.64
C PRO E 463 -7.60 -14.85 8.30
N THR E 464 -8.61 -14.31 7.65
CA THR E 464 -8.39 -13.62 6.38
C THR E 464 -7.72 -12.35 6.88
N ILE E 465 -6.75 -11.82 6.15
CA ILE E 465 -6.08 -10.59 6.60
C ILE E 465 -5.10 -10.84 7.74
N THR E 466 -3.90 -11.26 7.40
CA THR E 466 -2.90 -11.50 8.42
C THR E 466 -2.04 -10.27 8.47
N THR E 467 -1.35 -10.09 9.58
CA THR E 467 -0.48 -8.94 9.72
C THR E 467 0.93 -9.44 9.89
N VAL E 468 1.91 -8.62 9.55
CA VAL E 468 3.30 -9.02 9.68
C VAL E 468 4.16 -7.87 10.11
N SER E 469 4.94 -8.06 11.16
CA SER E 469 5.80 -7.00 11.62
C SER E 469 6.78 -6.66 10.51
N GLU E 470 6.88 -5.38 10.18
CA GLU E 470 7.79 -4.97 9.13
C GLU E 470 8.67 -3.81 9.59
N ASN E 471 9.97 -3.92 9.32
CA ASN E 471 10.92 -2.88 9.70
C ASN E 471 10.99 -1.82 8.62
N VAL E 472 11.12 -0.56 9.01
CA VAL E 472 11.17 0.50 8.02
C VAL E 472 12.07 1.64 8.44
N PRO E 473 12.77 2.27 7.48
CA PRO E 473 13.65 3.39 7.80
C PRO E 473 12.80 4.54 8.27
N ALA E 474 13.26 5.20 9.32
CA ALA E 474 12.52 6.32 9.87
C ALA E 474 13.30 7.61 9.79
N LEU E 475 12.94 8.41 8.79
CA LEU E 475 13.57 9.70 8.59
C LEU E 475 12.83 10.64 9.49
N THR E 476 13.20 10.63 10.76
CA THR E 476 12.57 11.46 11.75
C THR E 476 13.25 12.82 11.87
N ASP E 477 12.74 13.65 12.76
CA ASP E 477 13.28 14.99 12.95
C ASP E 477 12.94 15.53 14.32
N HIS E 478 13.93 15.60 15.19
CA HIS E 478 13.72 16.11 16.53
C HIS E 478 13.83 17.61 16.40
N GLY E 479 13.42 18.34 17.43
CA GLY E 479 13.47 19.78 17.32
C GLY E 479 14.83 20.42 17.09
N THR E 480 14.97 21.61 17.64
CA THR E 480 16.21 22.35 17.59
C THR E 480 16.61 22.43 19.06
N LEU E 481 17.83 21.96 19.37
CA LEU E 481 18.32 21.91 20.73
C LEU E 481 19.49 22.81 21.05
N PRO E 482 19.66 23.14 22.31
CA PRO E 482 20.75 24.00 22.75
C PRO E 482 21.99 23.14 22.81
N LEU E 483 23.13 23.65 22.37
CA LEU E 483 24.36 22.86 22.42
C LEU E 483 25.57 23.61 22.97
N ARG E 484 26.60 22.88 23.35
CA ARG E 484 27.82 23.47 23.91
C ARG E 484 28.53 24.22 22.81
N ASN E 485 29.39 25.17 23.15
CA ASN E 485 30.08 25.96 22.12
C ASN E 485 31.47 25.44 21.85
N SER E 486 31.74 24.25 22.35
CA SER E 486 33.04 23.65 22.16
C SER E 486 32.77 22.19 21.90
N ILE E 487 32.43 21.90 20.65
CA ILE E 487 32.11 20.56 20.26
C ILE E 487 33.37 19.73 20.06
N GLY E 488 33.49 18.67 20.86
CA GLY E 488 34.65 17.79 20.82
C GLY E 488 34.88 17.07 19.52
N GLY E 489 36.14 16.84 19.20
CA GLY E 489 36.47 16.15 17.96
C GLY E 489 35.75 14.82 17.85
N VAL E 490 35.51 14.15 18.97
CA VAL E 490 34.82 12.88 18.92
C VAL E 490 33.58 12.87 19.78
N GLN E 491 32.45 12.69 19.12
CA GLN E 491 31.15 12.68 19.74
C GLN E 491 30.71 11.25 19.98
N ARG E 492 29.79 11.09 20.91
CA ARG E 492 29.29 9.78 21.21
C ARG E 492 27.80 9.76 20.96
N VAL E 493 27.35 8.80 20.16
CA VAL E 493 25.94 8.67 19.85
C VAL E 493 25.40 7.50 20.64
N THR E 494 24.14 7.57 21.06
CA THR E 494 23.56 6.49 21.84
C THR E 494 22.06 6.39 21.79
N ILE E 495 21.57 5.29 21.25
CA ILE E 495 20.14 5.07 21.18
C ILE E 495 19.74 4.11 22.29
N THR E 496 18.69 4.45 23.01
CA THR E 496 18.26 3.63 24.12
C THR E 496 16.78 3.30 24.03
N ASP E 497 16.36 2.27 24.72
CA ASP E 497 14.96 1.89 24.68
C ASP E 497 14.28 2.27 25.97
N ALA E 498 12.97 2.09 25.99
CA ALA E 498 12.17 2.42 27.16
C ALA E 498 12.81 2.03 28.49
N ARG E 499 13.38 0.83 28.54
CA ARG E 499 14.01 0.31 29.76
C ARG E 499 15.42 0.84 29.97
N ARG E 500 15.94 1.49 28.95
CA ARG E 500 17.27 2.07 28.99
C ARG E 500 18.38 1.08 28.86
N ARG E 501 18.65 0.72 27.61
CA ARG E 501 19.69 -0.22 27.28
C ARG E 501 19.86 -0.11 25.79
N THR E 502 21.04 -0.41 25.28
CA THR E 502 21.28 -0.32 23.84
C THR E 502 20.28 -1.26 23.17
N CYS E 503 20.11 -1.15 21.87
CA CYS E 503 19.16 -2.00 21.16
C CYS E 503 19.85 -2.69 19.99
N PRO E 504 20.27 -3.93 20.20
CA PRO E 504 20.95 -4.78 19.22
C PRO E 504 20.43 -4.71 17.81
N TYR E 505 19.12 -4.54 17.66
CA TYR E 505 18.50 -4.52 16.35
C TYR E 505 18.60 -3.21 15.56
N VAL E 506 19.67 -2.45 15.75
CA VAL E 506 19.85 -1.21 15.01
C VAL E 506 20.89 -1.36 13.94
N TYR E 507 20.48 -1.22 12.69
CA TYR E 507 21.40 -1.34 11.55
C TYR E 507 22.03 0.00 11.20
N LYS E 508 21.28 1.09 11.33
CA LYS E 508 21.89 2.36 11.02
C LYS E 508 21.30 3.56 11.72
N ALA E 509 22.20 4.37 12.28
CA ALA E 509 21.83 5.59 12.98
C ALA E 509 22.60 6.68 12.25
N LEU E 510 21.94 7.80 11.99
CA LEU E 510 22.57 8.91 11.29
C LEU E 510 22.12 10.22 11.82
N GLY E 511 23.04 11.11 12.13
CA GLY E 511 22.61 12.37 12.66
C GLY E 511 23.15 13.58 11.95
N ILE E 512 22.29 14.57 11.72
CA ILE E 512 22.73 15.79 11.08
C ILE E 512 22.38 16.96 11.99
N VAL E 513 23.37 17.77 12.33
CA VAL E 513 23.09 18.90 13.20
C VAL E 513 23.42 20.18 12.51
N SER E 514 22.54 21.16 12.68
CA SER E 514 22.69 22.47 12.06
C SER E 514 22.68 23.55 13.11
N PRO E 515 23.83 23.87 13.70
CA PRO E 515 23.81 24.91 14.73
C PRO E 515 23.46 26.26 14.16
N ARG E 516 22.88 27.12 15.00
CA ARG E 516 22.51 28.46 14.60
C ARG E 516 22.30 29.26 15.88
N VAL E 517 22.71 30.52 15.88
CA VAL E 517 22.63 31.38 17.05
C VAL E 517 21.20 31.55 17.60
N LEU E 518 21.09 31.57 18.91
CA LEU E 518 19.81 31.67 19.59
C LEU E 518 19.60 32.90 20.44
N SER E 519 20.65 33.36 21.09
CA SER E 519 20.58 34.55 21.94
C SER E 519 21.99 35.03 22.23
N SER E 520 22.16 35.92 23.20
CA SER E 520 23.49 36.41 23.49
C SER E 520 23.91 36.35 24.94
N ARG E 521 25.21 36.19 25.16
CA ARG E 521 25.76 36.11 26.50
C ARG E 521 26.40 37.42 26.91
N THR E 522 26.40 38.34 26.05
#